data_4GX5
#
_entry.id   4GX5
#
_cell.length_a   234.976
_cell.length_b   108.364
_cell.length_c   165.787
_cell.angle_alpha   90.00
_cell.angle_beta   134.96
_cell.angle_gamma   90.00
#
_symmetry.space_group_name_H-M   'C 1 2 1'
#
loop_
_entity.id
_entity.type
_entity.pdbx_description
1 polymer 'TrkA domain protein'
2 non-polymer 'POTASSIUM ION'
3 non-polymer 'ZINC ION'
4 non-polymer 'CALCIUM ION'
#
_entity_poly.entity_id   1
_entity_poly.type   'polypeptide(L)'
_entity_poly.pdbx_seq_one_letter_code
;MQRGSAYFLRGRARQNLKVLLLYCAFLLVMLLAYASIFRYLMWHLEGRAYSFMAGIYWTITVMTTLGFGDITFESDAGYL
FASIVTVSGVIFLLIILPFGFVSMFLAPWIERRLRYHPTIELPDDTRGHILIFGIDPITRTLIRKLESRNHLFVVVTDNY
DQALHLEEQEGFKVVYGSPTDAHVLAGLRVAAARSIIANLSDPDNANLCLTVRSLCQTPIIAVVKEPVHGELLRLAGANQ
VVPLTRILGRYLGIRATTCGALAHILDSFGNLQIAELPVHGTPFAGKTIGESGIRQRTGLSIIGVWERGSLTTPQRETVL
TEQSLLVLAGTKSQLAALEYLIGEAPEDELIFIIGHGRIGCAAAAFLDRKPVPFILIDRQESPVCNDHVVVYGDATVGQT
LRQAGIDRASGIIVTTNDDSTNIFLTLACRHLHSHIRIVARANGEENVDQLYAAGADFVVSNASVGANILGNLLEHKESA
FLSEGMAVFRRPLPPAMAGKTIAETRLRPLTGCSIVAIEAPDRADILISPPPETILAEGARLILIGTSEQEKTFDQTIAA
RLVPR
;
_entity_poly.pdbx_strand_id   A,B,C,D
#
# COMPACT_ATOMS: atom_id res chain seq x y z
N GLN A 15 43.43 20.59 13.07
CA GLN A 15 42.62 20.01 14.13
C GLN A 15 43.31 18.79 14.71
N ASN A 16 43.49 17.78 13.86
CA ASN A 16 44.06 16.52 14.30
C ASN A 16 45.49 16.65 14.84
N LEU A 17 46.25 17.60 14.29
CA LEU A 17 47.60 17.86 14.76
C LEU A 17 47.60 18.51 16.13
N LYS A 18 46.66 19.43 16.35
CA LYS A 18 46.50 20.09 17.64
C LYS A 18 46.24 19.07 18.74
N VAL A 19 45.28 18.18 18.51
CA VAL A 19 44.97 17.12 19.46
C VAL A 19 46.23 16.29 19.77
N LEU A 20 47.12 16.17 18.79
CA LEU A 20 48.36 15.42 18.99
C LEU A 20 49.31 16.09 19.98
N LEU A 21 49.83 17.27 19.64
CA LEU A 21 50.84 17.89 20.49
C LEU A 21 50.24 18.59 21.71
N LEU A 22 48.91 18.63 21.80
CA LEU A 22 48.24 18.96 23.05
C LEU A 22 48.50 17.82 24.01
N TYR A 23 48.41 16.60 23.47
CA TYR A 23 48.62 15.40 24.25
C TYR A 23 50.11 15.20 24.57
N CYS A 24 50.97 15.79 23.75
CA CYS A 24 52.40 15.76 24.03
C CYS A 24 52.77 16.72 25.14
N ALA A 25 52.05 17.83 25.24
CA ALA A 25 52.25 18.79 26.32
C ALA A 25 51.86 18.16 27.66
N PHE A 26 50.78 17.38 27.64
CA PHE A 26 50.34 16.64 28.81
C PHE A 26 51.36 15.60 29.24
N LEU A 27 51.94 14.91 28.25
CA LEU A 27 52.93 13.88 28.51
C LEU A 27 54.20 14.46 29.15
N LEU A 28 54.67 15.58 28.61
CA LEU A 28 55.85 16.26 29.15
C LEU A 28 55.58 16.80 30.56
N VAL A 29 54.34 17.19 30.82
CA VAL A 29 53.92 17.60 32.16
C VAL A 29 53.96 16.40 33.09
N MET A 30 53.43 15.28 32.60
CA MET A 30 53.47 14.04 33.36
C MET A 30 54.91 13.65 33.68
N LEU A 31 55.79 13.83 32.70
CA LEU A 31 57.21 13.59 32.88
C LEU A 31 57.80 14.45 34.00
N LEU A 32 57.79 15.77 33.80
CA LEU A 32 58.40 16.70 34.77
C LEU A 32 57.79 16.59 36.16
N ALA A 33 56.51 16.23 36.23
CA ALA A 33 55.86 16.02 37.51
C ALA A 33 56.43 14.79 38.20
N TYR A 34 56.31 13.65 37.55
CA TYR A 34 56.83 12.38 38.08
C TYR A 34 58.30 12.42 38.49
N ALA A 35 59.14 13.00 37.61
CA ALA A 35 60.57 13.13 37.87
C ALA A 35 60.87 13.92 39.13
N SER A 36 59.88 14.71 39.58
CA SER A 36 60.08 15.51 40.78
C SER A 36 59.42 14.84 41.98
N ILE A 37 58.30 14.19 41.76
CA ILE A 37 57.69 13.38 42.81
C ILE A 37 58.66 12.30 43.24
N PHE A 38 59.35 11.73 42.25
CA PHE A 38 60.34 10.71 42.50
C PHE A 38 61.48 11.21 43.35
N ARG A 39 62.08 12.32 42.94
CA ARG A 39 63.19 12.91 43.66
C ARG A 39 62.77 13.31 45.07
N TYR A 40 61.50 13.64 45.22
CA TYR A 40 60.96 13.96 46.54
C TYR A 40 60.92 12.71 47.39
N LEU A 41 60.26 11.67 46.88
CA LEU A 41 60.13 10.41 47.60
C LEU A 41 61.48 9.81 47.99
N MET A 42 62.38 9.70 47.03
CA MET A 42 63.71 9.18 47.31
C MET A 42 64.33 9.88 48.50
N TRP A 43 64.09 11.18 48.60
CA TRP A 43 64.60 11.96 49.72
C TRP A 43 63.77 11.78 50.98
N HIS A 44 62.45 11.87 50.85
CA HIS A 44 61.58 11.83 52.02
C HIS A 44 61.18 10.42 52.43
N LEU A 45 61.47 9.43 51.60
CA LEU A 45 61.14 8.06 51.96
C LEU A 45 62.36 7.25 52.32
N GLU A 46 63.45 7.41 51.59
CA GLU A 46 64.59 6.53 51.78
C GLU A 46 65.91 7.27 52.02
N GLY A 47 65.88 8.58 51.90
CA GLY A 47 67.05 9.39 52.20
C GLY A 47 68.09 9.32 51.09
N ARG A 48 67.64 9.54 49.86
CA ARG A 48 68.53 9.56 48.70
C ARG A 48 68.31 10.83 47.89
N ALA A 49 69.31 11.70 47.89
CA ALA A 49 69.23 12.89 47.06
C ALA A 49 69.62 12.55 45.63
N TYR A 50 68.66 12.72 44.72
CA TYR A 50 68.91 12.46 43.30
C TYR A 50 68.92 13.76 42.50
N SER A 51 69.88 13.87 41.59
CA SER A 51 69.96 15.02 40.70
C SER A 51 68.71 15.07 39.86
N PHE A 52 68.38 16.24 39.32
CA PHE A 52 67.14 16.37 38.58
C PHE A 52 67.17 15.46 37.37
N MET A 53 68.27 15.47 36.64
CA MET A 53 68.39 14.63 35.46
C MET A 53 68.16 13.16 35.81
N ALA A 54 68.59 12.75 37.00
CA ALA A 54 68.34 11.39 37.44
C ALA A 54 66.84 11.12 37.53
N GLY A 55 66.09 12.12 37.97
CA GLY A 55 64.64 12.02 38.08
C GLY A 55 63.98 11.84 36.74
N ILE A 56 64.39 12.65 35.77
CA ILE A 56 63.93 12.53 34.39
C ILE A 56 64.33 11.15 33.86
N TYR A 57 65.63 10.86 33.93
CA TYR A 57 66.19 9.58 33.48
C TYR A 57 65.49 8.37 34.07
N TRP A 58 65.20 8.42 35.37
CA TRP A 58 64.42 7.37 36.00
C TRP A 58 63.03 7.30 35.40
N THR A 59 62.32 8.43 35.46
CA THR A 59 60.92 8.49 35.03
C THR A 59 60.77 8.02 33.60
N ILE A 60 61.70 8.44 32.75
CA ILE A 60 61.67 7.98 31.36
C ILE A 60 61.83 6.48 31.34
N THR A 61 62.85 6.00 32.06
CA THR A 61 63.21 4.58 32.09
C THR A 61 62.07 3.69 32.57
N VAL A 62 61.29 4.19 33.50
CA VAL A 62 60.15 3.44 34.01
C VAL A 62 59.00 3.42 33.01
N MET A 63 58.55 4.59 32.57
CA MET A 63 57.34 4.69 31.74
C MET A 63 57.52 4.01 30.40
N THR A 64 58.68 4.25 29.79
CA THR A 64 59.06 3.62 28.54
C THR A 64 59.26 2.09 28.69
N THR A 65 59.00 1.59 29.90
CA THR A 65 59.25 0.22 30.36
C THR A 65 60.64 -0.36 30.06
N LEU A 66 61.65 0.48 29.85
CA LEU A 66 63.01 -0.02 29.71
C LEU A 66 63.42 -0.79 30.97
N GLY A 67 63.33 -0.17 32.15
CA GLY A 67 63.60 -0.85 33.40
C GLY A 67 65.04 -1.23 33.77
N PHE A 68 66.03 -0.35 33.59
CA PHE A 68 67.41 -0.67 33.97
C PHE A 68 67.61 -1.30 35.35
N GLY A 69 66.85 -0.87 36.36
CA GLY A 69 66.98 -1.45 37.68
C GLY A 69 68.19 -0.98 38.50
N ASP A 70 68.88 0.02 37.98
CA ASP A 70 69.99 0.63 38.68
C ASP A 70 69.47 1.55 39.79
N ILE A 71 68.40 2.29 39.48
CA ILE A 71 67.73 3.15 40.46
C ILE A 71 66.35 2.57 40.82
N THR A 72 66.27 1.92 41.97
CA THR A 72 65.02 1.33 42.44
C THR A 72 64.72 1.80 43.84
N PHE A 73 63.46 1.66 44.25
CA PHE A 73 63.07 1.99 45.61
C PHE A 73 63.30 0.78 46.52
N GLU A 74 62.88 0.87 47.79
CA GLU A 74 62.97 -0.26 48.70
C GLU A 74 61.76 -0.31 49.63
N SER A 75 61.25 0.86 50.00
CA SER A 75 60.08 0.94 50.86
C SER A 75 58.85 0.55 50.05
N ASP A 76 57.83 0.03 50.74
CA ASP A 76 56.58 -0.33 50.08
C ASP A 76 55.98 0.89 49.38
N ALA A 77 56.16 2.05 50.00
CA ALA A 77 55.67 3.32 49.47
C ALA A 77 56.29 3.58 48.11
N GLY A 78 57.61 3.50 48.07
CA GLY A 78 58.34 3.60 46.83
C GLY A 78 57.87 2.57 45.81
N TYR A 79 57.47 1.39 46.28
CA TYR A 79 56.97 0.37 45.37
C TYR A 79 55.70 0.86 44.70
N LEU A 80 54.82 1.45 45.51
CA LEU A 80 53.53 1.95 45.02
C LEU A 80 53.70 3.00 43.92
N PHE A 81 54.46 4.05 44.22
CA PHE A 81 54.72 5.13 43.25
C PHE A 81 55.42 4.60 41.99
N ALA A 82 56.26 3.59 42.15
CA ALA A 82 56.88 2.96 40.99
C ALA A 82 55.85 2.19 40.16
N SER A 83 55.00 1.41 40.84
CA SER A 83 53.92 0.70 40.17
C SER A 83 53.03 1.67 39.40
N ILE A 84 52.74 2.81 40.02
CA ILE A 84 51.92 3.85 39.42
C ILE A 84 52.57 4.42 38.16
N VAL A 85 53.82 4.86 38.30
CA VAL A 85 54.52 5.43 37.17
C VAL A 85 54.65 4.40 36.06
N THR A 86 54.79 3.13 36.43
CA THR A 86 54.87 2.07 35.44
C THR A 86 53.62 1.97 34.57
N VAL A 87 52.45 1.90 35.20
CA VAL A 87 51.17 1.81 34.51
C VAL A 87 50.88 3.03 33.64
N SER A 88 51.16 4.21 34.22
CA SER A 88 51.04 5.48 33.52
C SER A 88 51.87 5.53 32.25
N GLY A 89 52.93 4.71 32.21
CA GLY A 89 53.72 4.57 31.00
C GLY A 89 52.98 3.69 30.01
N VAL A 90 52.34 2.65 30.52
CA VAL A 90 51.66 1.69 29.65
C VAL A 90 50.34 2.25 29.12
N ILE A 91 49.71 3.12 29.89
CA ILE A 91 48.46 3.75 29.47
C ILE A 91 48.70 4.90 28.48
N PHE A 92 49.76 5.68 28.71
CA PHE A 92 49.95 6.92 27.94
C PHE A 92 51.11 6.96 26.95
N LEU A 93 52.00 5.99 27.03
CA LEU A 93 53.09 5.90 26.08
C LEU A 93 52.95 4.62 25.29
N LEU A 94 52.12 3.73 25.80
CA LEU A 94 51.99 2.43 25.18
C LEU A 94 50.65 2.28 24.47
N ILE A 95 49.67 3.08 24.87
CA ILE A 95 48.36 2.97 24.27
C ILE A 95 48.02 4.20 23.44
N ILE A 96 47.94 5.34 24.11
CA ILE A 96 47.50 6.58 23.50
C ILE A 96 48.50 7.13 22.45
N LEU A 97 49.77 7.26 22.85
CA LEU A 97 50.79 7.82 21.95
C LEU A 97 51.05 7.01 20.67
N PRO A 98 51.02 5.67 20.76
CA PRO A 98 51.05 4.95 19.48
C PRO A 98 49.71 5.04 18.74
N PHE A 99 48.60 5.04 19.47
CA PHE A 99 47.29 5.24 18.86
C PHE A 99 47.23 6.59 18.13
N GLY A 100 47.55 7.65 18.86
CA GLY A 100 47.48 9.01 18.34
C GLY A 100 48.39 9.26 17.15
N PHE A 101 49.59 8.68 17.19
CA PHE A 101 50.49 8.79 16.03
C PHE A 101 49.85 8.04 14.86
N VAL A 102 49.26 6.88 15.13
CA VAL A 102 48.60 6.11 14.07
C VAL A 102 47.27 6.74 13.63
N SER A 103 46.46 7.19 14.58
CA SER A 103 45.13 7.71 14.28
C SER A 103 45.12 9.01 13.48
N MET A 104 46.12 9.85 13.69
CA MET A 104 46.16 11.14 13.01
C MET A 104 46.84 11.01 11.66
N PHE A 105 47.69 9.99 11.54
CA PHE A 105 48.40 9.75 10.30
C PHE A 105 47.71 8.73 9.39
N LEU A 106 47.24 7.63 9.98
CA LEU A 106 46.74 6.50 9.20
C LEU A 106 45.27 6.64 8.79
N ALA A 107 44.47 7.31 9.64
CA ALA A 107 43.07 7.57 9.34
C ALA A 107 42.81 8.32 8.02
N PRO A 108 43.51 9.45 7.79
CA PRO A 108 43.25 10.20 6.56
C PRO A 108 43.44 9.40 5.28
N TRP A 109 44.49 8.58 5.22
CA TRP A 109 44.80 7.80 4.03
C TRP A 109 43.73 6.76 3.77
N ILE A 110 43.19 6.18 4.85
CA ILE A 110 42.24 5.08 4.71
C ILE A 110 40.77 5.51 4.86
N GLU A 111 40.39 6.02 6.03
CA GLU A 111 39.01 6.46 6.30
C GLU A 111 38.38 7.28 5.18
N ARG A 112 39.19 8.13 4.56
CA ARG A 112 38.69 9.10 3.60
C ARG A 112 38.69 8.60 2.15
N ARG A 113 39.55 7.63 1.85
CA ARG A 113 39.52 6.96 0.56
C ARG A 113 38.53 5.81 0.61
N LEU A 114 38.45 5.19 1.78
CA LEU A 114 37.64 3.99 1.98
C LEU A 114 36.12 4.29 1.98
N ARG A 115 35.73 5.38 2.62
CA ARG A 115 34.32 5.82 2.61
C ARG A 115 34.23 7.34 2.75
N TYR A 116 33.31 7.95 2.00
CA TYR A 116 33.21 9.41 2.00
C TYR A 116 32.68 9.98 3.31
N HIS A 117 33.26 11.10 3.72
CA HIS A 117 32.83 11.84 4.91
C HIS A 117 32.34 13.22 4.48
N PRO A 118 31.32 13.26 3.61
CA PRO A 118 30.96 14.43 2.79
C PRO A 118 31.01 15.77 3.53
N THR A 119 31.81 16.70 3.02
CA THR A 119 31.94 18.03 3.60
C THR A 119 30.63 18.79 3.44
N ILE A 120 30.01 19.14 4.56
CA ILE A 120 28.64 19.63 4.58
C ILE A 120 28.56 21.13 4.86
N GLU A 121 29.68 21.73 5.22
CA GLU A 121 29.70 23.10 5.71
C GLU A 121 31.08 23.74 5.48
N LEU A 122 31.13 25.06 5.41
CA LEU A 122 32.41 25.78 5.30
C LEU A 122 32.80 26.38 6.65
N PRO A 123 34.12 26.54 6.89
CA PRO A 123 34.64 27.15 8.12
C PRO A 123 34.01 28.52 8.43
N ASP A 124 34.06 28.95 9.68
CA ASP A 124 33.50 30.25 10.06
C ASP A 124 34.14 31.39 9.27
N ASP A 125 35.46 31.36 9.18
CA ASP A 125 36.24 32.50 8.69
C ASP A 125 36.33 32.63 7.19
N THR A 126 35.82 31.64 6.45
CA THR A 126 36.04 31.58 5.00
C THR A 126 35.41 32.75 4.23
N ARG A 127 36.27 33.58 3.63
CA ARG A 127 35.82 34.71 2.82
C ARG A 127 36.59 34.76 1.50
N GLY A 128 36.02 35.43 0.50
CA GLY A 128 36.70 35.65 -0.77
C GLY A 128 36.58 34.52 -1.77
N HIS A 129 35.75 33.53 -1.45
CA HIS A 129 35.56 32.36 -2.30
C HIS A 129 34.58 32.59 -3.45
N ILE A 130 34.63 31.71 -4.45
CA ILE A 130 33.74 31.79 -5.61
C ILE A 130 32.86 30.54 -5.71
N LEU A 131 31.61 30.67 -5.29
CA LEU A 131 30.67 29.56 -5.24
C LEU A 131 30.25 29.10 -6.64
N ILE A 132 30.54 27.85 -6.95
CA ILE A 132 30.09 27.25 -8.20
C ILE A 132 28.88 26.36 -7.94
N PHE A 133 27.78 26.63 -8.62
CA PHE A 133 26.57 25.83 -8.48
C PHE A 133 26.19 25.20 -9.79
N GLY A 134 26.54 23.93 -9.96
CA GLY A 134 26.16 23.20 -11.16
C GLY A 134 27.35 22.94 -12.04
N ILE A 135 28.08 21.88 -11.71
CA ILE A 135 29.30 21.55 -12.41
C ILE A 135 29.05 20.89 -13.78
N ASP A 136 29.87 21.25 -14.75
CA ASP A 136 29.77 20.74 -16.11
C ASP A 136 31.03 21.18 -16.86
N PRO A 137 31.22 20.72 -18.12
CA PRO A 137 32.40 21.11 -18.90
C PRO A 137 32.78 22.59 -18.86
N ILE A 138 31.81 23.50 -18.87
CA ILE A 138 32.09 24.94 -18.86
C ILE A 138 32.77 25.37 -17.56
N THR A 139 32.04 25.16 -16.47
CA THR A 139 32.50 25.51 -15.14
C THR A 139 33.80 24.78 -14.79
N ARG A 140 33.89 23.50 -15.13
CA ARG A 140 35.10 22.73 -14.85
C ARG A 140 36.29 23.35 -15.56
N THR A 141 36.02 24.00 -16.69
CA THR A 141 37.05 24.66 -17.48
C THR A 141 37.31 26.08 -16.96
N LEU A 142 36.27 26.68 -16.39
CA LEU A 142 36.38 28.00 -15.78
C LEU A 142 37.23 27.90 -14.52
N ILE A 143 37.24 26.70 -13.93
CA ILE A 143 37.97 26.46 -12.70
C ILE A 143 39.44 26.20 -12.96
N ARG A 144 39.73 25.30 -13.89
CA ARG A 144 41.11 25.01 -14.23
C ARG A 144 41.82 26.25 -14.78
N LYS A 145 41.04 27.18 -15.32
CA LYS A 145 41.59 28.38 -15.92
C LYS A 145 41.83 29.50 -14.91
N LEU A 146 40.91 29.68 -13.97
CA LEU A 146 41.05 30.75 -12.99
C LEU A 146 41.55 30.30 -11.62
N GLU A 147 42.14 29.10 -11.56
CA GLU A 147 42.86 28.71 -10.36
C GLU A 147 44.34 28.98 -10.62
N SER A 148 44.58 29.65 -11.75
CA SER A 148 45.90 30.17 -12.10
C SER A 148 46.10 31.53 -11.44
N ARG A 149 45.13 31.93 -10.62
CA ARG A 149 45.25 33.10 -9.76
C ARG A 149 44.94 32.64 -8.34
N ASN A 150 44.79 31.32 -8.22
CA ASN A 150 44.53 30.61 -6.98
C ASN A 150 43.34 31.15 -6.17
N HIS A 151 42.25 31.46 -6.87
CA HIS A 151 41.00 31.80 -6.21
C HIS A 151 40.46 30.54 -5.54
N LEU A 152 39.73 30.72 -4.45
CA LEU A 152 39.14 29.60 -3.75
C LEU A 152 37.84 29.19 -4.42
N PHE A 153 37.91 28.21 -5.30
CA PHE A 153 36.71 27.71 -5.97
C PHE A 153 36.07 26.58 -5.14
N VAL A 154 34.79 26.79 -4.83
CA VAL A 154 34.01 25.82 -4.07
C VAL A 154 32.79 25.42 -4.89
N VAL A 155 32.72 24.14 -5.28
CA VAL A 155 31.54 23.66 -5.99
C VAL A 155 30.57 22.95 -5.03
N VAL A 156 29.29 22.99 -5.40
CA VAL A 156 28.24 22.47 -4.54
C VAL A 156 27.37 21.50 -5.33
N THR A 157 26.96 20.40 -4.68
CA THR A 157 26.05 19.45 -5.31
C THR A 157 25.15 18.73 -4.31
N ASP A 158 23.93 18.43 -4.74
CA ASP A 158 23.00 17.66 -3.93
C ASP A 158 23.14 16.17 -4.26
N ASN A 159 24.03 15.89 -5.21
CA ASN A 159 24.27 14.54 -5.68
C ASN A 159 25.43 13.89 -4.94
N TYR A 160 25.13 12.90 -4.10
CA TYR A 160 26.15 12.27 -3.28
C TYR A 160 27.27 11.64 -4.12
N ASP A 161 26.87 10.83 -5.10
CA ASP A 161 27.84 10.12 -5.94
C ASP A 161 28.68 11.06 -6.80
N GLN A 162 28.20 12.28 -6.99
CA GLN A 162 28.95 13.25 -7.79
C GLN A 162 29.94 14.01 -6.92
N ALA A 163 29.59 14.17 -5.65
CA ALA A 163 30.50 14.79 -4.69
C ALA A 163 31.71 13.90 -4.48
N LEU A 164 31.51 12.59 -4.59
CA LEU A 164 32.60 11.63 -4.51
C LEU A 164 33.65 11.88 -5.58
N HIS A 165 33.20 11.88 -6.83
CA HIS A 165 34.10 12.11 -7.97
C HIS A 165 34.88 13.40 -7.86
N LEU A 166 34.19 14.48 -7.52
CA LEU A 166 34.80 15.80 -7.53
C LEU A 166 35.71 16.02 -6.32
N GLU A 167 35.59 15.16 -5.31
CA GLU A 167 36.41 15.27 -4.11
C GLU A 167 37.75 14.58 -4.30
N GLU A 168 37.75 13.43 -4.97
CA GLU A 168 38.98 12.69 -5.24
C GLU A 168 39.85 13.40 -6.28
N GLN A 169 39.21 14.05 -7.25
CA GLN A 169 39.93 14.84 -8.26
C GLN A 169 39.70 16.34 -8.10
N GLU A 170 40.59 17.02 -7.40
CA GLU A 170 40.37 18.44 -7.13
C GLU A 170 41.63 19.31 -7.04
N GLY A 171 41.41 20.53 -6.56
CA GLY A 171 41.86 21.74 -7.21
C GLY A 171 40.73 22.72 -6.92
N PHE A 172 39.70 22.18 -6.25
CA PHE A 172 38.54 22.92 -5.77
C PHE A 172 37.85 22.08 -4.70
N LYS A 173 37.51 22.69 -3.56
CA LYS A 173 36.83 21.97 -2.48
C LYS A 173 35.37 21.74 -2.86
N VAL A 174 34.82 20.60 -2.43
CA VAL A 174 33.45 20.24 -2.79
C VAL A 174 32.54 20.14 -1.57
N VAL A 175 31.35 20.73 -1.68
CA VAL A 175 30.36 20.65 -0.61
C VAL A 175 29.12 19.90 -1.08
N TYR A 176 28.56 19.08 -0.19
CA TYR A 176 27.40 18.27 -0.51
C TYR A 176 26.15 18.79 0.20
N GLY A 177 25.19 19.30 -0.58
CA GLY A 177 23.94 19.80 -0.03
C GLY A 177 23.02 20.47 -1.01
N SER A 178 21.76 20.65 -0.61
CA SER A 178 20.77 21.34 -1.41
C SER A 178 21.17 22.81 -1.56
N PRO A 179 21.36 23.26 -2.81
CA PRO A 179 21.79 24.64 -3.09
C PRO A 179 20.65 25.62 -2.83
N THR A 180 19.43 25.11 -2.65
CA THR A 180 18.29 25.96 -2.38
C THR A 180 18.01 26.09 -0.88
N ASP A 181 18.31 25.05 -0.11
CA ASP A 181 18.15 25.08 1.35
C ASP A 181 18.99 26.22 1.93
N ALA A 182 18.31 27.20 2.53
CA ALA A 182 18.96 28.39 3.08
C ALA A 182 20.02 28.06 4.13
N HIS A 183 19.74 27.08 4.98
CA HIS A 183 20.68 26.65 6.01
C HIS A 183 21.98 26.17 5.38
N VAL A 184 21.87 25.51 4.24
CA VAL A 184 23.04 25.07 3.51
C VAL A 184 23.87 26.26 3.05
N LEU A 185 23.19 27.22 2.42
CA LEU A 185 23.84 28.44 1.94
C LEU A 185 24.45 29.25 3.10
N ALA A 186 23.90 29.11 4.30
CA ALA A 186 24.41 29.82 5.46
C ALA A 186 25.75 29.25 5.90
N GLY A 187 25.89 27.93 5.76
CA GLY A 187 27.13 27.26 6.11
C GLY A 187 28.21 27.53 5.09
N LEU A 188 27.78 27.89 3.88
CA LEU A 188 28.70 28.21 2.79
C LEU A 188 29.22 29.65 2.87
N ARG A 189 28.81 30.35 3.93
CA ARG A 189 29.25 31.72 4.17
C ARG A 189 29.05 32.60 2.93
N VAL A 190 27.88 32.47 2.30
CA VAL A 190 27.57 33.17 1.07
C VAL A 190 27.69 34.69 1.20
N ALA A 191 27.51 35.20 2.42
CA ALA A 191 27.60 36.63 2.66
C ALA A 191 29.01 37.13 2.38
N ALA A 192 29.99 36.37 2.83
CA ALA A 192 31.39 36.73 2.72
C ALA A 192 31.98 36.31 1.38
N ALA A 193 31.12 35.78 0.50
CA ALA A 193 31.55 35.31 -0.81
C ALA A 193 31.93 36.44 -1.74
N ARG A 194 32.77 36.13 -2.72
CA ARG A 194 33.22 37.12 -3.68
C ARG A 194 32.29 37.13 -4.89
N SER A 195 31.76 35.97 -5.25
CA SER A 195 30.87 35.82 -6.38
C SER A 195 30.25 34.43 -6.45
N ILE A 196 29.03 34.36 -6.97
CA ILE A 196 28.30 33.10 -7.08
C ILE A 196 27.88 32.77 -8.51
N ILE A 197 28.24 31.59 -8.98
CA ILE A 197 27.89 31.15 -10.34
C ILE A 197 26.74 30.16 -10.34
N ALA A 198 25.56 30.64 -10.74
CA ALA A 198 24.33 29.84 -10.77
C ALA A 198 24.16 29.16 -12.11
N ASN A 199 24.72 27.97 -12.22
CA ASN A 199 24.67 27.21 -13.45
C ASN A 199 23.82 25.95 -13.28
N LEU A 200 22.57 26.15 -12.86
CA LEU A 200 21.61 25.08 -12.68
C LEU A 200 20.48 25.23 -13.71
N SER A 201 19.39 24.51 -13.51
CA SER A 201 18.22 24.70 -14.35
C SER A 201 17.65 26.07 -14.07
N ASP A 202 16.81 26.57 -14.96
CA ASP A 202 16.22 27.89 -14.75
C ASP A 202 15.36 28.01 -13.46
N PRO A 203 14.49 27.01 -13.18
CA PRO A 203 13.75 27.03 -11.90
C PRO A 203 14.65 26.89 -10.67
N ASP A 204 15.73 26.13 -10.79
CA ASP A 204 16.66 25.99 -9.70
C ASP A 204 17.47 27.27 -9.53
N ASN A 205 17.88 27.84 -10.66
CA ASN A 205 18.58 29.11 -10.63
C ASN A 205 17.73 30.20 -9.98
N ALA A 206 16.45 30.19 -10.29
CA ALA A 206 15.50 31.14 -9.69
C ALA A 206 15.43 30.93 -8.19
N ASN A 207 15.24 29.67 -7.79
CA ASN A 207 15.22 29.30 -6.38
C ASN A 207 16.52 29.73 -5.72
N LEU A 208 17.64 29.43 -6.38
CA LEU A 208 18.96 29.74 -5.83
C LEU A 208 19.13 31.22 -5.53
N CYS A 209 18.75 32.07 -6.47
CA CYS A 209 18.89 33.51 -6.32
C CYS A 209 18.00 34.09 -5.24
N LEU A 210 16.72 33.74 -5.29
CA LEU A 210 15.77 34.24 -4.31
C LEU A 210 16.22 33.89 -2.90
N THR A 211 16.92 32.77 -2.79
CA THR A 211 17.40 32.30 -1.50
C THR A 211 18.68 33.03 -1.04
N VAL A 212 19.58 33.31 -1.98
CA VAL A 212 20.79 34.06 -1.67
C VAL A 212 20.48 35.53 -1.38
N ARG A 213 19.55 36.11 -2.14
CA ARG A 213 19.07 37.46 -1.88
C ARG A 213 18.38 37.58 -0.52
N SER A 214 18.07 36.44 0.09
CA SER A 214 17.44 36.41 1.40
C SER A 214 18.50 36.40 2.50
N LEU A 215 19.72 36.03 2.15
CA LEU A 215 20.79 35.95 3.13
C LEU A 215 21.80 37.09 3.00
N CYS A 216 22.04 37.51 1.76
CA CYS A 216 23.02 38.55 1.48
C CYS A 216 22.70 39.23 0.16
N GLN A 217 23.68 39.94 -0.39
CA GLN A 217 23.50 40.61 -1.68
C GLN A 217 24.64 40.27 -2.63
N THR A 218 25.42 39.27 -2.24
CA THR A 218 26.56 38.79 -3.02
C THR A 218 26.25 38.62 -4.51
N PRO A 219 27.12 39.13 -5.38
CA PRO A 219 26.96 39.07 -6.84
C PRO A 219 26.76 37.64 -7.37
N ILE A 220 25.75 37.48 -8.22
CA ILE A 220 25.36 36.19 -8.76
C ILE A 220 25.31 36.24 -10.30
N ILE A 221 26.19 35.45 -10.92
CA ILE A 221 26.21 35.32 -12.37
C ILE A 221 25.48 34.05 -12.77
N ALA A 222 24.24 34.18 -13.23
CA ALA A 222 23.43 33.03 -13.61
C ALA A 222 23.58 32.69 -15.10
N VAL A 223 23.88 31.43 -15.39
CA VAL A 223 23.91 30.96 -16.78
C VAL A 223 22.52 30.41 -17.12
N VAL A 224 21.80 31.19 -17.94
CA VAL A 224 20.42 30.86 -18.28
C VAL A 224 20.35 29.99 -19.55
N LYS A 225 19.50 28.98 -19.50
CA LYS A 225 19.36 28.06 -20.62
C LYS A 225 18.51 28.72 -21.69
N GLU A 226 17.22 28.90 -21.40
CA GLU A 226 16.32 29.53 -22.35
C GLU A 226 16.33 31.05 -22.18
N PRO A 227 16.85 31.77 -23.18
CA PRO A 227 17.08 33.22 -23.20
C PRO A 227 15.88 34.08 -22.81
N VAL A 228 14.68 33.53 -22.90
CA VAL A 228 13.47 34.26 -22.53
C VAL A 228 13.41 34.42 -21.01
N HIS A 229 14.02 33.48 -20.32
CA HIS A 229 14.03 33.48 -18.85
C HIS A 229 15.09 34.42 -18.33
N GLY A 230 15.66 35.23 -19.20
CA GLY A 230 16.75 36.11 -18.83
C GLY A 230 16.36 37.19 -17.84
N GLU A 231 15.25 37.86 -18.12
CA GLU A 231 14.78 38.96 -17.28
C GLU A 231 14.17 38.40 -16.00
N LEU A 232 13.72 37.15 -16.06
CA LEU A 232 13.17 36.47 -14.90
C LEU A 232 14.21 36.13 -13.83
N LEU A 233 15.46 35.99 -14.25
CA LEU A 233 16.54 35.65 -13.33
C LEU A 233 17.19 36.89 -12.72
N ARG A 234 17.29 37.98 -13.49
CA ARG A 234 17.67 39.27 -12.94
C ARG A 234 16.63 39.60 -11.88
N LEU A 235 15.39 39.19 -12.16
CA LEU A 235 14.27 39.41 -11.25
C LEU A 235 14.43 38.57 -9.99
N ALA A 236 15.03 37.40 -10.13
CA ALA A 236 15.28 36.53 -8.98
C ALA A 236 16.44 37.06 -8.13
N GLY A 237 17.16 38.03 -8.67
CA GLY A 237 18.23 38.70 -7.94
C GLY A 237 19.53 38.80 -8.71
N ALA A 238 19.75 37.85 -9.65
CA ALA A 238 21.01 37.71 -10.37
C ALA A 238 21.54 39.03 -10.95
N ASN A 239 22.80 39.32 -10.69
CA ASN A 239 23.37 40.61 -11.09
C ASN A 239 23.66 40.66 -12.57
N GLN A 240 23.95 39.49 -13.13
CA GLN A 240 24.23 39.39 -14.54
C GLN A 240 23.75 38.04 -15.04
N VAL A 241 23.25 38.02 -16.26
CA VAL A 241 22.69 36.82 -16.85
C VAL A 241 23.39 36.48 -18.18
N VAL A 242 23.83 35.23 -18.32
CA VAL A 242 24.54 34.79 -19.53
C VAL A 242 23.78 33.67 -20.25
N PRO A 243 23.18 33.98 -21.42
CA PRO A 243 22.41 33.00 -22.19
C PRO A 243 23.31 32.15 -23.08
N LEU A 244 24.16 31.33 -22.46
CA LEU A 244 25.23 30.59 -23.15
C LEU A 244 24.81 29.77 -24.37
N THR A 245 23.67 29.09 -24.29
CA THR A 245 23.23 28.22 -25.37
C THR A 245 22.91 29.07 -26.61
N ARG A 246 22.26 30.21 -26.40
CA ARG A 246 21.95 31.14 -27.50
C ARG A 246 23.20 31.68 -28.17
N ILE A 247 24.19 32.00 -27.35
CA ILE A 247 25.46 32.57 -27.81
C ILE A 247 26.26 31.61 -28.68
N LEU A 248 26.37 30.36 -28.22
CA LEU A 248 27.08 29.35 -28.97
C LEU A 248 26.40 29.06 -30.31
N GLY A 249 25.08 29.19 -30.34
CA GLY A 249 24.34 29.05 -31.59
C GLY A 249 24.71 30.16 -32.56
N ARG A 250 24.82 31.36 -32.03
CA ARG A 250 25.25 32.51 -32.80
C ARG A 250 26.61 32.23 -33.43
N TYR A 251 27.58 31.88 -32.59
CA TYR A 251 28.95 31.64 -33.04
C TYR A 251 29.02 30.60 -34.14
N LEU A 252 28.07 29.68 -34.14
CA LEU A 252 27.96 28.64 -35.17
C LEU A 252 27.38 29.18 -36.48
N GLY A 253 26.31 29.96 -36.37
CA GLY A 253 25.69 30.54 -37.55
C GLY A 253 26.57 31.54 -38.27
N ILE A 254 27.39 32.26 -37.51
CA ILE A 254 28.31 33.24 -38.09
C ILE A 254 29.44 32.52 -38.82
N ARG A 255 29.87 31.40 -38.28
CA ARG A 255 30.99 30.66 -38.84
C ARG A 255 30.60 29.87 -40.08
N ALA A 256 29.30 29.66 -40.27
CA ALA A 256 28.81 28.83 -41.37
C ALA A 256 28.50 29.61 -42.66
N THR A 257 28.09 30.86 -42.53
CA THR A 257 27.98 31.75 -43.68
C THR A 257 29.40 32.17 -43.97
N THR A 258 30.12 32.48 -42.89
CA THR A 258 31.53 32.86 -42.99
C THR A 258 32.24 32.85 -41.63
N GLU A 347 23.16 32.97 -55.69
CA GLU A 347 23.29 32.77 -54.26
C GLU A 347 23.51 31.30 -53.95
N ASP A 348 22.47 30.54 -54.28
CA ASP A 348 22.26 29.16 -53.85
C ASP A 348 22.93 28.84 -52.52
N GLU A 349 22.53 29.55 -51.45
CA GLU A 349 23.04 29.24 -50.13
C GLU A 349 22.07 28.28 -49.45
N LEU A 350 22.61 27.28 -48.76
CA LEU A 350 21.81 26.26 -48.09
C LEU A 350 22.63 25.54 -47.01
N ILE A 351 22.29 25.79 -45.75
CA ILE A 351 23.09 25.29 -44.62
C ILE A 351 22.41 24.16 -43.86
N PHE A 352 23.01 22.98 -43.85
CA PHE A 352 22.53 21.90 -43.00
C PHE A 352 22.94 22.11 -41.55
N ILE A 353 21.97 22.10 -40.66
CA ILE A 353 22.28 22.13 -39.24
C ILE A 353 21.90 20.78 -38.63
N ILE A 354 22.92 19.97 -38.38
CA ILE A 354 22.72 18.62 -37.86
C ILE A 354 22.74 18.66 -36.34
N GLY A 355 21.56 18.58 -35.73
CA GLY A 355 21.43 18.68 -34.29
C GLY A 355 20.52 19.80 -33.88
N HIS A 356 19.41 19.44 -33.22
CA HIS A 356 18.39 20.40 -32.86
C HIS A 356 18.32 20.61 -31.35
N GLY A 357 19.49 20.77 -30.73
CA GLY A 357 19.55 21.07 -29.31
C GLY A 357 19.08 22.48 -29.07
N ARG A 358 19.47 23.07 -27.94
CA ARG A 358 19.16 24.47 -27.73
C ARG A 358 20.09 25.32 -28.59
N ILE A 359 21.25 24.76 -28.91
CA ILE A 359 22.27 25.47 -29.68
C ILE A 359 21.98 25.44 -31.18
N GLY A 360 21.79 24.24 -31.74
CA GLY A 360 21.42 24.11 -33.13
C GLY A 360 20.15 24.88 -33.47
N CYS A 361 19.25 24.92 -32.50
CA CYS A 361 18.02 25.70 -32.60
C CYS A 361 18.33 27.19 -32.50
N ALA A 362 19.27 27.55 -31.63
CA ALA A 362 19.71 28.92 -31.50
C ALA A 362 20.39 29.37 -32.79
N ALA A 363 21.20 28.48 -33.36
CA ALA A 363 21.93 28.78 -34.58
C ALA A 363 20.95 28.94 -35.73
N ALA A 364 19.91 28.12 -35.73
CA ALA A 364 18.89 28.20 -36.78
C ALA A 364 18.05 29.47 -36.60
N ALA A 365 17.86 29.88 -35.35
CA ALA A 365 17.18 31.13 -35.07
C ALA A 365 18.04 32.30 -35.55
N PHE A 366 19.36 32.12 -35.48
CA PHE A 366 20.30 33.14 -35.93
C PHE A 366 20.32 33.27 -37.45
N LEU A 367 20.40 32.14 -38.15
CA LEU A 367 20.41 32.13 -39.61
C LEU A 367 19.06 32.56 -40.17
N ASP A 368 18.08 32.68 -39.27
CA ASP A 368 16.78 33.21 -39.62
C ASP A 368 16.83 34.73 -39.60
N ARG A 369 17.50 35.26 -38.58
CA ARG A 369 17.56 36.71 -38.35
C ARG A 369 18.16 37.44 -39.55
N LYS A 370 19.21 36.85 -40.14
CA LYS A 370 19.72 37.32 -41.42
C LYS A 370 19.50 36.24 -42.49
N PRO A 371 18.28 36.19 -43.04
CA PRO A 371 17.71 35.16 -43.92
C PRO A 371 18.68 34.33 -44.77
N VAL A 372 19.07 33.17 -44.25
CA VAL A 372 19.78 32.15 -45.02
C VAL A 372 19.05 30.83 -44.81
N PRO A 373 18.59 30.20 -45.91
CA PRO A 373 17.80 28.97 -45.80
C PRO A 373 18.63 27.77 -45.34
N PHE A 374 18.06 27.00 -44.42
CA PHE A 374 18.76 25.89 -43.81
C PHE A 374 17.85 24.68 -43.61
N ILE A 375 18.46 23.55 -43.29
CA ILE A 375 17.71 22.35 -42.94
C ILE A 375 18.10 21.85 -41.56
N LEU A 376 17.12 21.78 -40.66
CA LEU A 376 17.35 21.24 -39.33
C LEU A 376 17.13 19.74 -39.34
N ILE A 377 18.18 18.98 -39.07
CA ILE A 377 18.08 17.53 -39.04
C ILE A 377 18.25 17.00 -37.61
N ASP A 378 17.35 16.12 -37.17
CA ASP A 378 17.50 15.48 -35.86
C ASP A 378 16.84 14.09 -35.80
N ARG A 379 16.80 13.48 -34.62
CA ARG A 379 16.17 12.15 -34.48
C ARG A 379 14.77 12.26 -33.89
N GLN A 380 14.65 12.93 -32.75
CA GLN A 380 13.34 13.14 -32.13
C GLN A 380 12.98 14.63 -32.20
N GLU A 381 11.74 14.96 -31.88
CA GLU A 381 11.34 16.36 -31.91
C GLU A 381 11.80 17.06 -30.65
N SER A 382 12.14 18.34 -30.80
CA SER A 382 12.64 19.14 -29.70
C SER A 382 11.55 19.37 -28.68
N PRO A 383 11.81 19.01 -27.42
CA PRO A 383 10.84 19.23 -26.34
C PRO A 383 10.61 20.72 -26.07
N VAL A 384 11.47 21.59 -26.62
CA VAL A 384 11.38 23.02 -26.33
C VAL A 384 10.85 23.88 -27.48
N CYS A 385 11.11 23.48 -28.72
CA CYS A 385 10.80 24.33 -29.86
C CYS A 385 9.63 23.87 -30.71
N ASN A 386 8.66 24.76 -30.90
CA ASN A 386 7.52 24.49 -31.76
C ASN A 386 7.50 25.40 -32.98
N ASP A 387 8.58 26.16 -33.15
CA ASP A 387 8.65 27.14 -34.23
C ASP A 387 9.69 26.79 -35.30
N HIS A 388 10.38 25.67 -35.14
CA HIS A 388 11.33 25.21 -36.15
C HIS A 388 10.89 23.88 -36.78
N VAL A 389 10.75 23.86 -38.10
CA VAL A 389 10.43 22.63 -38.79
C VAL A 389 11.70 21.79 -38.90
N VAL A 390 11.60 20.52 -38.51
CA VAL A 390 12.77 19.64 -38.46
C VAL A 390 12.61 18.44 -39.39
N VAL A 391 13.67 18.07 -40.08
CA VAL A 391 13.71 16.83 -40.84
C VAL A 391 14.12 15.72 -39.90
N TYR A 392 13.23 14.76 -39.68
CA TYR A 392 13.47 13.72 -38.69
C TYR A 392 14.09 12.48 -39.33
N GLY A 393 15.13 11.95 -38.68
CA GLY A 393 15.83 10.79 -39.19
C GLY A 393 17.26 10.72 -38.68
N ASP A 394 17.73 9.51 -38.41
CA ASP A 394 19.09 9.29 -37.90
C ASP A 394 20.13 9.63 -38.97
N ALA A 395 21.00 10.60 -38.68
CA ALA A 395 22.01 11.04 -39.64
C ALA A 395 23.17 10.06 -39.79
N THR A 396 23.42 9.27 -38.74
CA THR A 396 24.46 8.24 -38.75
C THR A 396 24.13 7.10 -39.72
N VAL A 397 22.85 6.76 -39.83
CA VAL A 397 22.40 5.62 -40.63
C VAL A 397 22.16 5.95 -42.10
N GLY A 398 23.16 5.67 -42.94
CA GLY A 398 23.01 5.69 -44.38
C GLY A 398 22.61 6.98 -45.09
N GLN A 399 21.76 6.82 -46.10
CA GLN A 399 21.41 7.88 -47.04
C GLN A 399 20.55 9.00 -46.46
N THR A 400 20.56 9.17 -45.15
CA THR A 400 19.67 10.15 -44.50
C THR A 400 20.00 11.59 -44.91
N LEU A 401 21.28 11.93 -44.91
CA LEU A 401 21.70 13.27 -45.29
C LEU A 401 21.53 13.51 -46.79
N ARG A 402 21.80 12.49 -47.60
CA ARG A 402 21.68 12.62 -49.04
C ARG A 402 20.22 12.66 -49.52
N GLN A 403 19.31 12.06 -48.76
CA GLN A 403 17.89 12.06 -49.12
C GLN A 403 17.30 13.44 -48.86
N ALA A 404 17.94 14.16 -47.93
CA ALA A 404 17.63 15.56 -47.65
C ALA A 404 18.34 16.45 -48.67
N GLY A 405 19.36 15.90 -49.31
CA GLY A 405 20.09 16.60 -50.35
C GLY A 405 21.28 17.40 -49.83
N ILE A 406 22.22 16.70 -49.20
CA ILE A 406 23.42 17.32 -48.65
C ILE A 406 24.34 17.78 -49.78
N ASP A 407 23.90 17.53 -51.00
CA ASP A 407 24.69 17.80 -52.19
C ASP A 407 24.62 19.27 -52.61
N ARG A 408 23.43 19.87 -52.53
CA ARG A 408 23.27 21.27 -52.92
C ARG A 408 23.45 22.20 -51.72
N ALA A 409 24.11 21.70 -50.68
CA ALA A 409 24.32 22.45 -49.46
C ALA A 409 25.61 23.26 -49.52
N SER A 410 25.58 24.45 -48.95
CA SER A 410 26.75 25.33 -48.96
C SER A 410 27.43 25.34 -47.59
N GLY A 411 26.87 24.59 -46.65
CA GLY A 411 27.41 24.57 -45.31
C GLY A 411 26.76 23.54 -44.42
N ILE A 412 27.58 22.83 -43.66
CA ILE A 412 27.09 21.89 -42.66
C ILE A 412 27.51 22.39 -41.30
N ILE A 413 26.55 22.53 -40.38
CA ILE A 413 26.84 22.83 -39.00
C ILE A 413 26.58 21.57 -38.21
N VAL A 414 27.63 20.92 -37.71
CA VAL A 414 27.45 19.69 -36.94
C VAL A 414 27.31 20.01 -35.44
N THR A 415 26.10 19.86 -34.89
CA THR A 415 25.79 20.26 -33.50
C THR A 415 25.12 19.14 -32.67
N THR A 416 25.86 18.08 -32.40
CA THR A 416 25.40 17.00 -31.52
C THR A 416 25.99 17.28 -30.14
N ASN A 417 25.35 16.78 -29.09
CA ASN A 417 25.90 16.94 -27.75
C ASN A 417 26.92 15.85 -27.42
N ASP A 418 27.23 15.03 -28.41
CA ASP A 418 28.32 14.07 -28.29
C ASP A 418 29.44 14.40 -29.27
N ASP A 419 30.64 14.62 -28.73
CA ASP A 419 31.79 14.98 -29.54
C ASP A 419 32.23 13.85 -30.47
N SER A 420 32.24 12.62 -29.97
CA SER A 420 32.60 11.47 -30.79
C SER A 420 31.71 11.32 -32.01
N THR A 421 30.47 11.76 -31.90
CA THR A 421 29.53 11.66 -33.01
C THR A 421 29.79 12.81 -33.96
N ASN A 422 29.93 14.01 -33.40
CA ASN A 422 30.34 15.17 -34.16
C ASN A 422 31.56 14.92 -35.03
N ILE A 423 32.61 14.39 -34.41
CA ILE A 423 33.80 13.96 -35.12
C ILE A 423 33.44 13.03 -36.28
N PHE A 424 32.62 12.02 -36.00
CA PHE A 424 32.30 11.00 -36.98
C PHE A 424 31.45 11.53 -38.12
N LEU A 425 30.78 12.66 -37.89
CA LEU A 425 29.99 13.30 -38.94
C LEU A 425 30.87 14.19 -39.78
N THR A 426 31.57 15.09 -39.10
CA THR A 426 32.60 15.92 -39.72
C THR A 426 33.53 15.06 -40.56
N LEU A 427 33.91 13.91 -40.03
CA LEU A 427 34.73 12.96 -40.76
C LEU A 427 33.97 12.41 -41.97
N ALA A 428 32.67 12.23 -41.81
CA ALA A 428 31.85 11.63 -42.87
C ALA A 428 31.51 12.64 -43.94
N CYS A 429 31.25 13.88 -43.52
CA CYS A 429 30.91 14.94 -44.46
C CYS A 429 32.11 15.33 -45.30
N ARG A 430 33.20 15.69 -44.64
CA ARG A 430 34.43 16.10 -45.31
C ARG A 430 34.94 15.06 -46.32
N HIS A 431 34.76 13.79 -46.01
CA HIS A 431 35.00 12.71 -46.96
C HIS A 431 34.09 12.92 -48.16
N LEU A 432 32.80 13.18 -47.88
CA LEU A 432 31.79 13.27 -48.93
C LEU A 432 31.83 14.58 -49.73
N HIS A 433 32.50 15.59 -49.20
CA HIS A 433 32.52 16.89 -49.84
C HIS A 433 33.65 17.74 -49.29
N SER A 434 34.73 17.82 -50.05
CA SER A 434 35.96 18.41 -49.56
C SER A 434 35.91 19.92 -49.44
N HIS A 435 35.11 20.57 -50.27
CA HIS A 435 35.21 22.02 -50.38
C HIS A 435 34.18 22.80 -49.55
N ILE A 436 33.19 22.10 -48.98
CA ILE A 436 32.12 22.81 -48.27
C ILE A 436 32.44 23.17 -46.82
N ARG A 437 31.93 24.32 -46.40
CA ARG A 437 32.20 24.86 -45.08
C ARG A 437 31.55 24.04 -43.97
N ILE A 438 32.38 23.36 -43.17
CA ILE A 438 31.87 22.54 -42.07
C ILE A 438 32.24 23.16 -40.72
N VAL A 439 31.23 23.61 -39.99
CA VAL A 439 31.42 24.10 -38.63
C VAL A 439 30.94 23.09 -37.58
N ALA A 440 31.83 22.66 -36.70
CA ALA A 440 31.44 21.71 -35.67
C ALA A 440 31.43 22.35 -34.30
N ARG A 441 30.92 21.61 -33.32
CA ARG A 441 30.81 22.07 -31.95
C ARG A 441 31.46 21.08 -31.01
N ALA A 442 32.30 21.58 -30.11
CA ALA A 442 33.05 20.73 -29.20
C ALA A 442 32.65 20.98 -27.75
N ASN A 443 31.85 20.08 -27.19
CA ASN A 443 31.42 20.16 -25.80
C ASN A 443 32.64 20.20 -24.90
N GLY A 444 33.31 19.06 -24.80
CA GLY A 444 34.57 18.98 -24.10
C GLY A 444 35.67 19.48 -25.01
N GLU A 445 36.56 20.31 -24.46
CA GLU A 445 37.61 20.92 -25.26
C GLU A 445 38.75 19.94 -25.53
N GLU A 446 38.63 18.73 -25.03
CA GLU A 446 39.62 17.69 -25.32
C GLU A 446 39.46 17.19 -26.76
N ASN A 447 38.26 17.35 -27.31
CA ASN A 447 37.92 16.90 -28.66
C ASN A 447 38.02 17.95 -29.77
N VAL A 448 38.37 19.19 -29.41
CA VAL A 448 38.51 20.28 -30.39
C VAL A 448 39.49 19.95 -31.52
N ASP A 449 40.66 19.45 -31.13
CA ASP A 449 41.73 19.17 -32.08
C ASP A 449 41.30 18.11 -33.08
N GLN A 450 40.41 17.23 -32.65
CA GLN A 450 40.01 16.09 -33.47
C GLN A 450 38.93 16.45 -34.47
N LEU A 451 38.14 17.49 -34.16
CA LEU A 451 37.12 17.96 -35.10
C LEU A 451 37.80 18.66 -36.27
N TYR A 452 38.86 19.41 -35.95
CA TYR A 452 39.68 20.00 -36.97
C TYR A 452 40.27 18.89 -37.81
N ALA A 453 40.96 17.97 -37.16
CA ALA A 453 41.58 16.83 -37.83
C ALA A 453 40.61 15.98 -38.65
N ALA A 454 39.32 16.08 -38.35
CA ALA A 454 38.31 15.34 -39.10
C ALA A 454 37.98 16.14 -40.35
N GLY A 455 38.02 17.46 -40.22
CA GLY A 455 37.86 18.33 -41.36
C GLY A 455 37.10 19.62 -41.09
N ALA A 456 36.82 19.89 -39.83
CA ALA A 456 36.06 21.10 -39.48
C ALA A 456 36.82 22.35 -39.86
N ASP A 457 36.17 23.23 -40.62
CA ASP A 457 36.78 24.49 -41.00
C ASP A 457 36.91 25.43 -39.82
N PHE A 458 35.99 25.32 -38.88
CA PHE A 458 36.12 25.99 -37.59
C PHE A 458 35.42 25.17 -36.52
N VAL A 459 35.97 25.19 -35.31
CA VAL A 459 35.40 24.45 -34.19
C VAL A 459 35.03 25.40 -33.05
N VAL A 460 33.78 25.34 -32.59
CA VAL A 460 33.36 26.14 -31.44
C VAL A 460 33.34 25.30 -30.16
N SER A 461 34.39 25.45 -29.34
CA SER A 461 34.48 24.72 -28.07
C SER A 461 33.54 25.32 -27.03
N ASN A 462 32.59 24.52 -26.56
CA ASN A 462 31.66 24.96 -25.54
C ASN A 462 32.40 25.42 -24.29
N ALA A 463 33.14 24.49 -23.69
CA ALA A 463 33.87 24.74 -22.43
C ALA A 463 34.70 26.00 -22.49
N SER A 464 35.40 26.17 -23.61
CA SER A 464 36.33 27.30 -23.81
C SER A 464 35.61 28.65 -23.88
N VAL A 465 34.59 28.71 -24.72
CA VAL A 465 33.79 29.93 -24.89
C VAL A 465 33.04 30.28 -23.62
N GLY A 466 32.59 29.26 -22.91
CA GLY A 466 31.89 29.46 -21.65
C GLY A 466 32.80 30.06 -20.60
N ALA A 467 33.91 29.38 -20.32
CA ALA A 467 34.87 29.83 -19.32
C ALA A 467 35.34 31.25 -19.57
N ASN A 468 35.62 31.57 -20.83
CA ASN A 468 36.10 32.90 -21.20
C ASN A 468 35.13 34.01 -20.86
N ILE A 469 33.84 33.72 -20.98
CA ILE A 469 32.79 34.69 -20.69
C ILE A 469 32.65 34.90 -19.19
N LEU A 470 32.46 33.80 -18.46
CA LEU A 470 32.35 33.81 -17.00
C LEU A 470 33.62 34.38 -16.39
N GLY A 471 34.77 33.90 -16.85
CA GLY A 471 36.06 34.35 -16.38
C GLY A 471 36.19 35.86 -16.49
N ASN A 472 35.87 36.39 -17.66
CA ASN A 472 35.92 37.83 -17.86
C ASN A 472 34.94 38.55 -16.96
N LEU A 473 33.73 38.03 -16.88
CA LEU A 473 32.72 38.61 -16.01
C LEU A 473 33.07 38.50 -14.52
N LEU A 474 34.02 37.63 -14.20
CA LEU A 474 34.41 37.41 -12.82
C LEU A 474 35.51 38.37 -12.34
N GLU A 475 36.49 38.65 -13.20
CA GLU A 475 37.56 39.57 -12.81
C GLU A 475 37.31 41.00 -13.26
N HIS A 476 36.30 41.19 -14.11
CA HIS A 476 35.82 42.52 -14.46
C HIS A 476 34.75 42.94 -13.45
N LYS A 477 34.41 42.02 -12.55
CA LYS A 477 33.38 42.22 -11.55
C LYS A 477 33.78 43.31 -10.56
N ARG B 14 57.60 -2.48 -5.06
CA ARG B 14 58.55 -1.44 -5.43
C ARG B 14 58.47 -0.28 -4.48
N GLN B 15 57.50 0.59 -4.72
CA GLN B 15 57.41 1.87 -4.03
C GLN B 15 57.23 1.70 -2.52
N ASN B 16 56.71 0.56 -2.08
CA ASN B 16 56.49 0.34 -0.66
C ASN B 16 57.62 -0.41 0.04
N LEU B 17 58.27 -1.33 -0.67
CA LEU B 17 59.39 -2.10 -0.14
C LEU B 17 60.61 -1.21 0.03
N LYS B 18 60.84 -0.33 -0.95
CA LYS B 18 61.95 0.63 -0.89
C LYS B 18 61.84 1.51 0.35
N VAL B 19 60.65 2.09 0.56
CA VAL B 19 60.42 2.91 1.74
C VAL B 19 60.71 2.12 3.02
N LEU B 20 60.53 0.81 2.98
CA LEU B 20 60.81 -0.04 4.14
C LEU B 20 62.29 -0.14 4.47
N LEU B 21 63.07 -0.74 3.57
CA LEU B 21 64.48 -0.97 3.88
C LEU B 21 65.35 0.29 3.71
N LEU B 22 64.75 1.37 3.20
CA LEU B 22 65.38 2.69 3.30
C LEU B 22 65.37 3.07 4.77
N TYR B 23 64.25 2.78 5.42
CA TYR B 23 64.07 3.09 6.82
C TYR B 23 64.90 2.14 7.70
N CYS B 24 65.21 0.97 7.17
CA CYS B 24 66.07 0.02 7.88
C CYS B 24 67.52 0.47 7.83
N ALA B 25 67.91 1.11 6.72
CA ALA B 25 69.26 1.66 6.57
C ALA B 25 69.45 2.80 7.58
N PHE B 26 68.42 3.61 7.76
CA PHE B 26 68.43 4.69 8.74
C PHE B 26 68.57 4.14 10.16
N LEU B 27 67.84 3.05 10.44
CA LEU B 27 67.86 2.43 11.75
C LEU B 27 69.24 1.86 12.09
N LEU B 28 69.86 1.18 11.13
CA LEU B 28 71.20 0.63 11.31
C LEU B 28 72.23 1.73 11.48
N VAL B 29 72.00 2.87 10.81
CA VAL B 29 72.85 4.05 11.00
C VAL B 29 72.68 4.58 12.41
N MET B 30 71.43 4.66 12.85
CA MET B 30 71.13 5.09 14.20
C MET B 30 71.82 4.18 15.21
N LEU B 31 71.80 2.88 14.92
CA LEU B 31 72.47 1.89 15.75
C LEU B 31 73.97 2.17 15.84
N LEU B 32 74.67 2.06 14.72
CA LEU B 32 76.13 2.23 14.68
C LEU B 32 76.59 3.57 15.24
N ALA B 33 75.76 4.61 15.06
CA ALA B 33 76.07 5.92 15.59
C ALA B 33 76.02 5.89 17.12
N TYR B 34 74.84 5.55 17.65
CA TYR B 34 74.63 5.46 19.10
C TYR B 34 75.65 4.58 19.82
N ALA B 35 75.90 3.39 19.26
CA ALA B 35 76.87 2.45 19.83
C ALA B 35 78.25 3.04 19.93
N SER B 36 78.52 4.09 19.18
CA SER B 36 79.83 4.72 19.20
C SER B 36 79.81 5.96 20.08
N ILE B 37 78.70 6.69 20.04
CA ILE B 37 78.52 7.81 20.94
C ILE B 37 78.60 7.31 22.37
N PHE B 38 77.99 6.15 22.60
CA PHE B 38 78.01 5.53 23.92
C PHE B 38 79.42 5.20 24.36
N ARG B 39 80.17 4.50 23.51
CA ARG B 39 81.53 4.09 23.82
C ARG B 39 82.40 5.31 24.05
N TYR B 40 82.05 6.41 23.38
CA TYR B 40 82.76 7.66 23.57
C TYR B 40 82.48 8.20 24.95
N LEU B 41 81.20 8.37 25.25
CA LEU B 41 80.79 8.91 26.55
C LEU B 41 81.32 8.11 27.73
N MET B 42 81.16 6.79 27.70
CA MET B 42 81.68 5.93 28.76
C MET B 42 83.13 6.21 29.03
N TRP B 43 83.88 6.49 27.97
CA TRP B 43 85.29 6.81 28.11
C TRP B 43 85.52 8.25 28.53
N HIS B 44 84.83 9.20 27.88
CA HIS B 44 85.07 10.61 28.16
C HIS B 44 84.24 11.17 29.31
N LEU B 45 83.26 10.40 29.79
CA LEU B 45 82.44 10.84 30.91
C LEU B 45 82.79 10.12 32.20
N GLU B 46 83.02 8.82 32.13
CA GLU B 46 83.15 8.05 33.35
C GLU B 46 84.40 7.19 33.39
N GLY B 47 85.12 7.14 32.27
CA GLY B 47 86.39 6.44 32.25
C GLY B 47 86.22 4.94 32.17
N ARG B 48 85.39 4.51 31.21
CA ARG B 48 85.17 3.09 30.97
C ARG B 48 85.35 2.77 29.50
N ALA B 49 86.40 2.01 29.19
CA ALA B 49 86.61 1.57 27.82
C ALA B 49 85.73 0.36 27.54
N TYR B 50 84.80 0.52 26.60
CA TYR B 50 83.93 -0.58 26.20
C TYR B 50 84.26 -1.06 24.80
N SER B 51 84.26 -2.38 24.64
CA SER B 51 84.50 -2.99 23.33
C SER B 51 83.39 -2.55 22.40
N PHE B 52 83.63 -2.62 21.09
CA PHE B 52 82.62 -2.15 20.16
C PHE B 52 81.35 -2.94 20.28
N MET B 53 81.49 -4.25 20.34
CA MET B 53 80.31 -5.10 20.46
C MET B 53 79.49 -4.72 21.70
N ALA B 54 80.16 -4.30 22.76
CA ALA B 54 79.45 -3.86 23.96
C ALA B 54 78.58 -2.64 23.65
N GLY B 55 79.09 -1.78 22.78
CA GLY B 55 78.36 -0.59 22.38
C GLY B 55 77.11 -0.94 21.61
N ILE B 56 77.25 -1.84 20.65
CA ILE B 56 76.12 -2.38 19.90
C ILE B 56 75.14 -3.04 20.86
N TYR B 57 75.64 -4.00 21.63
CA TYR B 57 74.87 -4.75 22.62
C TYR B 57 74.12 -3.85 23.59
N TRP B 58 74.78 -2.79 24.06
CA TRP B 58 74.13 -1.82 24.91
C TRP B 58 73.02 -1.12 24.14
N THR B 59 73.39 -0.52 23.01
CA THR B 59 72.48 0.29 22.21
C THR B 59 71.23 -0.49 21.82
N ILE B 60 71.44 -1.74 21.40
CA ILE B 60 70.33 -2.63 21.11
C ILE B 60 69.46 -2.78 22.33
N THR B 61 70.10 -3.11 23.45
CA THR B 61 69.44 -3.41 24.72
C THR B 61 68.59 -2.23 25.22
N VAL B 62 69.07 -1.03 24.99
CA VAL B 62 68.33 0.15 25.40
C VAL B 62 67.14 0.41 24.49
N MET B 63 67.38 0.52 23.18
CA MET B 63 66.32 0.91 22.21
C MET B 63 65.18 -0.09 22.16
N THR B 64 65.55 -1.36 22.08
CA THR B 64 64.60 -2.47 22.08
C THR B 64 63.84 -2.54 23.39
N THR B 65 64.14 -1.59 24.27
CA THR B 65 63.63 -1.60 25.66
C THR B 65 63.85 -2.88 26.45
N LEU B 66 64.85 -3.70 26.12
CA LEU B 66 65.17 -4.85 26.96
C LEU B 66 65.65 -4.34 28.32
N GLY B 67 66.71 -3.53 28.34
CA GLY B 67 67.21 -2.96 29.57
C GLY B 67 67.75 -3.91 30.64
N PHE B 68 68.74 -4.74 30.31
CA PHE B 68 69.38 -5.59 31.30
C PHE B 68 69.90 -4.85 32.55
N GLY B 69 70.37 -3.62 32.40
CA GLY B 69 70.88 -2.86 33.52
C GLY B 69 72.24 -3.29 34.05
N ASP B 70 72.93 -4.15 33.31
CA ASP B 70 74.31 -4.52 33.63
C ASP B 70 75.31 -3.40 33.27
N ILE B 71 75.06 -2.76 32.13
CA ILE B 71 75.85 -1.61 31.67
C ILE B 71 75.01 -0.35 31.77
N THR B 72 75.24 0.44 32.82
CA THR B 72 74.52 1.69 33.02
C THR B 72 75.50 2.84 33.23
N PHE B 73 75.02 4.06 33.05
CA PHE B 73 75.85 5.24 33.31
C PHE B 73 75.74 5.62 34.79
N GLU B 74 76.36 6.74 35.16
CA GLU B 74 76.25 7.22 36.54
C GLU B 74 76.18 8.74 36.58
N SER B 75 76.86 9.39 35.64
CA SER B 75 76.83 10.85 35.55
C SER B 75 75.50 11.28 34.99
N ASP B 76 75.07 12.49 35.35
CA ASP B 76 73.82 13.04 34.82
C ASP B 76 73.85 13.10 33.29
N ALA B 77 75.03 13.37 32.76
CA ALA B 77 75.24 13.42 31.32
C ALA B 77 74.92 12.09 30.69
N GLY B 78 75.52 11.03 31.23
CA GLY B 78 75.20 9.68 30.84
C GLY B 78 73.72 9.38 30.96
N TYR B 79 73.06 9.95 31.95
CA TYR B 79 71.62 9.78 32.12
C TYR B 79 70.87 10.33 30.92
N LEU B 80 71.27 11.52 30.50
CA LEU B 80 70.65 12.22 29.38
C LEU B 80 70.73 11.41 28.09
N PHE B 81 71.94 11.02 27.71
CA PHE B 81 72.16 10.24 26.49
C PHE B 81 71.44 8.90 26.55
N ALA B 82 71.33 8.32 27.74
CA ALA B 82 70.57 7.10 27.91
C ALA B 82 69.07 7.36 27.71
N SER B 83 68.57 8.43 28.32
CA SER B 83 67.17 8.83 28.15
C SER B 83 66.85 9.05 26.67
N ILE B 84 67.80 9.69 25.97
CA ILE B 84 67.66 9.97 24.54
C ILE B 84 67.59 8.68 23.75
N VAL B 85 68.58 7.81 23.94
CA VAL B 85 68.61 6.55 23.19
C VAL B 85 67.36 5.73 23.49
N THR B 86 66.87 5.84 24.73
CA THR B 86 65.67 5.13 25.13
C THR B 86 64.45 5.54 24.30
N VAL B 87 64.20 6.84 24.22
CA VAL B 87 63.06 7.38 23.46
C VAL B 87 63.18 7.07 21.97
N SER B 88 64.38 7.25 21.44
CA SER B 88 64.70 6.93 20.05
C SER B 88 64.40 5.47 19.72
N GLY B 89 64.40 4.62 20.74
CA GLY B 89 63.98 3.25 20.55
C GLY B 89 62.46 3.18 20.48
N VAL B 90 61.79 3.97 21.30
CA VAL B 90 60.34 3.93 21.37
C VAL B 90 59.70 4.62 20.17
N ILE B 91 60.40 5.60 19.61
CA ILE B 91 59.89 6.31 18.45
C ILE B 91 60.13 5.53 17.14
N PHE B 92 61.28 4.87 17.04
CA PHE B 92 61.69 4.27 15.76
C PHE B 92 61.72 2.74 15.70
N LEU B 93 61.62 2.09 16.85
CA LEU B 93 61.54 0.63 16.88
C LEU B 93 60.19 0.22 17.44
N LEU B 94 59.52 1.17 18.07
CA LEU B 94 58.28 0.85 18.73
C LEU B 94 57.09 1.43 17.99
N ILE B 95 57.32 2.46 17.20
CA ILE B 95 56.24 3.09 16.47
C ILE B 95 56.33 2.85 14.97
N ILE B 96 57.41 3.37 14.37
CA ILE B 96 57.58 3.34 12.92
C ILE B 96 57.80 1.91 12.38
N LEU B 97 58.76 1.17 12.93
CA LEU B 97 59.08 -0.18 12.46
C LEU B 97 57.94 -1.20 12.57
N PRO B 98 57.14 -1.15 13.66
CA PRO B 98 55.96 -1.99 13.61
C PRO B 98 54.89 -1.41 12.67
N PHE B 99 54.77 -0.10 12.60
CA PHE B 99 53.87 0.53 11.64
C PHE B 99 54.23 0.13 10.21
N GLY B 100 55.49 0.37 9.84
CA GLY B 100 55.98 0.11 8.50
C GLY B 100 55.89 -1.33 8.07
N PHE B 101 56.15 -2.25 8.99
CA PHE B 101 55.99 -3.67 8.70
C PHE B 101 54.50 -3.94 8.47
N VAL B 102 53.64 -3.33 9.29
CA VAL B 102 52.20 -3.50 9.13
C VAL B 102 51.66 -2.74 7.90
N SER B 103 52.09 -1.51 7.70
CA SER B 103 51.56 -0.66 6.64
C SER B 103 51.88 -1.13 5.23
N MET B 104 53.03 -1.76 5.05
CA MET B 104 53.44 -2.20 3.72
C MET B 104 52.89 -3.58 3.43
N PHE B 105 52.61 -4.33 4.49
CA PHE B 105 52.09 -5.68 4.35
C PHE B 105 50.56 -5.73 4.44
N LEU B 106 49.99 -5.02 5.41
CA LEU B 106 48.57 -5.16 5.74
C LEU B 106 47.66 -4.28 4.85
N ALA B 107 48.19 -3.13 4.44
CA ALA B 107 47.43 -2.22 3.57
C ALA B 107 47.02 -2.82 2.21
N PRO B 108 47.93 -3.49 1.49
CA PRO B 108 47.52 -4.05 0.20
C PRO B 108 46.36 -5.03 0.27
N TRP B 109 46.35 -5.90 1.29
CA TRP B 109 45.30 -6.90 1.43
C TRP B 109 43.96 -6.25 1.71
N ILE B 110 43.97 -5.17 2.49
CA ILE B 110 42.73 -4.54 2.92
C ILE B 110 42.34 -3.31 2.09
N GLU B 111 43.16 -2.25 2.12
CA GLU B 111 42.90 -1.00 1.39
C GLU B 111 42.42 -1.21 -0.05
N ARG B 112 42.98 -2.23 -0.71
CA ARG B 112 42.76 -2.43 -2.15
C ARG B 112 41.58 -3.36 -2.45
N ARG B 113 41.24 -4.22 -1.51
CA ARG B 113 40.02 -5.03 -1.63
C ARG B 113 38.85 -4.25 -1.08
N LEU B 114 39.12 -3.46 -0.05
CA LEU B 114 38.10 -2.72 0.67
C LEU B 114 37.51 -1.55 -0.14
N ARG B 115 38.36 -0.82 -0.84
CA ARG B 115 37.92 0.27 -1.72
C ARG B 115 38.90 0.45 -2.88
N TYR B 116 38.38 0.70 -4.08
CA TYR B 116 39.22 0.81 -5.26
C TYR B 116 40.10 2.06 -5.26
N HIS B 117 41.34 1.89 -5.72
CA HIS B 117 42.29 2.98 -5.88
C HIS B 117 42.64 3.12 -7.37
N PRO B 118 41.63 3.36 -8.21
CA PRO B 118 41.69 3.14 -9.67
C PRO B 118 42.99 3.60 -10.34
N THR B 119 43.66 2.66 -11.00
CA THR B 119 44.91 2.96 -11.72
C THR B 119 44.61 3.89 -12.89
N ILE B 120 45.18 5.08 -12.85
CA ILE B 120 44.80 6.16 -13.76
C ILE B 120 45.86 6.43 -14.83
N GLU B 121 47.02 5.79 -14.70
CA GLU B 121 48.17 6.11 -15.53
C GLU B 121 49.12 4.91 -15.61
N LEU B 122 49.92 4.85 -16.67
CA LEU B 122 50.95 3.82 -16.79
C LEU B 122 52.34 4.37 -16.45
N PRO B 123 53.25 3.51 -15.94
CA PRO B 123 54.63 3.90 -15.63
C PRO B 123 55.33 4.60 -16.79
N ASP B 124 56.38 5.36 -16.51
CA ASP B 124 57.14 6.06 -17.54
C ASP B 124 57.70 5.08 -18.58
N ASP B 125 58.29 3.99 -18.10
CA ASP B 125 59.10 3.12 -18.92
C ASP B 125 58.32 2.08 -19.73
N THR B 126 57.01 1.99 -19.51
CA THR B 126 56.21 0.92 -20.09
C THR B 126 56.17 0.93 -21.62
N ARG B 127 56.75 -0.10 -22.23
CA ARG B 127 56.73 -0.26 -23.68
C ARG B 127 56.36 -1.69 -24.07
N GLY B 128 55.90 -1.87 -25.31
CA GLY B 128 55.62 -3.19 -25.83
C GLY B 128 54.26 -3.75 -25.47
N HIS B 129 53.42 -2.92 -24.87
CA HIS B 129 52.08 -3.33 -24.45
C HIS B 129 51.03 -3.29 -25.57
N ILE B 130 49.92 -3.98 -25.34
CA ILE B 130 48.82 -4.03 -26.30
C ILE B 130 47.54 -3.44 -25.72
N LEU B 131 47.26 -2.21 -26.10
CA LEU B 131 46.12 -1.46 -25.57
C LEU B 131 44.77 -2.01 -26.05
N ILE B 132 43.95 -2.46 -25.10
CA ILE B 132 42.61 -2.92 -25.41
C ILE B 132 41.61 -1.83 -25.06
N PHE B 133 40.82 -1.41 -26.02
CA PHE B 133 39.78 -0.41 -25.79
C PHE B 133 38.40 -0.95 -26.09
N GLY B 134 37.69 -1.35 -25.04
CA GLY B 134 36.34 -1.83 -25.21
C GLY B 134 36.23 -3.32 -24.96
N ILE B 135 36.11 -3.69 -23.69
CA ILE B 135 36.14 -5.09 -23.31
C ILE B 135 34.79 -5.76 -23.55
N ASP B 136 34.84 -7.01 -24.00
CA ASP B 136 33.66 -7.80 -24.32
C ASP B 136 34.12 -9.26 -24.53
N PRO B 137 33.17 -10.21 -24.71
CA PRO B 137 33.55 -11.61 -24.95
C PRO B 137 34.69 -11.85 -25.95
N ILE B 138 34.76 -11.07 -27.03
CA ILE B 138 35.79 -11.26 -28.05
C ILE B 138 37.17 -10.94 -27.49
N THR B 139 37.32 -9.70 -27.08
CA THR B 139 38.58 -9.21 -26.52
C THR B 139 38.99 -10.01 -25.28
N ARG B 140 38.04 -10.31 -24.40
CA ARG B 140 38.34 -11.10 -23.20
C ARG B 140 38.90 -12.46 -23.58
N THR B 141 38.47 -12.96 -24.73
CA THR B 141 38.94 -14.24 -25.25
C THR B 141 40.28 -14.08 -26.02
N LEU B 142 40.46 -12.91 -26.61
CA LEU B 142 41.69 -12.57 -27.31
C LEU B 142 42.81 -12.43 -26.29
N ILE B 143 42.43 -12.09 -25.05
CA ILE B 143 43.39 -11.89 -23.97
C ILE B 143 43.82 -13.20 -23.34
N ARG B 144 42.85 -14.04 -22.99
CA ARG B 144 43.14 -15.34 -22.39
C ARG B 144 43.94 -16.21 -23.35
N LYS B 145 43.83 -15.92 -24.65
CA LYS B 145 44.49 -16.71 -25.68
C LYS B 145 45.91 -16.25 -25.96
N LEU B 146 46.14 -14.93 -26.00
CA LEU B 146 47.45 -14.37 -26.32
C LEU B 146 48.24 -13.90 -25.09
N GLU B 147 47.83 -14.34 -23.91
CA GLU B 147 48.68 -14.15 -22.73
C GLU B 147 49.44 -15.45 -22.51
N SER B 148 49.29 -16.34 -23.49
CA SER B 148 50.07 -17.57 -23.58
C SER B 148 51.41 -17.28 -24.25
N ARG B 149 51.66 -16.01 -24.51
CA ARG B 149 52.96 -15.53 -24.97
C ARG B 149 53.36 -14.40 -24.03
N ASN B 150 52.54 -14.24 -22.99
CA ASN B 150 52.71 -13.26 -21.93
C ASN B 150 52.92 -11.82 -22.41
N HIS B 151 52.16 -11.42 -23.42
CA HIS B 151 52.13 -10.03 -23.83
C HIS B 151 51.48 -9.21 -22.73
N LEU B 152 51.88 -7.95 -22.62
CA LEU B 152 51.30 -7.08 -21.60
C LEU B 152 49.99 -6.48 -22.11
N PHE B 153 48.89 -7.12 -21.74
CA PHE B 153 47.58 -6.63 -22.15
C PHE B 153 47.04 -5.63 -21.13
N VAL B 154 46.70 -4.44 -21.62
CA VAL B 154 46.17 -3.38 -20.79
C VAL B 154 44.82 -2.95 -21.34
N VAL B 155 43.76 -3.16 -20.55
CA VAL B 155 42.43 -2.70 -20.97
C VAL B 155 42.08 -1.37 -20.32
N VAL B 156 41.25 -0.61 -21.01
CA VAL B 156 40.90 0.75 -20.60
C VAL B 156 39.39 0.91 -20.56
N THR B 157 38.89 1.62 -19.55
CA THR B 157 37.46 1.89 -19.45
C THR B 157 37.15 3.21 -18.74
N ASP B 158 36.10 3.89 -19.19
CA ASP B 158 35.62 5.10 -18.53
C ASP B 158 34.59 4.75 -17.46
N ASN B 159 34.29 3.46 -17.36
CA ASN B 159 33.28 2.96 -16.44
C ASN B 159 33.91 2.51 -15.13
N TYR B 160 33.64 3.25 -14.06
CA TYR B 160 34.27 2.97 -12.78
C TYR B 160 33.93 1.58 -12.28
N ASP B 161 32.64 1.24 -12.27
CA ASP B 161 32.20 -0.05 -11.75
C ASP B 161 32.68 -1.23 -12.58
N GLN B 162 33.10 -0.97 -13.82
CA GLN B 162 33.58 -2.03 -14.69
C GLN B 162 35.08 -2.23 -14.47
N ALA B 163 35.77 -1.15 -14.11
CA ALA B 163 37.18 -1.22 -13.78
C ALA B 163 37.38 -2.06 -12.52
N LEU B 164 36.39 -1.99 -11.62
CA LEU B 164 36.39 -2.81 -10.40
C LEU B 164 36.43 -4.28 -10.74
N HIS B 165 35.46 -4.73 -11.52
CA HIS B 165 35.37 -6.14 -11.91
C HIS B 165 36.63 -6.66 -12.57
N LEU B 166 37.15 -5.90 -13.51
CA LEU B 166 38.29 -6.35 -14.31
C LEU B 166 39.60 -6.28 -13.54
N GLU B 167 39.61 -5.57 -12.43
CA GLU B 167 40.82 -5.44 -11.61
C GLU B 167 40.96 -6.61 -10.65
N GLU B 168 39.84 -7.05 -10.08
CA GLU B 168 39.84 -8.19 -9.16
C GLU B 168 40.10 -9.51 -9.89
N GLN B 169 39.60 -9.62 -11.12
CA GLN B 169 39.86 -10.80 -11.96
C GLN B 169 40.76 -10.49 -13.17
N GLU B 170 42.06 -10.76 -13.07
CA GLU B 170 43.00 -10.40 -14.15
C GLU B 170 44.29 -11.22 -14.07
N GLY B 171 45.34 -11.00 -14.88
CA GLY B 171 45.42 -11.45 -16.25
C GLY B 171 45.87 -10.38 -17.19
N PHE B 172 45.49 -9.18 -16.81
CA PHE B 172 45.66 -7.98 -17.60
C PHE B 172 45.42 -6.79 -16.68
N LYS B 173 46.31 -5.81 -16.73
CA LYS B 173 46.16 -4.61 -15.90
C LYS B 173 45.06 -3.72 -16.45
N VAL B 174 44.33 -3.04 -15.57
CA VAL B 174 43.20 -2.22 -15.97
C VAL B 174 43.40 -0.74 -15.66
N VAL B 175 43.11 0.11 -16.63
CA VAL B 175 43.20 1.56 -16.44
C VAL B 175 41.83 2.21 -16.56
N TYR B 176 41.58 3.21 -15.71
CA TYR B 176 40.29 3.88 -15.67
C TYR B 176 40.40 5.31 -16.19
N GLY B 177 39.73 5.56 -17.30
CA GLY B 177 39.75 6.89 -17.91
C GLY B 177 39.13 6.98 -19.30
N SER B 178 38.86 8.21 -19.72
CA SER B 178 38.30 8.48 -21.05
C SER B 178 39.31 8.10 -22.12
N PRO B 179 38.94 7.17 -23.01
CA PRO B 179 39.86 6.69 -24.05
C PRO B 179 40.07 7.75 -25.13
N THR B 180 39.22 8.78 -25.10
CA THR B 180 39.34 9.86 -26.09
C THR B 180 40.19 11.02 -25.57
N ASP B 181 40.14 11.28 -24.26
CA ASP B 181 40.96 12.32 -23.63
C ASP B 181 42.43 12.07 -23.91
N ALA B 182 43.06 13.00 -24.64
CA ALA B 182 44.45 12.86 -25.07
C ALA B 182 45.42 12.70 -23.90
N HIS B 183 45.18 13.45 -22.81
CA HIS B 183 46.00 13.34 -21.61
C HIS B 183 45.99 11.93 -21.06
N VAL B 184 44.84 11.27 -21.14
CA VAL B 184 44.71 9.90 -20.70
C VAL B 184 45.59 9.00 -21.54
N LEU B 185 45.49 9.15 -22.86
CA LEU B 185 46.28 8.37 -23.79
C LEU B 185 47.77 8.63 -23.62
N ALA B 186 48.11 9.82 -23.14
CA ALA B 186 49.51 10.17 -22.92
C ALA B 186 50.10 9.39 -21.75
N GLY B 187 49.28 9.18 -20.73
CA GLY B 187 49.68 8.43 -19.55
C GLY B 187 49.78 6.95 -19.87
N LEU B 188 49.09 6.53 -20.91
CA LEU B 188 49.09 5.13 -21.33
C LEU B 188 50.30 4.82 -22.22
N ARG B 189 51.16 5.81 -22.41
CA ARG B 189 52.38 5.66 -23.21
C ARG B 189 52.08 5.04 -24.57
N VAL B 190 51.03 5.55 -25.22
CA VAL B 190 50.56 5.00 -26.49
C VAL B 190 51.65 5.02 -27.57
N ALA B 191 52.60 5.93 -27.45
CA ALA B 191 53.67 6.04 -28.43
C ALA B 191 54.54 4.78 -28.41
N ALA B 192 54.84 4.30 -27.21
CA ALA B 192 55.70 3.15 -27.01
C ALA B 192 54.92 1.83 -27.12
N ALA B 193 53.65 1.93 -27.45
CA ALA B 193 52.77 0.76 -27.56
C ALA B 193 53.12 -0.11 -28.76
N ARG B 194 52.75 -1.39 -28.67
CA ARG B 194 53.01 -2.34 -29.74
C ARG B 194 51.83 -2.37 -30.70
N SER B 195 50.64 -2.20 -30.17
CA SER B 195 49.41 -2.24 -30.95
C SER B 195 48.19 -1.81 -30.13
N ILE B 196 47.22 -1.21 -30.79
CA ILE B 196 46.01 -0.73 -30.14
C ILE B 196 44.74 -1.33 -30.75
N ILE B 197 43.90 -1.92 -29.90
CA ILE B 197 42.65 -2.51 -30.35
C ILE B 197 41.44 -1.63 -30.02
N ALA B 198 40.91 -0.96 -31.05
CA ALA B 198 39.78 -0.05 -30.90
C ALA B 198 38.47 -0.78 -31.10
N ASN B 199 37.94 -1.30 -30.00
CA ASN B 199 36.70 -2.05 -30.03
C ASN B 199 35.59 -1.31 -29.29
N LEU B 200 35.33 -0.08 -29.73
CA LEU B 200 34.27 0.74 -29.17
C LEU B 200 33.21 0.97 -30.22
N SER B 201 32.33 1.95 -29.98
CA SER B 201 31.33 2.30 -30.98
C SER B 201 32.06 2.94 -32.12
N ASP B 202 31.42 3.04 -33.28
CA ASP B 202 32.06 3.66 -34.44
C ASP B 202 32.48 5.15 -34.23
N PRO B 203 31.60 5.99 -33.66
CA PRO B 203 32.03 7.37 -33.35
C PRO B 203 33.11 7.46 -32.27
N ASP B 204 33.11 6.53 -31.32
CA ASP B 204 34.15 6.50 -30.30
C ASP B 204 35.44 5.99 -30.90
N ASN B 205 35.34 4.96 -31.75
CA ASN B 205 36.50 4.46 -32.48
C ASN B 205 37.13 5.55 -33.35
N ALA B 206 36.28 6.36 -33.98
CA ALA B 206 36.74 7.49 -34.79
C ALA B 206 37.47 8.50 -33.92
N ASN B 207 36.83 8.89 -32.82
CA ASN B 207 37.46 9.78 -31.85
C ASN B 207 38.80 9.20 -31.37
N LEU B 208 38.78 7.91 -31.02
CA LEU B 208 39.96 7.23 -30.48
C LEU B 208 41.15 7.31 -31.43
N CYS B 209 40.91 7.01 -32.71
CA CYS B 209 41.98 7.02 -33.70
C CYS B 209 42.52 8.41 -33.97
N LEU B 210 41.64 9.35 -34.21
CA LEU B 210 42.06 10.72 -34.49
C LEU B 210 42.91 11.25 -33.36
N THR B 211 42.62 10.78 -32.15
CA THR B 211 43.35 11.23 -30.98
C THR B 211 44.72 10.55 -30.86
N VAL B 212 44.79 9.26 -31.18
CA VAL B 212 46.05 8.53 -31.13
C VAL B 212 46.98 8.97 -32.25
N ARG B 213 46.41 9.24 -33.43
CA ARG B 213 47.17 9.78 -34.55
C ARG B 213 47.71 11.18 -34.25
N SER B 214 47.20 11.78 -33.18
CA SER B 214 47.65 13.09 -32.75
C SER B 214 48.84 12.98 -31.80
N LEU B 215 49.02 11.81 -31.21
CA LEU B 215 50.11 11.59 -30.26
C LEU B 215 51.24 10.74 -30.84
N CYS B 216 50.89 9.79 -31.69
CA CYS B 216 51.87 8.87 -32.25
C CYS B 216 51.32 8.29 -33.55
N GLN B 217 51.93 7.19 -34.00
CA GLN B 217 51.49 6.53 -35.23
C GLN B 217 51.29 5.04 -34.98
N THR B 218 51.34 4.64 -33.72
CA THR B 218 51.13 3.27 -33.28
C THR B 218 49.96 2.58 -33.99
N PRO B 219 50.18 1.35 -34.49
CA PRO B 219 49.19 0.55 -35.21
C PRO B 219 47.87 0.35 -34.44
N ILE B 220 46.76 0.60 -35.12
CA ILE B 220 45.43 0.53 -34.52
C ILE B 220 44.52 -0.40 -35.31
N ILE B 221 44.10 -1.49 -34.67
CA ILE B 221 43.15 -2.43 -35.25
C ILE B 221 41.76 -2.14 -34.74
N ALA B 222 40.94 -1.46 -35.54
CA ALA B 222 39.59 -1.11 -35.12
C ALA B 222 38.58 -2.17 -35.52
N VAL B 223 37.77 -2.60 -34.55
CA VAL B 223 36.65 -3.49 -34.85
C VAL B 223 35.40 -2.65 -35.14
N VAL B 224 35.00 -2.61 -36.41
CA VAL B 224 33.91 -1.77 -36.86
C VAL B 224 32.59 -2.52 -36.82
N LYS B 225 31.56 -1.87 -36.32
CA LYS B 225 30.25 -2.50 -36.23
C LYS B 225 29.58 -2.50 -37.60
N GLU B 226 29.22 -1.33 -38.08
CA GLU B 226 28.59 -1.21 -39.40
C GLU B 226 29.63 -1.07 -40.51
N PRO B 227 29.75 -2.11 -41.36
CA PRO B 227 30.75 -2.28 -42.41
C PRO B 227 30.90 -1.08 -43.34
N VAL B 228 29.89 -0.22 -43.42
CA VAL B 228 29.95 0.96 -44.28
C VAL B 228 30.93 1.97 -43.68
N HIS B 229 31.07 1.93 -42.36
CA HIS B 229 31.96 2.84 -41.65
C HIS B 229 33.42 2.38 -41.71
N GLY B 230 33.68 1.40 -42.57
CA GLY B 230 35.00 0.79 -42.68
C GLY B 230 36.05 1.75 -43.19
N GLU B 231 35.74 2.45 -44.27
CA GLU B 231 36.69 3.36 -44.89
C GLU B 231 36.81 4.63 -44.07
N LEU B 232 35.77 4.91 -43.30
CA LEU B 232 35.76 6.08 -42.42
C LEU B 232 36.71 5.94 -41.23
N LEU B 233 37.01 4.69 -40.84
CA LEU B 233 37.90 4.46 -39.70
C LEU B 233 39.38 4.36 -40.12
N ARG B 234 39.63 3.79 -41.30
CA ARG B 234 40.95 3.89 -41.91
C ARG B 234 41.26 5.36 -42.05
N LEU B 235 40.23 6.14 -42.35
CA LEU B 235 40.34 7.57 -42.51
C LEU B 235 40.67 8.23 -41.17
N ALA B 236 40.16 7.65 -40.08
CA ALA B 236 40.42 8.19 -38.76
C ALA B 236 41.84 7.83 -38.30
N GLY B 237 42.48 6.95 -39.05
CA GLY B 237 43.86 6.59 -38.80
C GLY B 237 44.12 5.09 -38.78
N ALA B 238 43.11 4.33 -38.39
CA ALA B 238 43.21 2.89 -38.14
C ALA B 238 43.94 2.14 -39.27
N ASN B 239 44.92 1.33 -38.89
CA ASN B 239 45.77 0.67 -39.87
C ASN B 239 45.06 -0.50 -40.52
N GLN B 240 44.15 -1.10 -39.77
CA GLN B 240 43.38 -2.22 -40.26
C GLN B 240 42.00 -2.18 -39.64
N VAL B 241 41.00 -2.59 -40.40
CA VAL B 241 39.62 -2.54 -39.96
C VAL B 241 38.98 -3.92 -40.07
N VAL B 242 38.32 -4.36 -39.01
CA VAL B 242 37.68 -5.67 -38.98
C VAL B 242 36.17 -5.56 -38.75
N PRO B 243 35.36 -5.82 -39.79
CA PRO B 243 33.90 -5.74 -39.68
C PRO B 243 33.28 -7.02 -39.10
N LEU B 244 33.57 -7.30 -37.83
CA LEU B 244 33.25 -8.57 -37.18
C LEU B 244 31.81 -9.05 -37.29
N THR B 245 30.86 -8.14 -37.12
CA THR B 245 29.45 -8.50 -37.18
C THR B 245 29.07 -9.04 -38.57
N ARG B 246 29.57 -8.39 -39.62
CA ARG B 246 29.30 -8.81 -40.99
C ARG B 246 29.90 -10.18 -41.29
N ILE B 247 31.09 -10.42 -40.75
CA ILE B 247 31.82 -11.68 -40.94
C ILE B 247 31.10 -12.87 -40.30
N LEU B 248 30.64 -12.67 -39.07
CA LEU B 248 29.94 -13.72 -38.37
C LEU B 248 28.62 -14.06 -39.07
N GLY B 249 27.99 -13.06 -39.68
CA GLY B 249 26.79 -13.29 -40.46
C GLY B 249 27.08 -14.16 -41.65
N ARG B 250 28.21 -13.90 -42.29
CA ARG B 250 28.69 -14.70 -43.40
C ARG B 250 28.82 -16.14 -42.97
N TYR B 251 29.59 -16.36 -41.91
CA TYR B 251 29.87 -17.71 -41.42
C TYR B 251 28.62 -18.49 -41.10
N LEU B 252 27.54 -17.78 -40.77
CA LEU B 252 26.23 -18.37 -40.50
C LEU B 252 25.50 -18.75 -41.80
N GLY B 253 25.50 -17.84 -42.76
CA GLY B 253 24.84 -18.08 -44.03
C GLY B 253 25.47 -19.20 -44.82
N ILE B 254 26.78 -19.35 -44.68
CA ILE B 254 27.52 -20.41 -45.38
C ILE B 254 27.21 -21.76 -44.76
N ARG B 255 27.05 -21.75 -43.44
CA ARG B 255 26.82 -22.98 -42.70
C ARG B 255 25.40 -23.49 -42.85
N ALA B 256 24.48 -22.61 -43.26
CA ALA B 256 23.07 -22.97 -43.35
C ALA B 256 22.63 -23.53 -44.70
N THR B 257 23.32 -23.15 -45.77
CA THR B 257 23.02 -23.66 -47.09
C THR B 257 23.12 -25.19 -47.20
N THR B 258 21.94 -25.81 -47.20
CA THR B 258 21.77 -27.27 -47.14
C THR B 258 22.98 -28.10 -47.60
N CYS B 259 23.29 -28.05 -48.89
CA CYS B 259 24.55 -28.61 -49.39
C CYS B 259 25.65 -27.58 -49.21
N GLY B 260 26.82 -28.01 -48.76
CA GLY B 260 27.93 -27.11 -48.54
C GLY B 260 28.25 -26.32 -49.79
N ALA B 261 28.14 -25.00 -49.70
CA ALA B 261 28.33 -24.13 -50.85
C ALA B 261 29.70 -23.48 -50.84
N LEU B 262 30.09 -22.90 -51.98
CA LEU B 262 31.37 -22.22 -52.09
C LEU B 262 31.30 -20.80 -51.50
N ALA B 263 32.29 -20.45 -50.70
CA ALA B 263 32.38 -19.10 -50.13
C ALA B 263 33.69 -18.40 -50.49
N HIS B 264 33.58 -17.26 -51.16
CA HIS B 264 34.74 -16.50 -51.62
C HIS B 264 35.35 -15.58 -50.55
N ILE B 265 36.62 -15.82 -50.21
CA ILE B 265 37.33 -15.06 -49.17
C ILE B 265 38.12 -13.83 -49.66
N LEU B 266 38.84 -13.96 -50.78
CA LEU B 266 39.68 -12.86 -51.26
C LEU B 266 39.87 -12.84 -52.77
N ASP B 267 39.89 -11.64 -53.34
CA ASP B 267 40.23 -11.45 -54.74
C ASP B 267 41.59 -10.76 -54.89
N SER B 268 42.65 -11.54 -54.85
CA SER B 268 44.02 -11.05 -55.00
C SER B 268 44.27 -10.53 -56.42
N PHE B 269 44.16 -9.22 -56.60
CA PHE B 269 44.08 -8.60 -57.91
C PHE B 269 42.94 -9.25 -58.69
N GLY B 270 43.30 -10.10 -59.66
CA GLY B 270 42.32 -10.84 -60.43
C GLY B 270 42.85 -12.21 -60.79
N ASN B 271 44.02 -12.53 -60.23
CA ASN B 271 44.75 -13.75 -60.57
C ASN B 271 44.32 -14.99 -59.79
N LEU B 272 44.08 -14.82 -58.50
CA LEU B 272 43.86 -15.97 -57.61
C LEU B 272 42.76 -15.72 -56.57
N GLN B 273 41.91 -16.72 -56.36
CA GLN B 273 40.80 -16.60 -55.43
C GLN B 273 40.98 -17.53 -54.25
N ILE B 274 41.10 -16.96 -53.06
CA ILE B 274 41.10 -17.75 -51.84
C ILE B 274 39.65 -17.98 -51.41
N ALA B 275 39.26 -19.23 -51.20
CA ALA B 275 37.86 -19.52 -50.89
C ALA B 275 37.72 -20.60 -49.83
N GLU B 276 36.49 -20.89 -49.42
CA GLU B 276 36.23 -21.96 -48.46
C GLU B 276 34.96 -22.76 -48.73
N LEU B 277 34.85 -23.92 -48.10
CA LEU B 277 33.76 -24.83 -48.38
C LEU B 277 33.38 -25.71 -47.18
N PRO B 278 32.17 -25.51 -46.64
CA PRO B 278 31.66 -26.46 -45.65
C PRO B 278 31.40 -27.82 -46.32
N VAL B 279 32.04 -28.87 -45.81
CA VAL B 279 31.98 -30.19 -46.43
C VAL B 279 30.63 -30.88 -46.21
N HIS B 280 29.77 -30.27 -45.40
CA HIS B 280 28.52 -30.92 -44.98
C HIS B 280 27.50 -31.13 -46.10
N GLY B 281 26.96 -32.35 -46.18
CA GLY B 281 25.98 -32.69 -47.20
C GLY B 281 26.60 -32.84 -48.58
N THR B 282 27.93 -32.81 -48.60
CA THR B 282 28.68 -32.87 -49.85
C THR B 282 29.37 -34.23 -49.97
N PRO B 283 29.54 -34.72 -51.20
CA PRO B 283 30.21 -36.00 -51.51
C PRO B 283 31.64 -36.14 -50.99
N PHE B 284 32.20 -35.09 -50.40
CA PHE B 284 33.53 -35.17 -49.80
C PHE B 284 33.39 -35.46 -48.31
N ALA B 285 32.20 -35.25 -47.77
CA ALA B 285 31.92 -35.55 -46.37
C ALA B 285 31.90 -37.05 -46.15
N GLY B 286 32.60 -37.49 -45.10
CA GLY B 286 32.78 -38.92 -44.88
C GLY B 286 34.00 -39.42 -45.64
N LYS B 287 34.14 -38.96 -46.88
CA LYS B 287 35.28 -39.29 -47.71
C LYS B 287 36.52 -38.50 -47.28
N THR B 288 37.70 -38.97 -47.68
CA THR B 288 38.94 -38.32 -47.27
C THR B 288 39.39 -37.22 -48.24
N ILE B 289 40.63 -36.75 -48.06
CA ILE B 289 41.19 -35.74 -48.96
C ILE B 289 41.74 -36.41 -50.22
N GLY B 290 42.56 -37.43 -50.02
CA GLY B 290 43.13 -38.18 -51.13
C GLY B 290 42.08 -39.02 -51.84
N GLU B 291 41.11 -39.50 -51.07
CA GLU B 291 40.01 -40.27 -51.62
C GLU B 291 39.16 -39.39 -52.53
N SER B 292 38.83 -38.20 -52.04
CA SER B 292 38.07 -37.23 -52.83
C SER B 292 38.92 -36.69 -53.98
N GLY B 293 40.22 -36.59 -53.74
CA GLY B 293 41.16 -36.11 -54.74
C GLY B 293 40.79 -34.74 -55.26
N ILE B 294 40.50 -33.82 -54.34
CA ILE B 294 40.01 -32.48 -54.69
C ILE B 294 40.96 -31.69 -55.59
N ARG B 295 42.26 -31.72 -55.27
CA ARG B 295 43.25 -30.99 -56.07
C ARG B 295 43.34 -31.55 -57.50
N GLN B 296 43.26 -32.86 -57.62
CA GLN B 296 43.46 -33.56 -58.89
C GLN B 296 42.47 -33.16 -59.98
N ARG B 297 41.18 -33.14 -59.64
CA ARG B 297 40.13 -32.93 -60.63
C ARG B 297 39.88 -31.45 -60.98
N THR B 298 40.38 -30.56 -60.13
CA THR B 298 40.12 -29.13 -60.29
C THR B 298 41.39 -28.32 -60.52
N GLY B 299 42.47 -28.74 -59.87
CA GLY B 299 43.72 -28.01 -59.92
C GLY B 299 43.84 -27.06 -58.74
N LEU B 300 42.89 -27.16 -57.82
CA LEU B 300 42.83 -26.27 -56.66
C LEU B 300 43.90 -26.57 -55.63
N SER B 301 44.07 -25.66 -54.68
CA SER B 301 45.06 -25.81 -53.64
C SER B 301 44.42 -25.84 -52.25
N ILE B 302 44.52 -26.99 -51.60
CA ILE B 302 44.05 -27.16 -50.24
C ILE B 302 45.04 -26.47 -49.30
N ILE B 303 44.76 -25.22 -48.94
CA ILE B 303 45.71 -24.44 -48.14
C ILE B 303 45.57 -24.68 -46.63
N GLY B 304 44.60 -25.50 -46.25
CA GLY B 304 44.36 -25.78 -44.85
C GLY B 304 42.93 -26.20 -44.56
N VAL B 305 42.76 -27.03 -43.54
CA VAL B 305 41.44 -27.51 -43.18
C VAL B 305 41.10 -27.10 -41.74
N TRP B 306 39.84 -26.69 -41.55
CA TRP B 306 39.36 -26.14 -40.29
C TRP B 306 38.26 -27.02 -39.75
N GLU B 307 38.60 -27.80 -38.72
CA GLU B 307 37.69 -28.80 -38.16
C GLU B 307 37.22 -28.41 -36.76
N ARG B 308 38.09 -28.59 -35.78
CA ARG B 308 37.75 -28.34 -34.39
C ARG B 308 38.44 -27.08 -33.85
N GLY B 309 38.09 -25.93 -34.45
CA GLY B 309 38.61 -24.66 -33.99
C GLY B 309 40.11 -24.51 -34.16
N SER B 310 40.66 -25.18 -35.16
CA SER B 310 42.10 -25.18 -35.37
C SER B 310 42.47 -25.16 -36.85
N LEU B 311 43.62 -24.58 -37.15
CA LEU B 311 44.12 -24.47 -38.51
C LEU B 311 45.23 -25.50 -38.76
N THR B 312 44.93 -26.50 -39.58
CA THR B 312 45.86 -27.60 -39.81
C THR B 312 46.18 -27.80 -41.29
N THR B 313 47.38 -28.33 -41.56
CA THR B 313 47.84 -28.62 -42.91
C THR B 313 47.18 -29.90 -43.46
N PRO B 314 46.70 -29.86 -44.71
CA PRO B 314 46.00 -31.00 -45.32
C PRO B 314 46.88 -32.24 -45.48
N GLN B 315 46.28 -33.40 -45.30
CA GLN B 315 46.96 -34.68 -45.52
C GLN B 315 46.10 -35.55 -46.41
N ARG B 316 46.73 -36.49 -47.11
CA ARG B 316 46.01 -37.35 -48.04
C ARG B 316 45.10 -38.32 -47.30
N GLU B 317 45.56 -38.76 -46.13
CA GLU B 317 44.83 -39.73 -45.33
C GLU B 317 43.83 -39.03 -44.40
N THR B 318 43.51 -37.77 -44.69
CA THR B 318 42.62 -36.96 -43.85
C THR B 318 41.15 -37.10 -44.25
N VAL B 319 40.35 -37.64 -43.35
CA VAL B 319 38.91 -37.75 -43.55
C VAL B 319 38.20 -36.43 -43.25
N LEU B 320 37.42 -35.96 -44.22
CA LEU B 320 36.64 -34.74 -44.07
C LEU B 320 35.30 -35.04 -43.39
N THR B 321 35.20 -34.69 -42.12
CA THR B 321 33.93 -34.78 -41.41
C THR B 321 32.93 -33.79 -42.03
N GLU B 322 31.65 -33.97 -41.70
CA GLU B 322 30.61 -33.07 -42.17
C GLU B 322 30.79 -31.69 -41.53
N GLN B 323 31.42 -31.67 -40.36
CA GLN B 323 31.64 -30.44 -39.60
C GLN B 323 32.79 -29.59 -40.15
N SER B 324 33.52 -30.15 -41.11
CA SER B 324 34.76 -29.53 -41.61
C SER B 324 34.54 -28.33 -42.52
N LEU B 325 35.56 -27.48 -42.62
CA LEU B 325 35.57 -26.35 -43.54
C LEU B 325 36.87 -26.34 -44.34
N LEU B 326 36.80 -26.42 -45.66
CA LEU B 326 38.00 -26.48 -46.49
C LEU B 326 38.38 -25.11 -47.06
N VAL B 327 39.57 -24.61 -46.72
CA VAL B 327 40.05 -23.38 -47.34
C VAL B 327 40.63 -23.69 -48.72
N LEU B 328 40.60 -22.73 -49.64
CA LEU B 328 41.04 -22.98 -51.00
C LEU B 328 41.84 -21.83 -51.60
N ALA B 329 42.46 -22.11 -52.74
CA ALA B 329 43.22 -21.11 -53.49
C ALA B 329 43.40 -21.57 -54.93
N GLY B 330 42.94 -20.76 -55.87
CA GLY B 330 43.06 -21.08 -57.28
C GLY B 330 42.32 -20.08 -58.14
N THR B 331 42.47 -20.23 -59.45
CA THR B 331 41.89 -19.30 -60.41
C THR B 331 40.35 -19.34 -60.40
N LYS B 332 39.75 -18.46 -61.18
CA LYS B 332 38.29 -18.34 -61.22
C LYS B 332 37.63 -19.54 -61.91
N SER B 333 38.36 -20.17 -62.82
CA SER B 333 37.87 -21.35 -63.52
C SER B 333 38.18 -22.62 -62.74
N GLN B 334 39.04 -22.50 -61.73
CA GLN B 334 39.37 -23.62 -60.86
C GLN B 334 38.33 -23.77 -59.75
N LEU B 335 37.93 -22.66 -59.14
CA LEU B 335 36.87 -22.67 -58.14
C LEU B 335 35.57 -23.16 -58.76
N ALA B 336 35.34 -22.78 -60.01
CA ALA B 336 34.14 -23.13 -60.75
C ALA B 336 33.94 -24.63 -60.83
N ALA B 337 35.05 -25.35 -60.87
CA ALA B 337 35.04 -26.80 -60.99
C ALA B 337 34.56 -27.49 -59.72
N LEU B 338 34.49 -26.75 -58.62
CA LEU B 338 34.03 -27.32 -57.36
C LEU B 338 32.57 -26.95 -57.04
N GLU B 339 31.99 -26.07 -57.86
CA GLU B 339 30.58 -25.72 -57.75
C GLU B 339 29.72 -26.69 -58.56
N TYR B 340 30.38 -27.72 -59.08
CA TYR B 340 29.73 -28.75 -59.88
C TYR B 340 30.10 -30.13 -59.34
N LEU B 341 31.15 -30.19 -58.51
CA LEU B 341 31.56 -31.43 -57.87
C LEU B 341 30.88 -31.66 -56.52
N ILE B 342 29.88 -30.84 -56.23
CA ILE B 342 29.09 -30.98 -55.00
C ILE B 342 27.68 -31.57 -55.19
N GLY B 343 26.85 -31.03 -56.10
CA GLY B 343 27.13 -29.87 -56.93
C GLY B 343 25.82 -29.30 -57.46
N GLU B 344 24.72 -29.91 -57.01
CA GLU B 344 23.37 -29.51 -57.39
C GLU B 344 22.59 -28.97 -56.20
N ALA B 345 21.92 -27.84 -56.40
CA ALA B 345 21.15 -27.20 -55.34
C ALA B 345 19.84 -27.95 -55.06
N PRO B 346 19.50 -28.12 -53.79
CA PRO B 346 18.23 -28.77 -53.44
C PRO B 346 17.02 -27.89 -53.77
N GLU B 347 15.95 -28.52 -54.22
CA GLU B 347 14.71 -27.82 -54.54
C GLU B 347 14.04 -27.32 -53.27
N ASP B 348 13.22 -26.27 -53.39
CA ASP B 348 12.48 -25.76 -52.25
C ASP B 348 13.41 -25.45 -51.09
N GLU B 349 14.30 -24.48 -51.28
CA GLU B 349 15.15 -24.02 -50.18
C GLU B 349 14.47 -22.86 -49.46
N LEU B 350 14.55 -22.86 -48.14
CA LEU B 350 13.90 -21.83 -47.32
C LEU B 350 14.52 -21.80 -45.92
N ILE B 351 15.27 -20.74 -45.62
CA ILE B 351 16.01 -20.64 -44.37
C ILE B 351 15.44 -19.64 -43.36
N PHE B 352 15.04 -20.13 -42.21
CA PHE B 352 14.62 -19.24 -41.13
C PHE B 352 15.82 -18.65 -40.45
N ILE B 353 15.87 -17.32 -40.36
CA ILE B 353 16.88 -16.65 -39.56
C ILE B 353 16.22 -16.01 -38.36
N ILE B 354 16.38 -16.65 -37.20
CA ILE B 354 15.75 -16.19 -35.99
C ILE B 354 16.69 -15.23 -35.26
N GLY B 355 16.41 -13.95 -35.36
CA GLY B 355 17.28 -12.93 -34.76
C GLY B 355 17.76 -11.94 -35.81
N HIS B 356 17.38 -10.69 -35.63
CA HIS B 356 17.66 -9.65 -36.60
C HIS B 356 18.66 -8.64 -36.04
N GLY B 357 19.72 -9.15 -35.42
CA GLY B 357 20.80 -8.29 -34.93
C GLY B 357 21.58 -7.75 -36.10
N ARG B 358 22.81 -7.31 -35.86
CA ARG B 358 23.65 -6.90 -36.97
C ARG B 358 24.13 -8.15 -37.69
N ILE B 359 24.16 -9.26 -36.96
CA ILE B 359 24.66 -10.54 -37.50
C ILE B 359 23.59 -11.26 -38.33
N GLY B 360 22.43 -11.47 -37.74
CA GLY B 360 21.32 -12.09 -38.46
C GLY B 360 20.97 -11.31 -39.71
N CYS B 361 21.13 -10.00 -39.62
CA CYS B 361 20.93 -9.10 -40.74
C CYS B 361 22.06 -9.25 -41.74
N ALA B 362 23.28 -9.43 -41.23
CA ALA B 362 24.43 -9.66 -42.09
C ALA B 362 24.29 -10.99 -42.82
N ALA B 363 23.82 -12.00 -42.09
CA ALA B 363 23.62 -13.33 -42.65
C ALA B 363 22.54 -13.29 -43.71
N ALA B 364 21.49 -12.51 -43.47
CA ALA B 364 20.41 -12.37 -44.43
C ALA B 364 20.88 -11.59 -45.65
N ALA B 365 21.79 -10.65 -45.42
CA ALA B 365 22.38 -9.91 -46.54
C ALA B 365 23.25 -10.86 -47.34
N PHE B 366 23.86 -11.84 -46.66
CA PHE B 366 24.69 -12.84 -47.32
C PHE B 366 23.86 -13.81 -48.18
N LEU B 367 22.79 -14.35 -47.60
CA LEU B 367 21.93 -15.28 -48.31
C LEU B 367 21.18 -14.58 -49.43
N ASP B 368 21.29 -13.26 -49.46
CA ASP B 368 20.75 -12.45 -50.54
C ASP B 368 21.73 -12.45 -51.69
N ARG B 369 23.01 -12.31 -51.36
CA ARG B 369 24.07 -12.20 -52.36
C ARG B 369 24.12 -13.41 -53.29
N LYS B 370 23.93 -14.60 -52.72
CA LYS B 370 23.71 -15.80 -53.52
C LYS B 370 22.28 -16.33 -53.29
N PRO B 371 21.30 -15.73 -53.99
CA PRO B 371 19.84 -15.86 -53.81
C PRO B 371 19.32 -17.16 -53.21
N VAL B 372 19.10 -17.15 -51.89
CA VAL B 372 18.37 -18.20 -51.20
C VAL B 372 17.30 -17.54 -50.34
N PRO B 373 16.03 -17.89 -50.57
CA PRO B 373 14.92 -17.24 -49.84
C PRO B 373 14.89 -17.62 -48.37
N PHE B 374 14.67 -16.61 -47.54
CA PHE B 374 14.71 -16.78 -46.08
C PHE B 374 13.62 -15.98 -45.40
N ILE B 375 13.42 -16.27 -44.11
CA ILE B 375 12.50 -15.49 -43.29
C ILE B 375 13.21 -14.92 -42.07
N LEU B 376 13.21 -13.59 -41.98
CA LEU B 376 13.77 -12.92 -40.81
C LEU B 376 12.72 -12.77 -39.73
N ILE B 377 12.95 -13.43 -38.60
CA ILE B 377 12.02 -13.35 -37.47
C ILE B 377 12.63 -12.59 -36.30
N ASP B 378 11.90 -11.64 -35.74
CA ASP B 378 12.35 -10.93 -34.54
C ASP B 378 11.19 -10.40 -33.68
N ARG B 379 11.50 -9.62 -32.66
CA ARG B 379 10.46 -9.08 -31.79
C ARG B 379 10.15 -7.63 -32.11
N GLN B 380 11.19 -6.80 -32.12
CA GLN B 380 11.04 -5.39 -32.47
C GLN B 380 11.74 -5.14 -33.80
N GLU B 381 11.51 -3.97 -34.38
CA GLU B 381 12.16 -3.66 -35.64
C GLU B 381 13.58 -3.20 -35.42
N SER B 382 14.45 -3.53 -36.36
CA SER B 382 15.87 -3.21 -36.26
C SER B 382 16.06 -1.70 -36.36
N PRO B 383 16.73 -1.13 -35.36
CA PRO B 383 17.03 0.31 -35.39
C PRO B 383 17.99 0.69 -36.50
N VAL B 384 18.64 -0.30 -37.12
CA VAL B 384 19.66 -0.02 -38.14
C VAL B 384 19.24 -0.34 -39.57
N CYS B 385 18.39 -1.34 -39.75
CA CYS B 385 18.07 -1.80 -41.10
C CYS B 385 16.68 -1.44 -41.61
N ASN B 386 16.63 -0.78 -42.77
CA ASN B 386 15.37 -0.45 -43.42
C ASN B 386 15.20 -1.20 -44.73
N ASP B 387 16.11 -2.13 -45.00
CA ASP B 387 16.11 -2.86 -46.27
C ASP B 387 15.77 -4.35 -46.12
N HIS B 388 15.51 -4.80 -44.90
CA HIS B 388 15.10 -6.18 -44.68
C HIS B 388 13.69 -6.25 -44.11
N VAL B 389 12.81 -6.97 -44.80
CA VAL B 389 11.46 -7.20 -44.28
C VAL B 389 11.53 -8.27 -43.18
N VAL B 390 10.93 -7.98 -42.04
CA VAL B 390 11.00 -8.86 -40.87
C VAL B 390 9.61 -9.32 -40.45
N VAL B 391 9.50 -10.61 -40.10
CA VAL B 391 8.30 -11.14 -39.48
C VAL B 391 8.38 -10.88 -37.99
N TYR B 392 7.47 -10.06 -37.48
CA TYR B 392 7.54 -9.64 -36.09
C TYR B 392 6.70 -10.55 -35.19
N GLY B 393 7.29 -10.96 -34.07
CA GLY B 393 6.61 -11.83 -33.12
C GLY B 393 7.59 -12.62 -32.27
N ASP B 394 7.24 -12.85 -31.01
CA ASP B 394 8.10 -13.57 -30.07
C ASP B 394 8.19 -15.05 -30.46
N ALA B 395 9.42 -15.50 -30.75
CA ALA B 395 9.62 -16.89 -31.18
C ALA B 395 9.51 -17.90 -30.03
N THR B 396 9.77 -17.44 -28.81
CA THR B 396 9.66 -18.28 -27.61
C THR B 396 8.19 -18.66 -27.31
N VAL B 397 7.28 -17.73 -27.59
CA VAL B 397 5.87 -17.92 -27.26
C VAL B 397 5.07 -18.66 -28.33
N GLY B 398 4.90 -19.97 -28.15
CA GLY B 398 3.97 -20.76 -28.92
C GLY B 398 4.14 -20.88 -30.42
N GLN B 399 3.01 -20.86 -31.12
CA GLN B 399 2.92 -21.19 -32.55
C GLN B 399 3.53 -20.13 -33.47
N THR B 400 4.44 -19.30 -32.97
CA THR B 400 4.97 -18.19 -33.75
C THR B 400 5.78 -18.66 -34.95
N LEU B 401 6.64 -19.66 -34.72
CA LEU B 401 7.46 -20.20 -35.81
C LEU B 401 6.62 -21.01 -36.79
N ARG B 402 5.64 -21.75 -36.28
CA ARG B 402 4.80 -22.57 -37.15
C ARG B 402 3.80 -21.75 -37.96
N GLN B 403 3.42 -20.57 -37.46
CA GLN B 403 2.50 -19.71 -38.19
C GLN B 403 3.21 -19.05 -39.37
N ALA B 404 4.53 -18.95 -39.22
CA ALA B 404 5.40 -18.51 -40.30
C ALA B 404 5.72 -19.69 -41.22
N GLY B 405 5.50 -20.90 -40.71
CA GLY B 405 5.68 -22.10 -41.50
C GLY B 405 7.09 -22.68 -41.42
N ILE B 406 7.50 -23.01 -40.21
CA ILE B 406 8.83 -23.58 -39.96
C ILE B 406 8.90 -25.00 -40.52
N ASP B 407 7.79 -25.44 -41.09
CA ASP B 407 7.64 -26.80 -41.58
C ASP B 407 8.27 -26.99 -42.97
N ARG B 408 8.09 -26.01 -43.85
CA ARG B 408 8.64 -26.10 -45.19
C ARG B 408 10.02 -25.45 -45.28
N ALA B 409 10.66 -25.32 -44.11
CA ALA B 409 11.98 -24.71 -44.02
C ALA B 409 13.08 -25.74 -44.21
N SER B 410 14.16 -25.33 -44.88
CA SER B 410 15.29 -26.22 -45.12
C SER B 410 16.45 -25.89 -44.20
N GLY B 411 16.28 -24.86 -43.37
CA GLY B 411 17.34 -24.44 -42.47
C GLY B 411 16.90 -23.38 -41.48
N ILE B 412 17.35 -23.54 -40.25
CA ILE B 412 17.12 -22.56 -39.21
C ILE B 412 18.46 -22.01 -38.77
N ILE B 413 18.60 -20.68 -38.82
CA ILE B 413 19.77 -20.04 -38.27
C ILE B 413 19.33 -19.34 -36.99
N VAL B 414 19.77 -19.84 -35.84
CA VAL B 414 19.36 -19.21 -34.60
C VAL B 414 20.39 -18.18 -34.10
N THR B 415 20.02 -16.90 -34.19
CA THR B 415 20.94 -15.77 -33.94
C THR B 415 20.40 -14.75 -32.92
N THR B 416 20.28 -15.18 -31.66
CA THR B 416 19.91 -14.28 -30.58
C THR B 416 21.19 -13.85 -29.90
N ASN B 417 21.18 -12.70 -29.22
CA ASN B 417 22.36 -12.27 -28.49
C ASN B 417 22.40 -12.86 -27.09
N ASP B 418 21.44 -13.74 -26.80
CA ASP B 418 21.49 -14.53 -25.58
C ASP B 418 21.67 -16.01 -25.89
N ASP B 419 22.73 -16.59 -25.34
CA ASP B 419 23.07 -17.99 -25.58
C ASP B 419 22.03 -18.94 -25.00
N SER B 420 21.54 -18.64 -23.79
CA SER B 420 20.55 -19.48 -23.14
C SER B 420 19.28 -19.58 -23.97
N THR B 421 18.96 -18.52 -24.69
CA THR B 421 17.77 -18.50 -25.53
C THR B 421 18.05 -19.28 -26.80
N ASN B 422 19.20 -19.02 -27.41
CA ASN B 422 19.67 -19.80 -28.55
C ASN B 422 19.62 -21.31 -28.31
N ILE B 423 20.18 -21.73 -27.18
CA ILE B 423 20.09 -23.10 -26.74
C ILE B 423 18.65 -23.59 -26.70
N PHE B 424 17.78 -22.79 -26.11
CA PHE B 424 16.39 -23.19 -25.92
C PHE B 424 15.59 -23.24 -27.20
N LEU B 425 16.08 -22.55 -28.24
CA LEU B 425 15.45 -22.59 -29.56
C LEU B 425 15.96 -23.79 -30.32
N THR B 426 17.29 -23.89 -30.41
CA THR B 426 17.95 -25.05 -30.97
C THR B 426 17.39 -26.31 -30.36
N LEU B 427 17.18 -26.29 -29.05
CA LEU B 427 16.58 -27.42 -28.37
C LEU B 427 15.13 -27.61 -28.83
N ALA B 428 14.45 -26.51 -29.08
CA ALA B 428 13.03 -26.56 -29.45
C ALA B 428 12.85 -26.96 -30.90
N CYS B 429 13.73 -26.47 -31.76
CA CYS B 429 13.64 -26.78 -33.18
C CYS B 429 14.00 -28.24 -33.45
N ARG B 430 15.16 -28.65 -32.99
CA ARG B 430 15.64 -30.02 -33.17
C ARG B 430 14.63 -31.06 -32.66
N HIS B 431 13.95 -30.74 -31.58
CA HIS B 431 12.83 -31.56 -31.10
C HIS B 431 11.78 -31.61 -32.20
N LEU B 432 11.45 -30.44 -32.75
CA LEU B 432 10.37 -30.31 -33.73
C LEU B 432 10.72 -30.81 -35.13
N HIS B 433 12.00 -30.99 -35.39
CA HIS B 433 12.44 -31.38 -36.72
C HIS B 433 13.87 -31.90 -36.68
N SER B 434 14.01 -33.21 -36.72
CA SER B 434 15.29 -33.83 -36.45
C SER B 434 16.28 -33.71 -37.61
N HIS B 435 15.78 -33.60 -38.83
CA HIS B 435 16.66 -33.71 -39.99
C HIS B 435 17.12 -32.38 -40.59
N ILE B 436 16.52 -31.27 -40.15
CA ILE B 436 16.85 -29.98 -40.78
C ILE B 436 18.11 -29.31 -40.22
N ARG B 437 18.82 -28.63 -41.11
CA ARG B 437 20.09 -27.99 -40.78
C ARG B 437 19.92 -26.80 -39.83
N ILE B 438 20.40 -26.96 -38.59
CA ILE B 438 20.31 -25.89 -37.60
C ILE B 438 21.68 -25.29 -37.27
N VAL B 439 21.86 -24.03 -37.63
CA VAL B 439 23.09 -23.32 -37.29
C VAL B 439 22.83 -22.32 -36.18
N ALA B 440 23.54 -22.45 -35.07
CA ALA B 440 23.38 -21.50 -33.97
C ALA B 440 24.60 -20.61 -33.78
N ARG B 441 24.46 -19.61 -32.92
CA ARG B 441 25.52 -18.65 -32.67
C ARG B 441 25.79 -18.57 -31.19
N ALA B 442 27.06 -18.66 -30.83
CA ALA B 442 27.45 -18.66 -29.42
C ALA B 442 28.28 -17.43 -29.06
N ASN B 443 27.65 -16.47 -28.38
CA ASN B 443 28.31 -15.25 -27.95
C ASN B 443 29.50 -15.61 -27.08
N GLY B 444 29.19 -16.10 -25.88
CA GLY B 444 30.21 -16.63 -24.98
C GLY B 444 30.53 -18.04 -25.38
N GLU B 445 31.81 -18.37 -25.42
CA GLU B 445 32.25 -19.67 -25.89
C GLU B 445 32.06 -20.75 -24.84
N GLU B 446 31.54 -20.36 -23.69
CA GLU B 446 31.22 -21.33 -22.64
C GLU B 446 29.97 -22.12 -23.00
N ASN B 447 29.14 -21.55 -23.88
CA ASN B 447 27.87 -22.14 -24.31
C ASN B 447 27.91 -22.91 -25.64
N VAL B 448 29.08 -22.94 -26.28
CA VAL B 448 29.24 -23.63 -27.57
C VAL B 448 28.87 -25.11 -27.50
N ASP B 449 29.36 -25.78 -26.45
CA ASP B 449 29.15 -27.21 -26.30
C ASP B 449 27.69 -27.53 -26.14
N GLN B 450 26.95 -26.58 -25.57
CA GLN B 450 25.55 -26.80 -25.23
C GLN B 450 24.62 -26.59 -26.42
N LEU B 451 25.03 -25.78 -27.37
CA LEU B 451 24.26 -25.59 -28.59
C LEU B 451 24.36 -26.83 -29.46
N TYR B 452 25.53 -27.43 -29.47
CA TYR B 452 25.71 -28.72 -30.13
C TYR B 452 24.82 -29.74 -29.44
N ALA B 453 24.97 -29.86 -28.12
CA ALA B 453 24.19 -30.80 -27.33
C ALA B 453 22.68 -30.58 -27.43
N ALA B 454 22.27 -29.38 -27.83
CA ALA B 454 20.85 -29.10 -28.03
C ALA B 454 20.43 -29.61 -29.40
N GLY B 455 21.34 -29.55 -30.36
CA GLY B 455 21.12 -30.13 -31.66
C GLY B 455 21.70 -29.35 -32.83
N ALA B 456 22.47 -28.31 -32.54
CA ALA B 456 23.03 -27.48 -33.61
C ALA B 456 23.98 -28.29 -34.49
N ASP B 457 23.76 -28.25 -35.80
CA ASP B 457 24.62 -28.96 -36.72
C ASP B 457 25.98 -28.29 -36.82
N PHE B 458 26.00 -26.99 -36.62
CA PHE B 458 27.26 -26.26 -36.49
C PHE B 458 27.05 -25.05 -35.58
N VAL B 459 28.07 -24.71 -34.80
CA VAL B 459 27.99 -23.57 -33.89
C VAL B 459 29.08 -22.55 -34.22
N VAL B 460 28.67 -21.29 -34.43
CA VAL B 460 29.64 -20.21 -34.65
C VAL B 460 29.87 -19.40 -33.38
N SER B 461 30.97 -19.71 -32.68
CA SER B 461 31.33 -18.97 -31.47
C SER B 461 31.84 -17.57 -31.77
N ASN B 462 31.15 -16.55 -31.28
CA ASN B 462 31.58 -15.17 -31.47
C ASN B 462 32.98 -14.94 -30.93
N ALA B 463 33.15 -15.14 -29.63
CA ALA B 463 34.41 -14.92 -28.94
C ALA B 463 35.58 -15.59 -29.65
N SER B 464 35.39 -16.84 -30.07
CA SER B 464 36.44 -17.64 -30.70
C SER B 464 36.86 -17.10 -32.07
N VAL B 465 35.87 -16.84 -32.92
CA VAL B 465 36.12 -16.33 -34.25
C VAL B 465 36.72 -14.93 -34.20
N GLY B 466 36.28 -14.14 -33.23
CA GLY B 466 36.82 -12.81 -33.04
C GLY B 466 38.29 -12.83 -32.64
N ALA B 467 38.59 -13.53 -31.54
CA ALA B 467 39.95 -13.63 -31.03
C ALA B 467 40.92 -14.13 -32.11
N ASN B 468 40.51 -15.14 -32.86
CA ASN B 468 41.35 -15.73 -33.90
C ASN B 468 41.75 -14.74 -34.98
N ILE B 469 40.86 -13.82 -35.31
CA ILE B 469 41.10 -12.81 -36.33
C ILE B 469 42.05 -11.74 -35.80
N LEU B 470 41.71 -11.17 -34.64
CA LEU B 470 42.53 -10.16 -33.99
C LEU B 470 43.90 -10.73 -33.65
N GLY B 471 43.90 -11.93 -33.05
CA GLY B 471 45.13 -12.61 -32.71
C GLY B 471 46.07 -12.76 -33.88
N ASN B 472 45.53 -13.25 -35.00
CA ASN B 472 46.33 -13.39 -36.21
C ASN B 472 46.82 -12.04 -36.70
N LEU B 473 45.94 -11.05 -36.70
CA LEU B 473 46.29 -9.70 -37.13
C LEU B 473 47.30 -9.05 -36.20
N LEU B 474 47.44 -9.60 -34.99
CA LEU B 474 48.33 -9.03 -33.98
C LEU B 474 49.76 -9.56 -34.08
N GLU B 475 49.92 -10.85 -34.35
CA GLU B 475 51.25 -11.42 -34.47
C GLU B 475 51.74 -11.49 -35.92
N HIS B 476 50.83 -11.25 -36.86
CA HIS B 476 51.22 -11.08 -38.25
C HIS B 476 51.52 -9.60 -38.49
N LYS B 477 51.34 -8.79 -37.46
CA LYS B 477 51.55 -7.35 -37.54
C LYS B 477 53.00 -6.96 -37.89
N GLU B 478 53.85 -7.95 -38.15
CA GLU B 478 55.12 -7.63 -38.80
C GLU B 478 54.92 -7.41 -40.31
N SER B 479 53.94 -8.10 -40.90
CA SER B 479 53.67 -7.98 -42.33
C SER B 479 52.17 -8.00 -42.68
N ALA B 480 51.33 -7.61 -41.73
CA ALA B 480 49.88 -7.55 -41.94
C ALA B 480 49.51 -6.34 -42.80
N PHE B 481 50.09 -5.19 -42.49
CA PHE B 481 49.96 -4.01 -43.33
C PHE B 481 50.79 -4.16 -44.60
N LEU B 482 51.75 -5.07 -44.55
CA LEU B 482 52.45 -5.51 -45.76
C LEU B 482 51.46 -6.31 -46.59
N SER B 483 50.92 -7.39 -46.02
CA SER B 483 49.90 -8.20 -46.69
C SER B 483 48.71 -7.36 -47.19
N GLU B 484 48.36 -6.33 -46.44
CA GLU B 484 47.35 -5.36 -46.89
C GLU B 484 47.87 -4.59 -48.11
N GLY B 485 47.02 -4.41 -49.11
CA GLY B 485 47.39 -3.72 -50.33
C GLY B 485 48.34 -4.52 -51.20
N MET B 486 48.31 -5.84 -51.04
CA MET B 486 49.14 -6.74 -51.83
C MET B 486 48.31 -7.82 -52.52
N ALA B 487 48.92 -8.52 -53.45
CA ALA B 487 48.26 -9.62 -54.14
C ALA B 487 49.04 -10.93 -53.96
N VAL B 488 48.30 -12.00 -53.70
CA VAL B 488 48.90 -13.33 -53.56
C VAL B 488 48.66 -14.16 -54.83
N PHE B 489 49.67 -14.96 -55.21
CA PHE B 489 49.65 -15.69 -56.48
C PHE B 489 50.23 -17.10 -56.39
N ARG B 490 49.99 -17.91 -57.43
CA ARG B 490 50.57 -19.24 -57.55
C ARG B 490 51.40 -19.37 -58.83
N ARG B 491 52.60 -19.92 -58.70
CA ARG B 491 53.48 -20.10 -59.86
C ARG B 491 54.04 -21.52 -59.94
N PRO B 492 53.79 -22.20 -61.07
CA PRO B 492 54.43 -23.50 -61.34
C PRO B 492 55.95 -23.36 -61.31
N LEU B 493 56.58 -23.96 -60.30
CA LEU B 493 58.03 -23.85 -60.08
C LEU B 493 58.86 -24.10 -61.35
N PRO B 494 59.67 -23.10 -61.74
CA PRO B 494 60.55 -23.21 -62.90
C PRO B 494 61.53 -24.36 -62.77
N PRO B 495 61.60 -25.22 -63.80
CA PRO B 495 62.43 -26.43 -63.83
C PRO B 495 63.91 -26.16 -63.60
N ALA B 496 64.33 -24.91 -63.78
CA ALA B 496 65.72 -24.53 -63.55
C ALA B 496 66.11 -24.64 -62.09
N MET B 497 65.11 -24.48 -61.22
CA MET B 497 65.33 -24.55 -59.78
C MET B 497 64.92 -25.91 -59.21
N ALA B 498 65.00 -26.94 -60.05
CA ALA B 498 64.69 -28.30 -59.61
C ALA B 498 65.86 -28.92 -58.86
N GLY B 499 65.78 -28.89 -57.53
CA GLY B 499 66.81 -29.48 -56.70
C GLY B 499 67.53 -28.44 -55.87
N LYS B 500 67.22 -27.17 -56.12
CA LYS B 500 67.88 -26.05 -55.46
C LYS B 500 67.07 -25.53 -54.28
N THR B 501 67.78 -25.15 -53.22
CA THR B 501 67.18 -24.61 -52.02
C THR B 501 66.45 -23.29 -52.29
N ILE B 502 65.54 -22.90 -51.40
CA ILE B 502 64.95 -21.56 -51.45
C ILE B 502 66.05 -20.53 -51.16
N ALA B 503 66.92 -20.87 -50.22
CA ALA B 503 68.04 -20.00 -49.86
C ALA B 503 69.10 -19.96 -50.94
N GLU B 504 69.43 -21.12 -51.49
CA GLU B 504 70.41 -21.19 -52.59
C GLU B 504 69.93 -20.47 -53.85
N THR B 505 68.63 -20.61 -54.16
CA THR B 505 68.02 -19.90 -55.28
C THR B 505 68.13 -18.39 -55.09
N ARG B 506 68.03 -17.96 -53.83
CA ARG B 506 68.01 -16.54 -53.48
C ARG B 506 66.90 -15.80 -54.21
N LEU B 507 65.66 -16.20 -53.97
CA LEU B 507 64.53 -15.63 -54.70
C LEU B 507 64.14 -14.23 -54.22
N ARG B 508 64.07 -14.04 -52.90
CA ARG B 508 63.66 -12.74 -52.34
C ARG B 508 64.59 -11.55 -52.63
N PRO B 509 65.93 -11.74 -52.53
CA PRO B 509 66.78 -10.60 -52.88
C PRO B 509 66.67 -10.23 -54.37
N LEU B 510 66.41 -11.23 -55.21
CA LEU B 510 66.21 -11.00 -56.64
C LEU B 510 64.86 -10.32 -56.90
N THR B 511 63.78 -11.05 -56.61
CA THR B 511 62.43 -10.57 -56.90
C THR B 511 61.87 -9.63 -55.85
N GLY B 512 61.80 -10.11 -54.60
CA GLY B 512 61.15 -9.38 -53.53
C GLY B 512 59.99 -10.18 -52.96
N CYS B 513 59.59 -11.21 -53.70
CA CYS B 513 58.53 -12.10 -53.26
C CYS B 513 59.02 -13.05 -52.18
N SER B 514 58.07 -13.63 -51.45
CA SER B 514 58.39 -14.55 -50.36
C SER B 514 57.57 -15.82 -50.48
N ILE B 515 58.21 -16.97 -50.30
CA ILE B 515 57.53 -18.26 -50.38
C ILE B 515 56.77 -18.59 -49.09
N VAL B 516 55.46 -18.80 -49.22
CA VAL B 516 54.62 -19.13 -48.08
C VAL B 516 54.20 -20.60 -48.14
N ALA B 517 54.28 -21.20 -49.33
CA ALA B 517 53.89 -22.60 -49.49
C ALA B 517 54.47 -23.29 -50.72
N ILE B 518 54.90 -24.53 -50.55
CA ILE B 518 55.35 -25.36 -51.67
C ILE B 518 54.65 -26.71 -51.60
N GLU B 519 53.73 -26.95 -52.54
CA GLU B 519 53.06 -28.24 -52.58
C GLU B 519 53.76 -29.21 -53.52
N ALA B 520 53.36 -30.47 -53.45
CA ALA B 520 53.94 -31.52 -54.28
C ALA B 520 53.36 -31.47 -55.69
N PRO B 521 54.11 -31.99 -56.68
CA PRO B 521 53.60 -32.05 -58.07
C PRO B 521 52.41 -32.99 -58.22
N ASP B 522 52.45 -34.13 -57.54
CA ASP B 522 51.39 -35.13 -57.61
C ASP B 522 50.90 -35.50 -56.21
N ARG B 523 50.30 -34.55 -55.51
CA ARG B 523 49.75 -34.76 -54.17
C ARG B 523 48.84 -33.59 -53.77
N ALA B 524 47.89 -33.87 -52.88
CA ALA B 524 47.03 -32.83 -52.32
C ALA B 524 47.68 -32.23 -51.07
N ASP B 525 48.84 -32.76 -50.71
CA ASP B 525 49.60 -32.30 -49.56
C ASP B 525 50.34 -31.00 -49.88
N ILE B 526 50.44 -30.12 -48.88
CA ILE B 526 51.16 -28.86 -49.06
C ILE B 526 52.08 -28.59 -47.87
N LEU B 527 53.25 -28.01 -48.16
CA LEU B 527 54.16 -27.54 -47.12
C LEU B 527 54.00 -26.03 -46.99
N ILE B 528 53.53 -25.58 -45.84
CA ILE B 528 53.22 -24.17 -45.64
C ILE B 528 54.27 -23.48 -44.76
N SER B 529 54.62 -22.25 -45.13
CA SER B 529 55.73 -21.50 -44.52
C SER B 529 57.03 -22.29 -44.48
N PRO B 530 57.55 -22.71 -45.66
CA PRO B 530 58.76 -23.54 -45.68
C PRO B 530 59.99 -22.78 -45.15
N PRO B 531 60.85 -23.47 -44.39
CA PRO B 531 62.09 -22.90 -43.85
C PRO B 531 63.06 -22.56 -44.97
N PRO B 532 64.05 -21.69 -44.69
CA PRO B 532 65.00 -21.26 -45.74
C PRO B 532 65.83 -22.40 -46.31
N GLU B 533 65.94 -23.50 -45.59
CA GLU B 533 66.80 -24.62 -45.99
C GLU B 533 66.08 -25.66 -46.86
N THR B 534 64.87 -25.33 -47.33
CA THR B 534 64.04 -26.24 -48.12
C THR B 534 64.58 -26.48 -49.53
N ILE B 535 64.90 -27.73 -49.84
CA ILE B 535 65.31 -28.11 -51.19
C ILE B 535 64.09 -28.32 -52.10
N LEU B 536 64.01 -27.53 -53.18
CA LEU B 536 62.87 -27.58 -54.09
C LEU B 536 62.73 -28.92 -54.80
N ALA B 537 61.62 -29.10 -55.52
CA ALA B 537 61.37 -30.32 -56.28
C ALA B 537 60.85 -30.01 -57.68
N GLU B 538 60.79 -31.03 -58.53
CA GLU B 538 60.30 -30.86 -59.89
C GLU B 538 58.78 -30.99 -59.96
N GLY B 539 58.13 -29.95 -60.47
CA GLY B 539 56.68 -29.95 -60.62
C GLY B 539 55.96 -29.34 -59.43
N ALA B 540 56.68 -29.22 -58.31
CA ALA B 540 56.13 -28.67 -57.07
C ALA B 540 55.54 -27.29 -57.31
N ARG B 541 54.28 -27.09 -56.92
CA ARG B 541 53.59 -25.85 -57.26
C ARG B 541 53.75 -24.79 -56.16
N LEU B 542 54.34 -23.66 -56.54
CA LEU B 542 54.62 -22.58 -55.61
C LEU B 542 53.42 -21.65 -55.44
N ILE B 543 53.27 -21.12 -54.24
CA ILE B 543 52.28 -20.07 -53.97
C ILE B 543 52.90 -19.02 -53.05
N LEU B 544 53.06 -17.80 -53.57
CA LEU B 544 53.85 -16.77 -52.88
C LEU B 544 53.05 -15.50 -52.57
N ILE B 545 53.61 -14.62 -51.74
CA ILE B 545 53.01 -13.31 -51.46
C ILE B 545 54.00 -12.15 -51.60
N GLY B 546 53.66 -11.20 -52.45
CA GLY B 546 54.45 -9.99 -52.61
C GLY B 546 53.52 -8.86 -52.99
N THR B 547 54.09 -7.75 -53.48
CA THR B 547 53.28 -6.64 -53.98
C THR B 547 52.67 -7.05 -55.31
N SER B 548 51.71 -6.26 -55.80
CA SER B 548 51.15 -6.47 -57.12
C SER B 548 52.28 -6.41 -58.12
N GLU B 549 53.16 -5.43 -57.93
CA GLU B 549 54.27 -5.12 -58.84
C GLU B 549 55.47 -6.06 -58.63
N GLN B 550 55.48 -6.77 -57.51
CA GLN B 550 56.53 -7.74 -57.23
C GLN B 550 56.21 -9.09 -57.87
N GLU B 551 54.92 -9.41 -57.94
CA GLU B 551 54.45 -10.54 -58.72
C GLU B 551 54.83 -10.29 -60.17
N LYS B 552 54.91 -9.01 -60.53
CA LYS B 552 55.29 -8.62 -61.88
C LYS B 552 56.78 -8.84 -62.15
N THR B 553 57.64 -8.06 -61.48
CA THR B 553 59.08 -8.15 -61.70
C THR B 553 59.65 -9.54 -61.36
N PHE B 554 58.85 -10.38 -60.73
CA PHE B 554 59.19 -11.77 -60.45
C PHE B 554 59.62 -12.51 -61.72
N ASP B 555 58.78 -12.45 -62.75
CA ASP B 555 59.00 -13.23 -63.96
C ASP B 555 60.33 -12.93 -64.68
N GLN B 556 60.90 -11.75 -64.43
CA GLN B 556 62.27 -11.45 -64.89
C GLN B 556 63.29 -12.20 -64.10
N THR B 557 63.31 -11.94 -62.79
CA THR B 557 64.39 -12.39 -61.93
C THR B 557 64.48 -13.93 -61.91
N ILE B 558 63.48 -14.58 -62.50
CA ILE B 558 63.55 -15.98 -62.87
C ILE B 558 64.26 -16.11 -64.23
N ALA B 559 63.93 -15.22 -65.17
CA ALA B 559 64.53 -15.24 -66.51
C ALA B 559 65.96 -14.70 -66.47
N ALA B 560 66.21 -13.74 -65.57
CA ALA B 560 67.56 -13.24 -65.35
C ALA B 560 68.45 -14.34 -64.77
N ARG B 561 68.06 -14.86 -63.61
CA ARG B 561 68.73 -16.01 -63.00
C ARG B 561 67.84 -16.68 -61.95
N ASN C 16 -34.20 0.56 50.99
CA ASN C 16 -33.61 -0.70 51.43
C ASN C 16 -32.19 -0.52 51.98
N LEU C 17 -31.46 0.45 51.44
CA LEU C 17 -30.10 0.74 51.92
C LEU C 17 -30.13 1.36 53.31
N LYS C 18 -31.08 2.25 53.52
CA LYS C 18 -31.26 2.89 54.83
C LYS C 18 -31.50 1.84 55.91
N VAL C 19 -32.44 0.93 55.66
CA VAL C 19 -32.72 -0.15 56.60
C VAL C 19 -31.45 -0.95 56.89
N LEU C 20 -30.54 -1.03 55.92
CA LEU C 20 -29.28 -1.75 56.11
C LEU C 20 -28.34 -1.07 57.11
N LEU C 21 -27.87 0.13 56.79
CA LEU C 21 -26.87 0.76 57.65
C LEU C 21 -27.49 1.42 58.88
N LEU C 22 -28.82 1.43 58.96
CA LEU C 22 -29.50 1.72 60.22
C LEU C 22 -29.21 0.56 61.17
N TYR C 23 -29.26 -0.64 60.61
CA TYR C 23 -29.02 -1.84 61.37
C TYR C 23 -27.54 -2.01 61.68
N CYS C 24 -26.69 -1.37 60.88
CA CYS C 24 -25.25 -1.38 61.15
C CYS C 24 -24.91 -0.44 62.31
N ALA C 25 -25.66 0.66 62.41
CA ALA C 25 -25.49 1.60 63.51
C ALA C 25 -25.87 0.93 64.83
N PHE C 26 -26.93 0.13 64.80
CA PHE C 26 -27.36 -0.63 65.96
C PHE C 26 -26.31 -1.66 66.36
N LEU C 27 -25.70 -2.29 65.37
CA LEU C 27 -24.69 -3.31 65.61
C LEU C 27 -23.44 -2.71 66.25
N LEU C 28 -23.01 -1.56 65.76
CA LEU C 28 -21.85 -0.87 66.31
C LEU C 28 -22.12 -0.37 67.72
N VAL C 29 -23.38 0.00 67.98
CA VAL C 29 -23.81 0.37 69.33
C VAL C 29 -23.74 -0.85 70.23
N MET C 30 -24.23 -1.98 69.73
CA MET C 30 -24.17 -3.23 70.45
C MET C 30 -22.72 -3.57 70.79
N LEU C 31 -21.84 -3.35 69.82
CA LEU C 31 -20.41 -3.56 69.99
C LEU C 31 -19.85 -2.70 71.13
N LEU C 32 -19.89 -1.39 70.95
CA LEU C 32 -19.32 -0.46 71.93
C LEU C 32 -19.92 -0.62 73.33
N ALA C 33 -21.20 -1.00 73.39
CA ALA C 33 -21.86 -1.25 74.66
C ALA C 33 -21.24 -2.47 75.34
N TYR C 34 -21.34 -3.61 74.66
CA TYR C 34 -20.78 -4.87 75.17
C TYR C 34 -19.31 -4.79 75.58
N ALA C 35 -18.50 -4.18 74.73
CA ALA C 35 -17.06 -4.02 74.99
C ALA C 35 -16.80 -3.23 76.26
N SER C 36 -17.79 -2.50 76.73
CA SER C 36 -17.62 -1.71 77.93
C SER C 36 -18.25 -2.40 79.12
N ILE C 37 -19.37 -3.08 78.89
CA ILE C 37 -19.96 -3.91 79.92
C ILE C 37 -18.95 -4.98 80.33
N PHE C 38 -18.26 -5.52 79.33
CA PHE C 38 -17.25 -6.53 79.57
C PHE C 38 -16.12 -6.00 80.44
N ARG C 39 -15.56 -4.86 80.04
CA ARG C 39 -14.46 -4.25 80.77
C ARG C 39 -14.88 -3.90 82.19
N TYR C 40 -16.17 -3.60 82.35
CA TYR C 40 -16.72 -3.32 83.66
C TYR C 40 -16.72 -4.58 84.49
N LEU C 41 -17.35 -5.63 83.96
CA LEU C 41 -17.45 -6.89 84.66
C LEU C 41 -16.09 -7.47 85.05
N MET C 42 -15.18 -7.53 84.09
CA MET C 42 -13.84 -8.03 84.36
C MET C 42 -13.23 -7.34 85.57
N TRP C 43 -13.50 -6.04 85.68
CA TRP C 43 -13.02 -5.28 86.82
C TRP C 43 -13.85 -5.49 88.08
N HIS C 44 -15.18 -5.41 87.95
CA HIS C 44 -16.05 -5.51 89.12
C HIS C 44 -16.41 -6.94 89.51
N LEU C 45 -16.10 -7.91 88.66
CA LEU C 45 -16.39 -9.30 88.98
C LEU C 45 -15.14 -10.08 89.36
N GLU C 46 -14.06 -9.86 88.62
CA GLU C 46 -12.90 -10.72 88.79
C GLU C 46 -11.60 -9.96 89.04
N GLY C 47 -11.67 -8.64 88.94
CA GLY C 47 -10.53 -7.80 89.25
C GLY C 47 -9.49 -7.83 88.16
N ARG C 48 -9.93 -7.61 86.93
CA ARG C 48 -9.04 -7.53 85.79
C ARG C 48 -9.29 -6.27 85.00
N ALA C 49 -8.32 -5.37 85.01
CA ALA C 49 -8.42 -4.17 84.19
C ALA C 49 -8.01 -4.48 82.76
N TYR C 50 -8.96 -4.33 81.84
CA TYR C 50 -8.70 -4.55 80.43
C TYR C 50 -8.72 -3.24 79.65
N SER C 51 -7.76 -3.09 78.73
CA SER C 51 -7.71 -1.92 77.87
C SER C 51 -8.97 -1.89 77.03
N PHE C 52 -9.32 -0.71 76.51
CA PHE C 52 -10.56 -0.62 75.75
C PHE C 52 -10.51 -1.50 74.53
N MET C 53 -9.39 -1.46 73.82
CA MET C 53 -9.26 -2.27 72.62
C MET C 53 -9.46 -3.75 72.96
N ALA C 54 -9.04 -4.17 74.14
CA ALA C 54 -9.23 -5.56 74.54
C ALA C 54 -10.72 -5.86 74.63
N GLY C 55 -11.50 -4.88 75.07
CA GLY C 55 -12.94 -5.04 75.18
C GLY C 55 -13.61 -5.21 73.84
N ILE C 56 -13.22 -4.36 72.88
CA ILE C 56 -13.66 -4.47 71.51
C ILE C 56 -13.23 -5.83 70.96
N TYR C 57 -11.94 -6.10 71.02
CA TYR C 57 -11.34 -7.34 70.55
C TYR C 57 -12.00 -8.58 71.11
N TRP C 58 -12.32 -8.55 72.40
CA TRP C 58 -13.05 -9.63 73.04
C TRP C 58 -14.44 -9.73 72.43
N THR C 59 -15.18 -8.63 72.51
CA THR C 59 -16.57 -8.59 72.07
C THR C 59 -16.72 -9.05 70.63
N ILE C 60 -15.81 -8.60 69.78
CA ILE C 60 -15.82 -9.03 68.39
C ILE C 60 -15.61 -10.53 68.36
N THR C 61 -14.58 -11.00 69.06
CA THR C 61 -14.17 -12.40 69.07
C THR C 61 -15.30 -13.33 69.53
N VAL C 62 -16.09 -12.85 70.47
CA VAL C 62 -17.20 -13.64 70.97
C VAL C 62 -18.36 -13.68 69.98
N MET C 63 -18.84 -12.51 69.56
CA MET C 63 -20.04 -12.43 68.71
C MET C 63 -19.85 -13.09 67.34
N THR C 64 -18.71 -12.79 66.72
CA THR C 64 -18.32 -13.34 65.42
C THR C 64 -18.10 -14.84 65.53
N THR C 65 -18.29 -15.33 66.72
CA THR C 65 -18.09 -16.73 67.12
C THR C 65 -16.70 -17.29 66.87
N LEU C 66 -15.70 -16.43 66.70
CA LEU C 66 -14.32 -16.90 66.51
C LEU C 66 -13.82 -17.64 67.76
N GLY C 67 -14.09 -17.12 68.94
CA GLY C 67 -13.68 -17.72 70.21
C GLY C 67 -12.23 -18.09 70.49
N PHE C 68 -11.27 -17.19 70.37
CA PHE C 68 -9.88 -17.53 70.73
C PHE C 68 -9.66 -18.24 72.09
N GLY C 69 -10.39 -17.86 73.13
CA GLY C 69 -10.20 -18.49 74.43
C GLY C 69 -9.11 -17.88 75.30
N ASP C 70 -8.37 -16.92 74.78
CA ASP C 70 -7.33 -16.28 75.58
C ASP C 70 -7.87 -15.40 76.73
N ILE C 71 -8.95 -14.67 76.44
CA ILE C 71 -9.65 -13.84 77.44
C ILE C 71 -11.00 -14.46 77.77
N THR C 72 -11.08 -15.14 78.92
CA THR C 72 -12.31 -15.77 79.37
C THR C 72 -12.64 -15.32 80.78
N PHE C 73 -13.89 -15.50 81.17
CA PHE C 73 -14.30 -15.22 82.54
C PHE C 73 -14.04 -16.45 83.44
N GLU C 74 -14.45 -16.37 84.71
CA GLU C 74 -14.32 -17.51 85.62
C GLU C 74 -15.53 -17.60 86.54
N SER C 75 -16.09 -16.45 86.90
CA SER C 75 -17.25 -16.42 87.77
C SER C 75 -18.48 -16.82 86.96
N ASP C 76 -19.48 -17.38 87.63
CA ASP C 76 -20.72 -17.76 86.96
C ASP C 76 -21.35 -16.55 86.29
N ALA C 77 -21.21 -15.39 86.92
CA ALA C 77 -21.74 -14.14 86.40
C ALA C 77 -21.11 -13.83 85.07
N GLY C 78 -19.79 -13.88 85.03
CA GLY C 78 -19.07 -13.74 83.79
C GLY C 78 -19.52 -14.75 82.75
N TYR C 79 -19.87 -15.96 83.19
CA TYR C 79 -20.35 -16.98 82.28
C TYR C 79 -21.63 -16.52 81.60
N LEU C 80 -22.51 -15.95 82.39
CA LEU C 80 -23.82 -15.48 81.92
C LEU C 80 -23.68 -14.41 80.86
N PHE C 81 -22.93 -13.35 81.16
CA PHE C 81 -22.70 -12.26 80.21
C PHE C 81 -22.00 -12.74 78.96
N ALA C 82 -21.13 -13.74 79.10
CA ALA C 82 -20.48 -14.33 77.93
C ALA C 82 -21.49 -15.10 77.08
N SER C 83 -22.33 -15.91 77.75
CA SER C 83 -23.40 -16.65 77.08
C SER C 83 -24.30 -15.69 76.32
N ILE C 84 -24.61 -14.56 76.94
CA ILE C 84 -25.48 -13.54 76.36
C ILE C 84 -24.83 -12.93 75.13
N VAL C 85 -23.60 -12.47 75.27
CA VAL C 85 -22.91 -11.85 74.15
C VAL C 85 -22.76 -12.86 73.01
N THR C 86 -22.59 -14.12 73.37
CA THR C 86 -22.46 -15.18 72.37
C THR C 86 -23.70 -15.29 71.49
N VAL C 87 -24.87 -15.41 72.11
CA VAL C 87 -26.15 -15.53 71.41
C VAL C 87 -26.48 -14.29 70.57
N SER C 88 -26.23 -13.13 71.16
CA SER C 88 -26.39 -11.84 70.48
C SER C 88 -25.55 -11.75 69.23
N GLY C 89 -24.47 -12.53 69.18
CA GLY C 89 -23.68 -12.65 67.96
C GLY C 89 -24.40 -13.53 66.95
N VAL C 90 -25.01 -14.60 67.44
CA VAL C 90 -25.65 -15.55 66.56
C VAL C 90 -26.98 -15.03 66.04
N ILE C 91 -27.63 -14.17 66.82
CA ILE C 91 -28.89 -13.58 66.40
C ILE C 91 -28.68 -12.40 65.43
N PHE C 92 -27.65 -11.59 65.66
CA PHE C 92 -27.50 -10.33 64.93
C PHE C 92 -26.33 -10.25 63.95
N LEU C 93 -25.42 -11.21 64.01
CA LEU C 93 -24.32 -11.25 63.05
C LEU C 93 -24.43 -12.52 62.25
N LEU C 94 -25.23 -13.44 62.75
CA LEU C 94 -25.32 -14.73 62.09
C LEU C 94 -26.66 -14.90 61.39
N ILE C 95 -27.66 -14.15 61.81
CA ILE C 95 -28.97 -14.28 61.20
C ILE C 95 -29.35 -13.04 60.38
N ILE C 96 -29.46 -11.91 61.08
CA ILE C 96 -29.93 -10.67 60.47
C ILE C 96 -28.94 -10.08 59.44
N LEU C 97 -27.67 -9.92 59.83
CA LEU C 97 -26.66 -9.32 58.95
C LEU C 97 -26.38 -10.11 57.66
N PRO C 98 -26.37 -11.45 57.73
CA PRO C 98 -26.33 -12.16 56.44
C PRO C 98 -27.66 -12.09 55.70
N PHE C 99 -28.77 -12.13 56.43
CA PHE C 99 -30.08 -11.95 55.81
C PHE C 99 -30.17 -10.60 55.11
N GLY C 100 -29.89 -9.53 55.85
CA GLY C 100 -29.99 -8.18 55.35
C GLY C 100 -29.09 -7.88 54.17
N PHE C 101 -27.88 -8.42 54.19
CA PHE C 101 -26.97 -8.28 53.06
C PHE C 101 -27.59 -9.02 51.87
N VAL C 102 -28.16 -10.19 52.12
CA VAL C 102 -28.79 -10.97 51.06
C VAL C 102 -30.13 -10.37 50.62
N SER C 103 -30.96 -9.95 51.57
CA SER C 103 -32.30 -9.47 51.27
C SER C 103 -32.35 -8.16 50.49
N MET C 104 -31.37 -7.29 50.72
CA MET C 104 -31.36 -5.99 50.06
C MET C 104 -30.67 -6.08 48.71
N PHE C 105 -29.81 -7.08 48.57
CA PHE C 105 -29.07 -7.28 47.33
C PHE C 105 -29.74 -8.31 46.41
N LEU C 106 -30.17 -9.43 46.97
CA LEU C 106 -30.63 -10.56 46.16
C LEU C 106 -32.09 -10.45 45.75
N ALA C 107 -32.90 -9.82 46.59
CA ALA C 107 -34.32 -9.65 46.28
C ALA C 107 -34.61 -8.84 45.00
N PRO C 108 -33.95 -7.68 44.81
CA PRO C 108 -34.23 -6.92 43.59
C PRO C 108 -34.01 -7.69 42.29
N TRP C 109 -32.93 -8.47 42.23
CA TRP C 109 -32.61 -9.22 41.02
C TRP C 109 -33.66 -10.30 40.74
N ILE C 110 -34.17 -10.90 41.81
CA ILE C 110 -35.09 -12.02 41.65
C ILE C 110 -36.57 -11.63 41.79
N GLU C 111 -36.97 -11.15 42.99
CA GLU C 111 -38.37 -10.77 43.25
C GLU C 111 -39.02 -9.93 42.15
N ARG C 112 -38.23 -9.06 41.54
CA ARG C 112 -38.75 -8.08 40.58
C ARG C 112 -38.73 -8.57 39.13
N ARG C 113 -37.85 -9.51 38.83
CA ARG C 113 -37.86 -10.15 37.52
C ARG C 113 -38.81 -11.33 37.56
N LEU C 114 -38.88 -11.98 38.71
CA LEU C 114 -39.67 -13.19 38.90
C LEU C 114 -41.19 -12.94 38.90
N ARG C 115 -41.62 -11.86 39.54
CA ARG C 115 -43.03 -11.46 39.54
C ARG C 115 -43.16 -9.94 39.70
N TYR C 116 -44.10 -9.34 38.96
CA TYR C 116 -44.24 -7.88 38.98
C TYR C 116 -44.78 -7.35 40.31
N HIS C 117 -44.23 -6.22 40.74
CA HIS C 117 -44.68 -5.52 41.93
C HIS C 117 -45.21 -4.14 41.54
N PRO C 118 -46.23 -4.11 40.67
CA PRO C 118 -46.63 -2.93 39.87
C PRO C 118 -46.61 -1.60 40.63
N THR C 119 -45.82 -0.65 40.13
CA THR C 119 -45.74 0.68 40.74
C THR C 119 -47.06 1.39 40.58
N ILE C 120 -47.69 1.71 41.72
CA ILE C 120 -49.07 2.17 41.72
C ILE C 120 -49.20 3.66 42.03
N GLU C 121 -48.09 4.29 42.39
CA GLU C 121 -48.12 5.65 42.90
C GLU C 121 -46.76 6.33 42.68
N LEU C 122 -46.74 7.65 42.65
CA LEU C 122 -45.49 8.40 42.56
C LEU C 122 -45.11 9.00 43.91
N PRO C 123 -43.80 9.18 44.15
CA PRO C 123 -43.30 9.78 45.40
C PRO C 123 -43.96 11.12 45.71
N ASP C 124 -43.92 11.55 46.98
CA ASP C 124 -44.51 12.82 47.38
C ASP C 124 -43.91 13.99 46.62
N ASP C 125 -42.59 13.99 46.52
CA ASP C 125 -41.83 15.16 46.05
C ASP C 125 -41.74 15.32 44.54
N THR C 126 -42.22 14.33 43.79
CA THR C 126 -42.01 14.29 42.35
C THR C 126 -42.65 15.46 41.60
N ARG C 127 -41.81 16.32 41.02
CA ARG C 127 -42.27 17.45 40.22
C ARG C 127 -41.50 17.54 38.90
N GLY C 128 -42.09 18.22 37.91
CA GLY C 128 -41.42 18.48 36.64
C GLY C 128 -41.51 17.35 35.63
N HIS C 129 -42.32 16.34 35.94
CA HIS C 129 -42.48 15.18 35.06
C HIS C 129 -43.48 15.39 33.92
N ILE C 130 -43.39 14.53 32.91
CA ILE C 130 -44.28 14.61 31.75
C ILE C 130 -45.12 13.34 31.62
N LEU C 131 -46.38 13.45 32.05
CA LEU C 131 -47.29 12.31 32.06
C LEU C 131 -47.72 11.86 30.68
N ILE C 132 -47.39 10.61 30.35
CA ILE C 132 -47.81 10.02 29.09
C ILE C 132 -49.00 9.10 29.34
N PHE C 133 -50.10 9.35 28.65
CA PHE C 133 -51.28 8.50 28.76
C PHE C 133 -51.66 7.89 27.43
N GLY C 134 -51.29 6.63 27.25
CA GLY C 134 -51.63 5.92 26.03
C GLY C 134 -50.43 5.68 25.15
N ILE C 135 -49.68 4.63 25.46
CA ILE C 135 -48.43 4.36 24.76
C ILE C 135 -48.67 3.71 23.40
N ASP C 136 -47.86 4.11 22.43
CA ASP C 136 -47.94 3.63 21.05
C ASP C 136 -46.68 4.11 20.31
N PRO C 137 -46.48 3.67 19.05
CA PRO C 137 -45.31 4.11 18.29
C PRO C 137 -44.97 5.60 18.35
N ILE C 138 -45.97 6.49 18.37
CA ILE C 138 -45.74 7.93 18.39
C ILE C 138 -45.08 8.35 19.68
N THR C 139 -45.79 8.10 20.77
CA THR C 139 -45.34 8.44 22.11
C THR C 139 -44.02 7.75 22.44
N ARG C 140 -43.90 6.47 22.10
CA ARG C 140 -42.67 5.73 22.36
C ARG C 140 -41.49 6.39 21.66
N THR C 141 -41.77 7.04 20.53
CA THR C 141 -40.76 7.75 19.77
C THR C 141 -40.55 9.17 20.32
N LEU C 142 -41.61 9.74 20.89
CA LEU C 142 -41.54 11.05 21.52
C LEU C 142 -40.70 10.94 22.79
N ILE C 143 -40.66 9.74 23.36
CA ILE C 143 -39.89 9.50 24.57
C ILE C 143 -38.41 9.29 24.31
N ARG C 144 -38.09 8.42 23.37
CA ARG C 144 -36.70 8.17 23.03
C ARG C 144 -36.04 9.43 22.50
N LYS C 145 -36.84 10.34 21.98
CA LYS C 145 -36.33 11.57 21.38
C LYS C 145 -36.10 12.68 22.41
N LEU C 146 -37.03 12.81 23.35
CA LEU C 146 -36.95 13.88 24.36
C LEU C 146 -36.43 13.41 25.73
N GLU C 147 -35.81 12.24 25.77
CA GLU C 147 -35.07 11.85 26.97
C GLU C 147 -33.61 12.16 26.72
N SER C 148 -33.37 12.86 25.60
CA SER C 148 -32.08 13.42 25.25
C SER C 148 -31.91 14.78 25.93
N ARG C 149 -32.89 15.13 26.77
CA ARG C 149 -32.80 16.29 27.64
C ARG C 149 -33.10 15.79 29.05
N ASN C 150 -33.22 14.46 29.13
CA ASN C 150 -33.48 13.71 30.36
C ASN C 150 -34.66 14.22 31.19
N HIS C 151 -35.76 14.52 30.50
CA HIS C 151 -37.02 14.82 31.16
C HIS C 151 -37.52 13.54 31.82
N LEU C 152 -38.25 13.68 32.90
CA LEU C 152 -38.81 12.53 33.58
C LEU C 152 -40.11 12.10 32.91
N PHE C 153 -40.02 11.12 32.01
CA PHE C 153 -41.20 10.61 31.33
C PHE C 153 -41.82 9.47 32.12
N VAL C 154 -43.10 9.62 32.44
CA VAL C 154 -43.87 8.63 33.18
C VAL C 154 -45.07 8.20 32.36
N VAL C 155 -45.12 6.93 31.96
CA VAL C 155 -46.28 6.45 31.23
C VAL C 155 -47.21 5.70 32.17
N VAL C 156 -48.50 5.70 31.83
CA VAL C 156 -49.54 5.14 32.66
C VAL C 156 -50.41 4.16 31.86
N THR C 157 -50.79 3.05 32.49
CA THR C 157 -51.65 2.08 31.82
C THR C 157 -52.53 1.33 32.81
N ASP C 158 -53.75 1.00 32.38
CA ASP C 158 -54.66 0.17 33.17
C ASP C 158 -54.46 -1.30 32.82
N ASN C 159 -53.57 -1.55 31.88
CA ASN C 159 -53.30 -2.89 31.38
C ASN C 159 -52.12 -3.51 32.11
N TYR C 160 -52.40 -4.53 32.92
CA TYR C 160 -51.37 -5.14 33.74
C TYR C 160 -50.24 -5.73 32.89
N ASP C 161 -50.61 -6.53 31.90
CA ASP C 161 -49.61 -7.19 31.05
C ASP C 161 -48.79 -6.22 30.20
N GLN C 162 -49.30 -5.01 30.03
CA GLN C 162 -48.58 -4.00 29.26
C GLN C 162 -47.61 -3.23 30.14
N ALA C 163 -47.97 -3.09 31.41
CA ALA C 163 -47.08 -2.46 32.38
C ALA C 163 -45.84 -3.33 32.58
N LEU C 164 -46.01 -4.65 32.46
CA LEU C 164 -44.90 -5.58 32.52
C LEU C 164 -43.85 -5.28 31.45
N HIS C 165 -44.29 -5.27 30.20
CA HIS C 165 -43.40 -5.01 29.07
C HIS C 165 -42.65 -3.70 29.19
N LEU C 166 -43.37 -2.65 29.55
CA LEU C 166 -42.79 -1.31 29.57
C LEU C 166 -41.89 -1.09 30.78
N GLU C 167 -41.99 -1.97 31.78
CA GLU C 167 -41.19 -1.86 32.98
C GLU C 167 -39.82 -2.51 32.79
N GLU C 168 -39.79 -3.64 32.09
CA GLU C 168 -38.54 -4.34 31.82
C GLU C 168 -37.68 -3.60 30.80
N GLN C 169 -38.34 -2.96 29.82
CA GLN C 169 -37.63 -2.14 28.83
C GLN C 169 -37.91 -0.63 29.03
N GLU C 170 -37.04 0.06 29.74
CA GLU C 170 -37.29 1.46 30.02
C GLU C 170 -36.06 2.37 30.13
N GLY C 171 -36.32 3.57 30.63
CA GLY C 171 -35.90 4.81 30.01
C GLY C 171 -37.05 5.74 30.31
N PHE C 172 -38.06 5.17 30.96
CA PHE C 172 -39.24 5.88 31.45
C PHE C 172 -39.92 5.00 32.51
N LYS C 173 -40.26 5.58 33.66
CA LYS C 173 -40.93 4.82 34.72
C LYS C 173 -42.39 4.57 34.34
N VAL C 174 -42.92 3.41 34.75
CA VAL C 174 -44.27 3.01 34.38
C VAL C 174 -45.18 2.87 35.59
N VAL C 175 -46.38 3.44 35.50
CA VAL C 175 -47.37 3.31 36.56
C VAL C 175 -48.59 2.53 36.09
N TYR C 176 -49.14 1.70 36.96
CA TYR C 176 -50.29 0.87 36.62
C TYR C 176 -51.55 1.32 37.34
N GLY C 177 -52.52 1.79 36.56
CA GLY C 177 -53.78 2.26 37.11
C GLY C 177 -54.72 2.93 36.13
N SER C 178 -55.97 3.08 36.53
CA SER C 178 -56.98 3.76 35.74
C SER C 178 -56.63 5.24 35.60
N PRO C 179 -56.44 5.72 34.36
CA PRO C 179 -56.06 7.10 34.13
C PRO C 179 -57.21 8.06 34.40
N THR C 180 -58.41 7.52 34.55
CA THR C 180 -59.57 8.33 34.83
C THR C 180 -59.86 8.44 36.34
N ASP C 181 -59.55 7.39 37.09
CA ASP C 181 -59.71 7.39 38.55
C ASP C 181 -58.92 8.55 39.16
N ALA C 182 -59.62 9.49 39.78
CA ALA C 182 -59.00 10.68 40.34
C ALA C 182 -57.94 10.38 41.39
N HIS C 183 -58.19 9.37 42.22
CA HIS C 183 -57.22 8.95 43.24
C HIS C 183 -55.91 8.53 42.61
N VAL C 184 -56.00 7.88 41.46
CA VAL C 184 -54.82 7.47 40.72
C VAL C 184 -54.03 8.69 40.29
N LEU C 185 -54.73 9.65 39.69
CA LEU C 185 -54.12 10.88 39.23
C LEU C 185 -53.53 11.69 40.38
N ALA C 186 -54.09 11.51 41.58
CA ALA C 186 -53.59 12.22 42.76
C ALA C 186 -52.23 11.67 43.19
N GLY C 187 -52.05 10.36 43.02
CA GLY C 187 -50.79 9.71 43.37
C GLY C 187 -49.72 10.03 42.35
N LEU C 188 -50.16 10.41 41.16
CA LEU C 188 -49.24 10.77 40.08
C LEU C 188 -48.77 12.22 40.19
N ARG C 189 -49.20 12.89 41.25
CA ARG C 189 -48.80 14.28 41.51
C ARG C 189 -49.02 15.16 40.28
N VAL C 190 -50.18 15.01 39.65
CA VAL C 190 -50.50 15.73 38.42
C VAL C 190 -50.42 17.24 38.58
N ALA C 191 -50.61 17.73 39.81
CA ALA C 191 -50.55 19.16 40.06
C ALA C 191 -49.16 19.71 39.81
N ALA C 192 -48.17 18.96 40.25
CA ALA C 192 -46.76 19.35 40.14
C ALA C 192 -46.17 18.97 38.79
N ALA C 193 -47.01 18.43 37.92
CA ALA C 193 -46.57 17.99 36.59
C ALA C 193 -46.21 19.16 35.68
N ARG C 194 -45.37 18.88 34.69
CA ARG C 194 -44.95 19.89 33.74
C ARG C 194 -45.87 19.90 32.53
N SER C 195 -46.37 18.72 32.17
CA SER C 195 -47.24 18.57 31.02
C SER C 195 -47.84 17.17 30.94
N ILE C 196 -49.06 17.07 30.41
CA ILE C 196 -49.75 15.79 30.28
C ILE C 196 -50.14 15.49 28.85
N ILE C 197 -49.75 14.31 28.36
CA ILE C 197 -50.09 13.89 27.01
C ILE C 197 -51.23 12.86 26.99
N ALA C 198 -52.42 13.33 26.60
CA ALA C 198 -53.60 12.49 26.56
C ALA C 198 -53.75 11.84 25.20
N ASN C 199 -53.19 10.65 25.08
CA ASN C 199 -53.21 9.92 23.82
C ASN C 199 -54.03 8.64 23.97
N LEU C 200 -55.29 8.81 24.38
CA LEU C 200 -56.22 7.70 24.52
C LEU C 200 -57.34 7.85 23.50
N SER C 201 -58.42 7.10 23.69
CA SER C 201 -59.59 7.26 22.84
C SER C 201 -60.19 8.62 23.15
N ASP C 202 -61.05 9.11 22.26
CA ASP C 202 -61.68 10.40 22.49
C ASP C 202 -62.55 10.49 23.78
N PRO C 203 -63.40 9.47 24.05
CA PRO C 203 -64.13 9.47 25.33
C PRO C 203 -63.23 9.32 26.56
N ASP C 204 -62.14 8.58 26.43
CA ASP C 204 -61.20 8.44 27.53
C ASP C 204 -60.42 9.74 27.71
N ASN C 205 -60.00 10.33 26.61
CA ASN C 205 -59.34 11.63 26.65
C ASN C 205 -60.22 12.69 27.31
N ALA C 206 -61.51 12.64 27.01
CA ALA C 206 -62.48 13.56 27.60
C ALA C 206 -62.57 13.33 29.10
N ASN C 207 -62.72 12.06 29.48
CA ASN C 207 -62.74 11.66 30.88
C ASN C 207 -61.45 12.12 31.56
N LEU C 208 -60.31 11.86 30.91
CA LEU C 208 -58.99 12.18 31.46
C LEU C 208 -58.84 13.67 31.78
N CYS C 209 -59.23 14.52 30.85
CA CYS C 209 -59.13 15.96 31.02
C CYS C 209 -60.06 16.50 32.11
N LEU C 210 -61.32 16.13 32.04
CA LEU C 210 -62.30 16.59 33.03
C LEU C 210 -61.84 16.22 34.42
N THR C 211 -61.12 15.11 34.53
CA THR C 211 -60.64 14.64 35.82
C THR C 211 -59.40 15.41 36.28
N VAL C 212 -58.51 15.74 35.35
CA VAL C 212 -57.31 16.49 35.67
C VAL C 212 -57.65 17.94 35.99
N ARG C 213 -58.62 18.48 35.26
CA ARG C 213 -59.10 19.83 35.52
C ARG C 213 -59.81 19.91 36.87
N SER C 214 -60.08 18.75 37.46
CA SER C 214 -60.71 18.68 38.77
C SER C 214 -59.66 18.69 39.88
N LEU C 215 -58.42 18.36 39.53
CA LEU C 215 -57.35 18.29 40.52
C LEU C 215 -56.37 19.46 40.40
N CYS C 216 -56.14 19.91 39.17
CA CYS C 216 -55.19 20.99 38.92
C CYS C 216 -55.52 21.67 37.61
N GLN C 217 -54.56 22.42 37.06
CA GLN C 217 -54.75 23.11 35.79
C GLN C 217 -53.59 22.82 34.83
N THR C 218 -52.76 21.86 35.22
CA THR C 218 -51.61 21.39 34.43
C THR C 218 -51.94 21.22 32.95
N PRO C 219 -51.07 21.76 32.07
CA PRO C 219 -51.23 21.73 30.62
C PRO C 219 -51.41 20.31 30.05
N ILE C 220 -52.41 20.15 29.20
CA ILE C 220 -52.76 18.85 28.63
C ILE C 220 -52.81 18.92 27.10
N ILE C 221 -51.90 18.18 26.46
CA ILE C 221 -51.88 18.05 25.01
C ILE C 221 -52.58 16.75 24.60
N ALA C 222 -53.83 16.87 24.15
CA ALA C 222 -54.60 15.69 23.75
C ALA C 222 -54.42 15.38 22.27
N VAL C 223 -54.09 14.13 21.97
CA VAL C 223 -54.06 13.67 20.58
C VAL C 223 -55.44 13.09 20.20
N VAL C 224 -56.18 13.86 19.39
CA VAL C 224 -57.55 13.52 19.04
C VAL C 224 -57.59 12.68 17.77
N LYS C 225 -58.41 11.63 17.78
CA LYS C 225 -58.51 10.75 16.63
C LYS C 225 -59.38 11.39 15.57
N GLU C 226 -60.67 11.53 15.87
CA GLU C 226 -61.59 12.17 14.93
C GLU C 226 -61.64 13.69 15.12
N PRO C 227 -61.12 14.43 14.13
CA PRO C 227 -60.93 15.89 14.13
C PRO C 227 -62.16 16.70 14.54
N VAL C 228 -63.35 16.10 14.43
CA VAL C 228 -64.57 16.80 14.81
C VAL C 228 -64.65 16.94 16.32
N HIS C 229 -64.01 16.00 17.02
CA HIS C 229 -63.99 15.99 18.47
C HIS C 229 -62.96 16.95 19.03
N GLY C 230 -62.41 17.80 18.16
CA GLY C 230 -61.35 18.70 18.54
C GLY C 230 -61.77 19.75 19.55
N GLU C 231 -62.90 20.40 19.27
CA GLU C 231 -63.40 21.46 20.14
C GLU C 231 -63.98 20.87 21.41
N LEU C 232 -64.39 19.61 21.32
CA LEU C 232 -64.95 18.91 22.47
C LEU C 232 -63.90 18.58 23.52
N LEU C 233 -62.64 18.46 23.11
CA LEU C 233 -61.56 18.15 24.04
C LEU C 233 -60.93 19.40 24.67
N ARG C 234 -60.85 20.48 23.91
CA ARG C 234 -60.53 21.78 24.49
C ARG C 234 -61.58 22.07 25.54
N LEU C 235 -62.80 21.64 25.25
CA LEU C 235 -63.91 21.82 26.16
C LEU C 235 -63.72 20.98 27.42
N ALA C 236 -63.10 19.81 27.26
CA ALA C 236 -62.86 18.92 28.40
C ALA C 236 -61.71 19.46 29.26
N GLY C 237 -61.01 20.47 28.73
CA GLY C 237 -59.96 21.14 29.48
C GLY C 237 -58.65 21.28 28.70
N ALA C 238 -58.41 20.36 27.77
CA ALA C 238 -57.14 20.26 27.04
C ALA C 238 -56.66 21.60 26.47
N ASN C 239 -55.40 21.93 26.74
CA ASN C 239 -54.86 23.24 26.38
C ASN C 239 -54.56 23.32 24.89
N GLN C 240 -54.24 22.18 24.32
CA GLN C 240 -53.95 22.08 22.90
C GLN C 240 -54.39 20.73 22.38
N VAL C 241 -54.88 20.73 21.15
CA VAL C 241 -55.42 19.52 20.55
C VAL C 241 -54.70 19.22 19.23
N VAL C 242 -54.22 17.99 19.07
CA VAL C 242 -53.53 17.57 17.85
C VAL C 242 -54.25 16.44 17.10
N PRO C 243 -54.86 16.76 15.94
CA PRO C 243 -55.61 15.77 15.17
C PRO C 243 -54.69 14.94 14.27
N LEU C 244 -53.81 14.15 14.88
CA LEU C 244 -52.73 13.46 14.18
C LEU C 244 -53.11 12.65 12.94
N THR C 245 -54.22 11.92 13.00
CA THR C 245 -54.65 11.09 11.89
C THR C 245 -54.97 11.94 10.67
N ARG C 246 -55.67 13.06 10.88
CA ARG C 246 -56.01 13.99 9.81
C ARG C 246 -54.76 14.57 9.15
N ILE C 247 -53.78 14.89 9.99
CA ILE C 247 -52.53 15.51 9.56
C ILE C 247 -51.70 14.58 8.67
N LEU C 248 -51.59 13.33 9.09
CA LEU C 248 -50.84 12.35 8.33
C LEU C 248 -51.49 12.06 6.98
N GLY C 249 -52.82 12.15 6.94
CA GLY C 249 -53.55 12.02 5.68
C GLY C 249 -53.19 13.15 4.74
N ARG C 250 -53.11 14.36 5.29
CA ARG C 250 -52.71 15.54 4.54
C ARG C 250 -51.34 15.29 3.93
N TYR C 251 -50.37 14.95 4.77
CA TYR C 251 -49.00 14.75 4.31
C TYR C 251 -48.87 13.73 3.19
N LEU C 252 -49.82 12.79 3.15
CA LEU C 252 -49.88 11.79 2.11
C LEU C 252 -50.46 12.34 0.81
N GLY C 253 -51.56 13.07 0.92
CA GLY C 253 -52.23 13.66 -0.23
C GLY C 253 -51.36 14.69 -0.93
N ILE C 254 -50.55 15.40 -0.16
CA ILE C 254 -49.66 16.42 -0.72
C ILE C 254 -48.51 15.76 -1.46
N ARG C 255 -48.06 14.63 -0.93
CA ARG C 255 -46.93 13.92 -1.50
C ARG C 255 -47.29 13.15 -2.76
N ALA C 256 -48.58 12.89 -2.96
CA ALA C 256 -49.03 12.08 -4.08
C ALA C 256 -49.34 12.87 -5.36
N THR C 257 -49.73 14.14 -5.21
CA THR C 257 -50.00 14.97 -6.37
C THR C 257 -48.78 15.16 -7.28
N THR C 258 -48.79 14.44 -8.41
CA THR C 258 -47.66 14.38 -9.36
C THR C 258 -46.77 15.63 -9.44
N CYS C 259 -47.40 16.80 -9.45
CA CYS C 259 -46.67 18.06 -9.35
C CYS C 259 -46.99 18.73 -8.01
N GLY C 260 -46.00 18.74 -7.12
CA GLY C 260 -46.17 19.30 -5.78
C GLY C 260 -46.71 20.71 -5.79
N ALA C 261 -47.58 21.01 -4.82
CA ALA C 261 -48.25 22.31 -4.78
C ALA C 261 -48.37 22.86 -3.37
N LEU C 262 -48.64 24.16 -3.28
CA LEU C 262 -48.74 24.84 -1.99
C LEU C 262 -49.75 24.21 -1.06
N ALA C 263 -49.32 23.95 0.17
CA ALA C 263 -50.19 23.40 1.19
C ALA C 263 -50.26 24.35 2.40
N HIS C 264 -51.31 25.16 2.44
CA HIS C 264 -51.47 26.22 3.43
C HIS C 264 -51.57 25.69 4.88
N ILE C 265 -50.72 26.23 5.77
CA ILE C 265 -50.58 25.76 7.15
C ILE C 265 -51.32 26.60 8.20
N LEU C 266 -51.27 27.92 8.07
CA LEU C 266 -51.92 28.82 9.04
C LEU C 266 -52.34 30.14 8.40
N ASP C 267 -53.46 30.70 8.88
CA ASP C 267 -53.99 31.97 8.38
C ASP C 267 -53.34 33.17 9.07
N SER C 268 -53.51 33.26 10.39
CA SER C 268 -52.98 34.36 11.20
C SER C 268 -53.51 35.73 10.78
N PHE C 269 -54.81 35.94 10.98
CA PHE C 269 -55.45 37.25 10.88
C PHE C 269 -55.47 37.88 9.49
N GLY C 270 -55.49 37.04 8.46
CA GLY C 270 -55.53 37.51 7.09
C GLY C 270 -54.37 38.42 6.75
N ASN C 271 -53.19 38.09 7.30
CA ASN C 271 -51.99 38.87 7.06
C ASN C 271 -50.79 38.02 6.63
N LEU C 272 -50.17 37.32 7.57
CA LEU C 272 -49.04 36.44 7.22
C LEU C 272 -49.45 34.98 7.10
N GLN C 273 -49.16 34.40 5.95
CA GLN C 273 -49.56 33.04 5.62
C GLN C 273 -48.40 32.05 5.69
N ILE C 274 -48.54 31.03 6.53
CA ILE C 274 -47.58 29.94 6.60
C ILE C 274 -48.02 28.81 5.67
N ALA C 275 -47.09 28.31 4.87
CA ALA C 275 -47.39 27.24 3.94
C ALA C 275 -46.13 26.46 3.63
N GLU C 276 -46.30 25.23 3.15
CA GLU C 276 -45.16 24.41 2.77
C GLU C 276 -45.32 23.91 1.33
N LEU C 277 -44.25 23.34 0.79
CA LEU C 277 -44.26 22.90 -0.59
C LEU C 277 -43.27 21.77 -0.83
N PRO C 278 -43.80 20.57 -1.08
CA PRO C 278 -42.97 19.45 -1.51
C PRO C 278 -42.37 19.76 -2.87
N VAL C 279 -41.05 19.88 -2.89
CA VAL C 279 -40.28 20.20 -4.06
C VAL C 279 -40.57 19.30 -5.26
N HIS C 280 -40.85 18.03 -4.98
CA HIS C 280 -41.03 17.00 -6.02
C HIS C 280 -41.78 17.45 -7.28
N GLY C 281 -41.20 17.15 -8.43
CA GLY C 281 -41.86 17.40 -9.70
C GLY C 281 -41.89 18.85 -10.13
N THR C 282 -41.68 19.76 -9.18
CA THR C 282 -41.63 21.17 -9.47
C THR C 282 -40.26 21.48 -10.10
N PRO C 283 -40.17 22.56 -10.87
CA PRO C 283 -38.89 22.89 -11.50
C PRO C 283 -37.77 23.19 -10.50
N PHE C 284 -38.10 23.32 -9.22
CA PHE C 284 -37.09 23.60 -8.20
C PHE C 284 -36.33 22.32 -7.87
N ALA C 285 -36.86 21.18 -8.35
CA ALA C 285 -36.27 19.87 -8.11
C ALA C 285 -34.93 19.71 -8.82
N GLY C 286 -33.85 19.66 -8.05
CA GLY C 286 -32.52 19.53 -8.60
C GLY C 286 -31.80 20.86 -8.70
N LYS C 287 -32.56 21.94 -8.53
CA LYS C 287 -31.98 23.28 -8.54
C LYS C 287 -31.79 23.77 -7.12
N THR C 288 -30.93 24.77 -6.92
CA THR C 288 -30.71 25.30 -5.58
C THR C 288 -31.62 26.48 -5.29
N ILE C 289 -31.90 26.71 -4.01
CA ILE C 289 -32.82 27.75 -3.59
C ILE C 289 -32.35 29.15 -4.00
N GLY C 290 -31.04 29.28 -4.22
CA GLY C 290 -30.49 30.51 -4.75
C GLY C 290 -30.56 30.53 -6.27
N GLU C 291 -30.28 29.37 -6.86
CA GLU C 291 -30.40 29.19 -8.30
C GLU C 291 -31.83 29.49 -8.73
N SER C 292 -32.78 28.77 -8.13
CA SER C 292 -34.20 29.01 -8.37
C SER C 292 -34.60 30.40 -7.86
N GLY C 293 -33.99 30.83 -6.75
CA GLY C 293 -34.22 32.15 -6.20
C GLY C 293 -35.68 32.45 -5.93
N ILE C 294 -36.26 31.73 -4.97
CA ILE C 294 -37.69 31.87 -4.64
C ILE C 294 -37.98 33.18 -3.89
N ARG C 295 -37.06 33.58 -3.02
CA ARG C 295 -37.18 34.82 -2.27
C ARG C 295 -36.86 36.02 -3.17
N GLN C 296 -36.45 35.72 -4.40
CA GLN C 296 -36.19 36.73 -5.42
C GLN C 296 -37.38 36.85 -6.38
N ARG C 297 -37.89 35.72 -6.85
CA ARG C 297 -38.99 35.74 -7.82
C ARG C 297 -40.29 36.22 -7.19
N THR C 298 -40.40 36.07 -5.87
CA THR C 298 -41.65 36.37 -5.19
C THR C 298 -41.47 37.06 -3.85
N GLY C 299 -40.31 36.89 -3.24
CA GLY C 299 -40.04 37.50 -1.95
C GLY C 299 -40.59 36.67 -0.80
N LEU C 300 -41.03 35.46 -1.13
CA LEU C 300 -41.51 34.54 -0.10
C LEU C 300 -40.36 34.07 0.80
N SER C 301 -40.60 34.11 2.11
CA SER C 301 -39.60 33.71 3.08
C SER C 301 -39.54 32.19 3.23
N ILE C 302 -38.44 31.60 2.78
CA ILE C 302 -38.21 30.16 2.97
C ILE C 302 -37.73 29.95 4.40
N ILE C 303 -38.68 29.90 5.33
CA ILE C 303 -38.35 29.81 6.76
C ILE C 303 -37.80 28.44 7.19
N GLY C 304 -37.64 27.54 6.23
CA GLY C 304 -37.10 26.22 6.53
C GLY C 304 -37.13 25.27 5.36
N VAL C 305 -36.34 24.21 5.47
CA VAL C 305 -36.33 23.14 4.47
C VAL C 305 -36.25 21.80 5.19
N TRP C 306 -37.22 20.92 4.92
CA TRP C 306 -37.33 19.65 5.63
C TRP C 306 -36.88 18.45 4.79
N GLU C 307 -35.73 17.90 5.14
CA GLU C 307 -35.11 16.80 4.42
C GLU C 307 -34.62 15.70 5.35
N ARG C 308 -35.10 14.48 5.13
CA ARG C 308 -34.66 13.31 5.91
C ARG C 308 -34.70 13.47 7.44
N GLY C 309 -35.84 13.94 7.95
CA GLY C 309 -36.04 14.07 9.38
C GLY C 309 -35.40 15.29 10.00
N SER C 310 -34.66 16.06 9.19
CA SER C 310 -33.91 17.19 9.69
C SER C 310 -34.44 18.52 9.17
N LEU C 311 -34.91 19.36 10.09
CA LEU C 311 -35.34 20.71 9.76
C LEU C 311 -34.16 21.68 9.93
N THR C 312 -33.69 22.26 8.83
CA THR C 312 -32.63 23.29 8.91
C THR C 312 -33.01 24.55 8.15
N THR C 313 -32.24 25.62 8.34
CA THR C 313 -32.46 26.87 7.61
C THR C 313 -31.71 26.85 6.27
N PRO C 314 -32.32 27.42 5.22
CA PRO C 314 -31.76 27.31 3.86
C PRO C 314 -30.46 28.08 3.66
N GLN C 315 -29.70 27.68 2.64
CA GLN C 315 -28.53 28.42 2.20
C GLN C 315 -28.60 28.54 0.69
N ARG C 316 -28.17 29.68 0.15
CA ARG C 316 -28.26 29.96 -1.29
C ARG C 316 -27.82 28.78 -2.15
N GLU C 317 -26.74 28.14 -1.76
CA GLU C 317 -26.19 27.01 -2.51
C GLU C 317 -26.70 25.66 -2.01
N THR C 318 -27.96 25.59 -1.61
CA THR C 318 -28.57 24.32 -1.19
C THR C 318 -29.49 23.72 -2.24
N VAL C 319 -29.13 22.53 -2.73
CA VAL C 319 -29.88 21.87 -3.79
C VAL C 319 -31.15 21.21 -3.26
N LEU C 320 -32.30 21.75 -3.68
CA LEU C 320 -33.58 21.13 -3.36
C LEU C 320 -33.70 19.83 -4.15
N THR C 321 -33.92 18.72 -3.46
CA THR C 321 -34.08 17.43 -4.13
C THR C 321 -35.56 17.01 -4.20
N GLU C 322 -35.84 15.88 -4.83
CA GLU C 322 -37.21 15.37 -4.96
C GLU C 322 -37.79 14.87 -3.62
N GLN C 323 -37.14 15.23 -2.51
CA GLN C 323 -37.55 14.79 -1.18
C GLN C 323 -37.68 15.95 -0.21
N SER C 324 -37.54 17.17 -0.72
CA SER C 324 -37.56 18.36 0.11
C SER C 324 -38.96 18.93 0.29
N LEU C 325 -39.16 19.58 1.44
CA LEU C 325 -40.42 20.26 1.74
C LEU C 325 -40.14 21.69 2.19
N LEU C 326 -40.41 22.66 1.33
CA LEU C 326 -40.13 24.05 1.66
C LEU C 326 -41.19 24.66 2.55
N VAL C 327 -40.91 24.80 3.85
CA VAL C 327 -41.76 25.62 4.70
C VAL C 327 -41.63 27.05 4.18
N LEU C 328 -42.74 27.81 4.16
CA LEU C 328 -42.68 29.18 3.63
C LEU C 328 -43.55 30.17 4.43
N ALA C 329 -43.40 31.45 4.09
CA ALA C 329 -44.16 32.53 4.74
C ALA C 329 -44.17 33.79 3.89
N GLY C 330 -45.31 34.45 3.84
CA GLY C 330 -45.45 35.68 3.07
C GLY C 330 -46.91 36.00 2.79
N THR C 331 -47.14 36.93 1.87
CA THR C 331 -48.49 37.36 1.56
C THR C 331 -49.15 36.47 0.50
N LYS C 332 -50.45 36.67 0.31
CA LYS C 332 -51.23 35.90 -0.66
C LYS C 332 -50.79 36.18 -2.09
N SER C 333 -50.57 37.46 -2.41
CA SER C 333 -50.06 37.85 -3.72
C SER C 333 -48.75 37.14 -4.00
N GLN C 334 -47.98 36.90 -2.94
CA GLN C 334 -46.74 36.16 -3.04
C GLN C 334 -46.99 34.66 -3.22
N LEU C 335 -47.94 34.12 -2.48
CA LEU C 335 -48.26 32.71 -2.61
C LEU C 335 -48.87 32.41 -3.99
N ALA C 336 -49.69 33.34 -4.49
CA ALA C 336 -50.36 33.19 -5.79
C ALA C 336 -49.37 33.19 -6.95
N ALA C 337 -48.18 33.72 -6.72
CA ALA C 337 -47.17 33.84 -7.75
C ALA C 337 -46.23 32.63 -7.75
N LEU C 338 -46.01 32.05 -6.58
CA LEU C 338 -45.21 30.84 -6.48
C LEU C 338 -45.91 29.73 -7.23
N GLU C 339 -47.24 29.72 -7.16
CA GLU C 339 -48.06 28.73 -7.83
C GLU C 339 -47.86 28.76 -9.35
N TYR C 340 -47.53 29.93 -9.88
CA TYR C 340 -47.27 30.09 -11.30
C TYR C 340 -45.94 29.47 -11.68
N LEU C 341 -44.96 29.54 -10.78
CA LEU C 341 -43.62 29.04 -11.05
C LEU C 341 -43.55 27.52 -11.03
N ILE C 342 -44.64 26.88 -10.59
CA ILE C 342 -44.71 25.43 -10.51
C ILE C 342 -45.31 24.85 -11.80
N GLY C 343 -46.22 25.59 -12.41
CA GLY C 343 -46.88 25.16 -13.63
C GLY C 343 -48.26 24.62 -13.35
N GLU C 344 -49.07 24.48 -14.40
CA GLU C 344 -50.42 23.93 -14.23
C GLU C 344 -50.40 22.43 -13.93
N ALA C 345 -51.51 21.93 -13.40
CA ALA C 345 -51.61 20.54 -12.99
C ALA C 345 -52.08 19.61 -14.13
N PRO C 346 -51.41 18.46 -14.28
CA PRO C 346 -51.68 17.42 -15.29
C PRO C 346 -53.13 16.92 -15.27
N GLU C 347 -53.58 16.36 -16.39
CA GLU C 347 -55.01 16.20 -16.63
C GLU C 347 -55.57 14.85 -16.19
N ASP C 348 -55.28 13.81 -16.96
CA ASP C 348 -55.60 12.45 -16.57
C ASP C 348 -54.91 12.13 -15.24
N GLU C 349 -55.31 12.80 -14.16
CA GLU C 349 -54.80 12.48 -12.84
C GLU C 349 -55.75 11.50 -12.18
N LEU C 350 -55.18 10.51 -11.48
CA LEU C 350 -55.97 9.45 -10.85
C LEU C 350 -55.13 8.74 -9.79
N ILE C 351 -55.46 8.96 -8.52
CA ILE C 351 -54.66 8.46 -7.41
C ILE C 351 -55.31 7.29 -6.64
N PHE C 352 -54.65 6.14 -6.64
CA PHE C 352 -55.13 5.03 -5.83
C PHE C 352 -54.72 5.23 -4.39
N ILE C 353 -55.69 5.18 -3.48
CA ILE C 353 -55.39 5.20 -2.07
C ILE C 353 -55.73 3.83 -1.48
N ILE C 354 -54.69 3.04 -1.24
CA ILE C 354 -54.87 1.68 -0.75
C ILE C 354 -54.86 1.69 0.77
N GLY C 355 -56.04 1.58 1.37
CA GLY C 355 -56.17 1.64 2.82
C GLY C 355 -57.12 2.74 3.25
N HIS C 356 -58.20 2.34 3.89
CA HIS C 356 -59.26 3.27 4.26
C HIS C 356 -59.33 3.45 5.77
N GLY C 357 -58.17 3.63 6.39
CA GLY C 357 -58.10 3.89 7.83
C GLY C 357 -58.62 5.30 8.10
N ARG C 358 -58.27 5.88 9.24
CA ARG C 358 -58.62 7.26 9.47
C ARG C 358 -57.70 8.14 8.64
N ILE C 359 -56.53 7.62 8.30
CA ILE C 359 -55.53 8.36 7.54
C ILE C 359 -55.81 8.35 6.03
N GLY C 360 -55.97 7.17 5.46
CA GLY C 360 -56.31 7.05 4.05
C GLY C 360 -57.60 7.80 3.74
N CYS C 361 -58.51 7.80 4.71
CA CYS C 361 -59.76 8.54 4.63
C CYS C 361 -59.49 10.03 4.74
N ALA C 362 -58.55 10.40 5.61
CA ALA C 362 -58.16 11.79 5.76
C ALA C 362 -57.48 12.28 4.48
N ALA C 363 -56.64 11.43 3.91
CA ALA C 363 -55.93 11.74 2.69
C ALA C 363 -56.92 11.91 1.54
N ALA C 364 -57.94 11.07 1.51
CA ALA C 364 -58.95 11.14 0.47
C ALA C 364 -59.81 12.38 0.67
N ALA C 365 -60.00 12.76 1.93
CA ALA C 365 -60.74 13.98 2.23
C ALA C 365 -59.91 15.18 1.77
N PHE C 366 -58.59 15.03 1.85
CA PHE C 366 -57.67 16.08 1.41
C PHE C 366 -57.66 16.24 -0.11
N LEU C 367 -57.53 15.13 -0.83
CA LEU C 367 -57.52 15.15 -2.29
C LEU C 367 -58.88 15.56 -2.84
N ASP C 368 -59.87 15.63 -1.95
CA ASP C 368 -61.18 16.12 -2.29
C ASP C 368 -61.17 17.63 -2.23
N ARG C 369 -60.52 18.17 -1.21
CA ARG C 369 -60.49 19.62 -0.96
C ARG C 369 -59.91 20.39 -2.15
N LYS C 370 -58.85 19.83 -2.75
CA LYS C 370 -58.35 20.34 -4.03
C LYS C 370 -58.54 19.27 -5.11
N PRO C 371 -59.76 19.20 -5.67
CA PRO C 371 -60.31 18.16 -6.56
C PRO C 371 -59.31 17.38 -7.41
N VAL C 372 -58.89 16.22 -6.91
CA VAL C 372 -58.16 15.23 -7.69
C VAL C 372 -58.83 13.88 -7.52
N PRO C 373 -59.28 13.27 -8.63
CA PRO C 373 -60.04 12.01 -8.54
C PRO C 373 -59.18 10.84 -8.09
N PHE C 374 -59.73 10.03 -7.19
CA PHE C 374 -59.00 8.93 -6.58
C PHE C 374 -59.87 7.70 -6.43
N ILE C 375 -59.23 6.58 -6.11
CA ILE C 375 -59.95 5.35 -5.78
C ILE C 375 -59.55 4.84 -4.41
N LEU C 376 -60.52 4.75 -3.51
CA LEU C 376 -60.29 4.18 -2.19
C LEU C 376 -60.48 2.67 -2.21
N ILE C 377 -59.41 1.94 -1.98
CA ILE C 377 -59.49 0.48 -1.96
C ILE C 377 -59.29 -0.07 -0.54
N ASP C 378 -60.17 -0.98 -0.11
CA ASP C 378 -60.02 -1.64 1.20
C ASP C 378 -60.65 -3.04 1.22
N ARG C 379 -60.67 -3.67 2.40
CA ARG C 379 -61.26 -5.01 2.51
C ARG C 379 -62.67 -4.97 3.09
N GLN C 380 -62.82 -4.30 4.24
CA GLN C 380 -64.13 -4.14 4.87
C GLN C 380 -64.51 -2.67 4.82
N GLU C 381 -65.77 -2.37 5.15
CA GLU C 381 -66.21 -0.99 5.13
C GLU C 381 -65.77 -0.29 6.40
N SER C 382 -65.46 1.00 6.28
CA SER C 382 -64.98 1.79 7.40
C SER C 382 -66.08 1.99 8.41
N PRO C 383 -65.81 1.62 9.66
CA PRO C 383 -66.79 1.79 10.74
C PRO C 383 -67.07 3.27 11.04
N VAL C 384 -66.23 4.17 10.52
CA VAL C 384 -66.36 5.59 10.82
C VAL C 384 -66.90 6.46 9.69
N CYS C 385 -66.63 6.08 8.45
CA CYS C 385 -66.96 6.94 7.31
C CYS C 385 -68.12 6.45 6.43
N ASN C 386 -69.11 7.32 6.28
CA ASN C 386 -70.24 7.04 5.41
C ASN C 386 -70.28 7.98 4.20
N ASP C 387 -69.21 8.76 4.05
CA ASP C 387 -69.17 9.77 2.98
C ASP C 387 -68.12 9.47 1.90
N HIS C 388 -67.41 8.35 2.05
CA HIS C 388 -66.44 7.94 1.03
C HIS C 388 -66.83 6.62 0.39
N VAL C 389 -66.98 6.62 -0.93
CA VAL C 389 -67.25 5.37 -1.65
C VAL C 389 -65.96 4.58 -1.76
N VAL C 390 -66.03 3.29 -1.41
CA VAL C 390 -64.84 2.45 -1.37
C VAL C 390 -64.98 1.25 -2.30
N VAL C 391 -63.90 0.93 -3.00
CA VAL C 391 -63.83 -0.30 -3.78
C VAL C 391 -63.40 -1.42 -2.85
N TYR C 392 -64.27 -2.40 -2.63
CA TYR C 392 -63.98 -3.44 -1.67
C TYR C 392 -63.34 -4.66 -2.33
N GLY C 393 -62.28 -5.17 -1.69
CA GLY C 393 -61.55 -6.32 -2.22
C GLY C 393 -60.11 -6.35 -1.71
N ASP C 394 -59.61 -7.56 -1.46
CA ASP C 394 -58.26 -7.75 -0.94
C ASP C 394 -57.22 -7.37 -2.00
N ALA C 395 -56.38 -6.38 -1.69
CA ALA C 395 -55.38 -5.89 -2.64
C ALA C 395 -54.19 -6.84 -2.81
N THR C 396 -53.92 -7.64 -1.77
CA THR C 396 -52.86 -8.64 -1.80
C THR C 396 -53.16 -9.78 -2.78
N VAL C 397 -54.43 -10.15 -2.90
CA VAL C 397 -54.84 -11.28 -3.72
C VAL C 397 -55.10 -10.93 -5.19
N GLY C 398 -54.10 -11.17 -6.02
CA GLY C 398 -54.24 -11.13 -7.47
C GLY C 398 -54.67 -9.84 -8.15
N GLN C 399 -55.51 -10.01 -9.17
CA GLN C 399 -55.87 -8.95 -10.10
C GLN C 399 -56.77 -7.86 -9.51
N THR C 400 -56.76 -7.70 -8.19
CA THR C 400 -57.68 -6.77 -7.53
C THR C 400 -57.40 -5.32 -7.91
N LEU C 401 -56.12 -4.94 -7.91
CA LEU C 401 -55.75 -3.58 -8.25
C LEU C 401 -55.92 -3.33 -9.75
N ARG C 402 -55.61 -4.33 -10.57
CA ARG C 402 -55.74 -4.17 -12.02
C ARG C 402 -57.19 -4.16 -12.50
N GLN C 403 -58.08 -4.81 -11.75
CA GLN C 403 -59.50 -4.83 -12.11
C GLN C 403 -60.12 -3.47 -11.83
N ALA C 404 -59.50 -2.75 -10.89
CA ALA C 404 -59.86 -1.37 -10.60
C ALA C 404 -59.16 -0.45 -11.59
N GLY C 405 -58.12 -0.96 -12.24
CA GLY C 405 -57.42 -0.22 -13.27
C GLY C 405 -56.27 0.60 -12.74
N ILE C 406 -55.30 -0.07 -12.11
CA ILE C 406 -54.13 0.56 -11.54
C ILE C 406 -53.21 1.06 -12.67
N ASP C 407 -53.65 0.82 -13.89
CA ASP C 407 -52.86 1.13 -15.07
C ASP C 407 -52.97 2.60 -15.48
N ARG C 408 -54.17 3.17 -15.40
CA ARG C 408 -54.37 4.58 -15.74
C ARG C 408 -54.23 5.48 -14.53
N ALA C 409 -53.56 4.98 -13.50
CA ALA C 409 -53.36 5.72 -12.26
C ALA C 409 -52.09 6.56 -12.32
N SER C 410 -52.14 7.75 -11.74
CA SER C 410 -51.00 8.66 -11.72
C SER C 410 -50.32 8.67 -10.36
N GLY C 411 -50.87 7.90 -9.44
CA GLY C 411 -50.33 7.84 -8.09
C GLY C 411 -50.95 6.78 -7.23
N ILE C 412 -50.11 6.09 -6.47
CA ILE C 412 -50.58 5.14 -5.48
C ILE C 412 -50.17 5.63 -4.10
N ILE C 413 -51.15 5.72 -3.21
CA ILE C 413 -50.85 6.00 -1.81
C ILE C 413 -51.10 4.72 -1.03
N VAL C 414 -50.03 4.10 -0.54
CA VAL C 414 -50.16 2.85 0.20
C VAL C 414 -50.33 3.13 1.70
N THR C 415 -51.53 2.93 2.25
CA THR C 415 -51.86 3.31 3.64
C THR C 415 -52.49 2.16 4.45
N THR C 416 -51.72 1.11 4.71
CA THR C 416 -52.16 0.02 5.57
C THR C 416 -51.60 0.29 6.96
N ASN C 417 -52.22 -0.25 7.99
CA ASN C 417 -51.68 -0.09 9.34
C ASN C 417 -50.64 -1.15 9.65
N ASP C 418 -50.31 -1.97 8.65
CA ASP C 418 -49.19 -2.88 8.77
C ASP C 418 -48.07 -2.51 7.79
N ASP C 419 -46.88 -2.27 8.34
CA ASP C 419 -45.73 -1.86 7.54
C ASP C 419 -45.26 -2.96 6.59
N SER C 420 -45.24 -4.21 7.06
CA SER C 420 -44.82 -5.32 6.22
C SER C 420 -45.70 -5.47 5.00
N THR C 421 -46.96 -5.10 5.13
CA THR C 421 -47.89 -5.19 4.01
C THR C 421 -47.66 -4.02 3.08
N ASN C 422 -47.56 -2.83 3.65
CA ASN C 422 -47.17 -1.64 2.90
C ASN C 422 -45.94 -1.84 2.03
N ILE C 423 -44.88 -2.36 2.64
CA ILE C 423 -43.68 -2.74 1.94
C ILE C 423 -43.99 -3.67 0.78
N PHE C 424 -44.81 -4.68 1.03
CA PHE C 424 -45.09 -5.69 0.02
C PHE C 424 -45.95 -5.18 -1.12
N LEU C 425 -46.65 -4.07 -0.89
CA LEU C 425 -47.47 -3.45 -1.91
C LEU C 425 -46.60 -2.51 -2.72
N THR C 426 -45.92 -1.62 -2.02
CA THR C 426 -44.93 -0.75 -2.61
C THR C 426 -43.97 -1.55 -3.48
N LEU C 427 -43.57 -2.71 -2.97
CA LEU C 427 -42.70 -3.61 -3.72
C LEU C 427 -43.44 -4.14 -4.94
N ALA C 428 -44.74 -4.38 -4.78
CA ALA C 428 -45.53 -4.98 -5.84
C ALA C 428 -45.89 -3.96 -6.91
N CYS C 429 -46.20 -2.73 -6.48
CA CYS C 429 -46.57 -1.68 -7.40
C CYS C 429 -45.39 -1.25 -8.22
N ARG C 430 -44.30 -0.88 -7.55
CA ARG C 430 -43.09 -0.42 -8.22
C ARG C 430 -42.56 -1.43 -9.25
N HIS C 431 -42.70 -2.71 -8.96
CA HIS C 431 -42.41 -3.75 -9.93
C HIS C 431 -43.33 -3.55 -11.12
N LEU C 432 -44.62 -3.32 -10.85
CA LEU C 432 -45.64 -3.25 -11.89
C LEU C 432 -45.64 -1.95 -12.65
N HIS C 433 -44.99 -0.93 -12.10
CA HIS C 433 -45.02 0.39 -12.72
C HIS C 433 -43.91 1.26 -12.15
N SER C 434 -42.83 1.40 -12.92
CA SER C 434 -41.61 2.00 -12.41
C SER C 434 -41.69 3.51 -12.27
N HIS C 435 -42.52 4.15 -13.09
CA HIS C 435 -42.46 5.61 -13.17
C HIS C 435 -43.52 6.34 -12.34
N ILE C 436 -44.49 5.61 -11.79
CA ILE C 436 -45.57 6.28 -11.07
C ILE C 436 -45.27 6.62 -9.62
N ARG C 437 -45.79 7.75 -9.17
CA ARG C 437 -45.54 8.28 -7.83
C ARG C 437 -46.16 7.42 -6.74
N ILE C 438 -45.31 6.75 -5.96
CA ILE C 438 -45.78 5.90 -4.86
C ILE C 438 -45.44 6.48 -3.49
N VAL C 439 -46.47 6.87 -2.75
CA VAL C 439 -46.27 7.39 -1.40
C VAL C 439 -46.73 6.34 -0.41
N ALA C 440 -45.85 5.91 0.49
CA ALA C 440 -46.23 4.94 1.51
C ALA C 440 -46.24 5.54 2.92
N ARG C 441 -46.75 4.78 3.86
CA ARG C 441 -46.88 5.22 5.24
C ARG C 441 -46.21 4.23 6.16
N ALA C 442 -45.39 4.74 7.07
CA ALA C 442 -44.63 3.90 7.97
C ALA C 442 -45.03 4.13 9.43
N ASN C 443 -45.81 3.19 9.96
CA ASN C 443 -46.25 3.24 11.35
C ASN C 443 -45.03 3.30 12.26
N GLY C 444 -44.33 2.18 12.36
CA GLY C 444 -43.06 2.10 13.07
C GLY C 444 -41.98 2.65 12.17
N GLU C 445 -41.11 3.49 12.72
CA GLU C 445 -40.08 4.15 11.95
C GLU C 445 -38.91 3.21 11.65
N GLU C 446 -38.99 1.98 12.13
CA GLU C 446 -37.97 0.99 11.82
C GLU C 446 -38.13 0.49 10.38
N ASN C 447 -39.32 0.63 9.83
CA ASN C 447 -39.66 0.20 8.46
C ASN C 447 -39.58 1.28 7.37
N VAL C 448 -39.23 2.51 7.75
CA VAL C 448 -39.14 3.63 6.81
C VAL C 448 -38.15 3.35 5.68
N ASP C 449 -36.98 2.85 6.05
CA ASP C 449 -35.90 2.63 5.10
C ASP C 449 -36.30 1.57 4.08
N GLN C 450 -37.17 0.66 4.50
CA GLN C 450 -37.55 -0.47 3.66
C GLN C 450 -38.65 -0.13 2.66
N LEU C 451 -39.45 0.88 2.98
CA LEU C 451 -40.47 1.34 2.03
C LEU C 451 -39.81 2.09 0.90
N TYR C 452 -38.77 2.85 1.23
CA TYR C 452 -37.94 3.48 0.22
C TYR C 452 -37.32 2.40 -0.65
N ALA C 453 -36.62 1.48 0.00
CA ALA C 453 -35.95 0.38 -0.70
C ALA C 453 -36.91 -0.49 -1.52
N ALA C 454 -38.20 -0.45 -1.21
CA ALA C 454 -39.19 -1.17 -2.00
C ALA C 454 -39.54 -0.37 -3.24
N GLY C 455 -39.53 0.96 -3.09
CA GLY C 455 -39.72 1.84 -4.23
C GLY C 455 -40.52 3.09 -3.93
N ALA C 456 -40.83 3.34 -2.66
CA ALA C 456 -41.62 4.51 -2.30
C ALA C 456 -40.88 5.81 -2.66
N ASP C 457 -41.55 6.68 -3.40
CA ASP C 457 -40.95 7.96 -3.77
C ASP C 457 -40.84 8.88 -2.56
N PHE C 458 -41.76 8.72 -1.61
CA PHE C 458 -41.65 9.39 -0.32
C PHE C 458 -42.33 8.53 0.73
N VAL C 459 -41.77 8.55 1.95
CA VAL C 459 -42.34 7.78 3.06
C VAL C 459 -42.74 8.69 4.21
N VAL C 460 -43.98 8.57 4.67
CA VAL C 460 -44.46 9.35 5.82
C VAL C 460 -44.45 8.49 7.09
N SER C 461 -43.41 8.66 7.91
CA SER C 461 -43.31 7.92 9.16
C SER C 461 -44.26 8.48 10.21
N ASN C 462 -45.19 7.64 10.67
CA ASN C 462 -46.13 8.03 11.72
C ASN C 462 -45.41 8.49 12.97
N ALA C 463 -44.65 7.56 13.57
CA ALA C 463 -43.93 7.81 14.80
C ALA C 463 -43.12 9.11 14.77
N SER C 464 -42.42 9.32 13.65
CA SER C 464 -41.55 10.46 13.49
C SER C 464 -42.30 11.80 13.43
N VAL C 465 -43.33 11.84 12.60
CA VAL C 465 -44.14 13.04 12.43
C VAL C 465 -44.91 13.36 13.70
N GLY C 466 -45.34 12.32 14.40
CA GLY C 466 -46.02 12.50 15.66
C GLY C 466 -45.13 13.10 16.73
N ALA C 467 -44.02 12.43 17.02
CA ALA C 467 -43.08 12.89 18.02
C ALA C 467 -42.65 14.33 17.79
N ASN C 468 -42.36 14.68 16.53
CA ASN C 468 -41.90 16.02 16.18
C ASN C 468 -42.92 17.10 16.53
N ILE C 469 -44.21 16.78 16.41
CA ILE C 469 -45.28 17.71 16.70
C ILE C 469 -45.44 17.90 18.22
N LEU C 470 -45.58 16.77 18.91
CA LEU C 470 -45.69 16.77 20.36
C LEU C 470 -44.44 17.36 20.99
N GLY C 471 -43.27 16.91 20.55
CA GLY C 471 -42.00 17.41 21.02
C GLY C 471 -41.90 18.92 20.93
N ASN C 472 -42.21 19.46 19.76
CA ASN C 472 -42.21 20.90 19.59
C ASN C 472 -43.22 21.58 20.51
N LEU C 473 -44.42 21.01 20.59
CA LEU C 473 -45.47 21.56 21.46
C LEU C 473 -45.12 21.45 22.93
N LEU C 474 -44.13 20.60 23.24
CA LEU C 474 -43.73 20.35 24.62
C LEU C 474 -42.66 21.33 25.12
N GLU C 475 -41.69 21.66 24.26
CA GLU C 475 -40.65 22.59 24.66
C GLU C 475 -40.93 24.04 24.23
N HIS C 476 -41.93 24.20 23.38
CA HIS C 476 -42.45 25.53 23.06
C HIS C 476 -43.54 25.90 24.06
N LYS C 477 -43.85 24.96 24.95
CA LYS C 477 -44.89 25.12 25.96
C LYS C 477 -44.64 26.31 26.91
N GLU C 478 -43.60 27.08 26.65
CA GLU C 478 -43.54 28.40 27.26
C GLU C 478 -43.82 29.52 26.26
N SER C 479 -43.85 29.18 24.97
CA SER C 479 -44.06 30.19 23.93
C SER C 479 -45.09 29.80 22.87
N ALA C 480 -45.53 28.55 22.85
CA ALA C 480 -46.53 28.09 21.88
C ALA C 480 -47.95 28.01 22.44
N PHE C 481 -48.08 27.59 23.69
CA PHE C 481 -49.37 27.63 24.37
C PHE C 481 -49.74 29.11 24.51
N LEU C 482 -48.70 29.95 24.59
CA LEU C 482 -48.85 31.39 24.63
C LEU C 482 -49.08 31.93 23.21
N SER C 483 -48.49 31.27 22.22
CA SER C 483 -48.72 31.61 20.82
C SER C 483 -50.15 31.26 20.38
N GLU C 484 -50.76 30.30 21.07
CA GLU C 484 -52.15 29.91 20.82
C GLU C 484 -53.09 31.11 21.02
N GLY C 485 -53.59 31.64 19.91
CA GLY C 485 -54.44 32.82 19.95
C GLY C 485 -53.68 34.08 19.56
N MET C 486 -52.48 33.90 19.01
CA MET C 486 -51.65 35.03 18.63
C MET C 486 -51.34 35.05 17.13
N ALA C 487 -50.35 35.84 16.74
CA ALA C 487 -50.11 36.11 15.32
C ALA C 487 -48.67 35.94 14.88
N VAL C 488 -48.49 35.86 13.56
CA VAL C 488 -47.19 35.97 12.93
C VAL C 488 -47.32 37.05 11.85
N PHE C 489 -46.24 37.78 11.60
CA PHE C 489 -46.26 38.87 10.63
C PHE C 489 -44.85 39.30 10.21
N ARG C 490 -44.77 40.09 9.15
CA ARG C 490 -43.47 40.42 8.56
C ARG C 490 -43.34 41.93 8.30
N ARG C 491 -42.24 42.51 8.78
CA ARG C 491 -42.02 43.96 8.67
C ARG C 491 -40.63 44.30 8.15
N PRO C 492 -40.54 45.34 7.31
CA PRO C 492 -39.23 45.84 6.86
C PRO C 492 -38.54 46.64 7.97
N LEU C 493 -37.24 46.45 8.15
CA LEU C 493 -36.48 47.10 9.21
C LEU C 493 -36.55 48.63 9.10
N PRO C 494 -37.09 49.29 10.14
CA PRO C 494 -37.08 50.75 10.20
C PRO C 494 -35.64 51.28 10.19
N PRO C 495 -35.32 52.18 9.25
CA PRO C 495 -33.97 52.72 9.03
C PRO C 495 -33.26 53.14 10.32
N ALA C 496 -34.00 53.76 11.24
CA ALA C 496 -33.43 54.24 12.49
C ALA C 496 -33.23 53.14 13.54
N MET C 497 -33.11 51.90 13.09
CA MET C 497 -32.90 50.76 13.98
C MET C 497 -31.62 50.04 13.57
N ALA C 498 -31.22 50.28 12.33
CA ALA C 498 -30.03 49.67 11.73
C ALA C 498 -28.78 49.90 12.58
N GLY C 499 -28.04 48.82 12.84
CA GLY C 499 -26.81 48.89 13.59
C GLY C 499 -26.98 48.62 15.08
N LYS C 500 -28.21 48.78 15.57
CA LYS C 500 -28.53 48.60 16.98
C LYS C 500 -28.67 47.12 17.36
N THR C 501 -28.31 46.80 18.59
CA THR C 501 -28.53 45.46 19.10
C THR C 501 -30.03 45.35 19.43
N ILE C 502 -30.57 44.15 19.34
CA ILE C 502 -32.00 43.93 19.54
C ILE C 502 -32.47 44.38 20.94
N ALA C 503 -31.57 44.31 21.91
CA ALA C 503 -31.89 44.73 23.27
C ALA C 503 -31.76 46.25 23.47
N GLU C 504 -30.87 46.89 22.72
CA GLU C 504 -30.57 48.31 22.90
C GLU C 504 -31.72 49.24 22.52
N THR C 505 -32.36 48.97 21.38
CA THR C 505 -33.48 49.79 20.93
C THR C 505 -34.72 49.54 21.79
N ARG C 506 -34.63 48.54 22.66
CA ARG C 506 -35.76 48.06 23.44
C ARG C 506 -36.93 47.70 22.54
N LEU C 507 -36.77 46.63 21.77
CA LEU C 507 -37.78 46.19 20.83
C LEU C 507 -38.96 45.52 21.56
N ARG C 508 -38.66 44.57 22.43
CA ARG C 508 -39.69 43.95 23.27
C ARG C 508 -40.25 44.87 24.37
N PRO C 509 -39.39 45.65 25.06
CA PRO C 509 -39.94 46.59 26.04
C PRO C 509 -40.96 47.60 25.48
N LEU C 510 -40.60 48.34 24.44
CA LEU C 510 -41.45 49.39 23.91
C LEU C 510 -42.72 48.87 23.23
N THR C 511 -42.58 47.83 22.40
CA THR C 511 -43.68 47.33 21.60
C THR C 511 -44.41 46.13 22.22
N GLY C 512 -43.64 45.09 22.57
CA GLY C 512 -44.23 43.90 23.18
C GLY C 512 -44.03 42.63 22.37
N CYS C 513 -43.40 42.76 21.21
CA CYS C 513 -43.15 41.61 20.35
C CYS C 513 -41.77 41.01 20.59
N SER C 514 -41.51 39.88 19.94
CA SER C 514 -40.22 39.21 20.06
C SER C 514 -39.75 38.73 18.69
N ILE C 515 -38.73 39.40 18.14
CA ILE C 515 -38.18 39.08 16.81
C ILE C 515 -37.73 37.62 16.67
N VAL C 516 -38.46 36.86 15.85
CA VAL C 516 -38.25 35.43 15.71
C VAL C 516 -37.34 35.07 14.53
N ALA C 517 -37.40 35.84 13.46
CA ALA C 517 -36.60 35.56 12.26
C ALA C 517 -36.08 36.80 11.55
N ILE C 518 -34.78 36.79 11.24
CA ILE C 518 -34.18 37.91 10.51
C ILE C 518 -33.60 37.41 9.18
N GLU C 519 -33.87 38.17 8.12
CA GLU C 519 -33.28 37.86 6.82
C GLU C 519 -32.80 39.13 6.12
N ALA C 520 -31.74 38.98 5.33
CA ALA C 520 -31.13 40.13 4.68
C ALA C 520 -31.62 40.25 3.23
N PRO C 521 -31.68 41.49 2.72
CA PRO C 521 -32.17 41.85 1.38
C PRO C 521 -31.72 40.93 0.23
N ASP C 522 -30.43 40.95 -0.09
CA ASP C 522 -29.93 40.23 -1.27
C ASP C 522 -29.30 38.88 -0.94
N ARG C 523 -30.06 38.01 -0.28
CA ARG C 523 -29.66 36.62 -0.03
C ARG C 523 -30.87 35.77 0.30
N ALA C 524 -30.78 34.47 0.00
CA ALA C 524 -31.92 33.58 0.11
C ALA C 524 -32.15 33.02 1.51
N ASP C 525 -31.14 33.13 2.37
CA ASP C 525 -31.22 32.53 3.71
C ASP C 525 -31.90 33.42 4.76
N ILE C 526 -31.83 32.98 6.00
CA ILE C 526 -32.55 33.61 7.11
C ILE C 526 -31.86 33.26 8.43
N LEU C 527 -32.37 33.81 9.54
CA LEU C 527 -31.81 33.57 10.87
C LEU C 527 -32.91 33.23 11.87
N ILE C 528 -32.76 32.11 12.57
CA ILE C 528 -33.76 31.66 13.54
C ILE C 528 -33.18 31.61 14.95
N SER C 529 -34.03 31.79 15.95
CA SER C 529 -33.65 31.87 17.37
C SER C 529 -32.56 32.92 17.69
N PRO C 530 -32.77 34.19 17.29
CA PRO C 530 -31.74 35.19 17.55
C PRO C 530 -31.61 35.57 19.03
N PRO C 531 -30.38 35.73 19.53
CA PRO C 531 -30.09 36.15 20.91
C PRO C 531 -29.99 37.68 21.04
N PRO C 532 -30.21 38.21 22.25
CA PRO C 532 -30.36 39.67 22.46
C PRO C 532 -29.14 40.55 22.13
N GLU C 533 -28.05 39.97 21.64
CA GLU C 533 -26.89 40.75 21.23
C GLU C 533 -26.76 40.83 19.70
N THR C 534 -27.90 40.82 19.02
CA THR C 534 -27.95 40.85 17.57
C THR C 534 -27.96 42.28 17.01
N ILE C 535 -26.80 42.71 16.52
CA ILE C 535 -26.66 44.01 15.85
C ILE C 535 -27.55 44.07 14.61
N LEU C 536 -28.27 45.16 14.42
CA LEU C 536 -29.21 45.27 13.30
C LEU C 536 -28.53 45.52 11.94
N ALA C 537 -29.33 45.37 10.87
CA ALA C 537 -28.86 45.56 9.50
C ALA C 537 -29.89 46.34 8.69
N GLU C 538 -29.44 47.00 7.62
CA GLU C 538 -30.31 47.82 6.78
C GLU C 538 -31.01 47.00 5.70
N GLY C 539 -32.32 47.15 5.59
CA GLY C 539 -33.11 46.44 4.59
C GLY C 539 -33.53 45.06 5.06
N ALA C 540 -33.16 44.71 6.29
CA ALA C 540 -33.49 43.42 6.86
C ALA C 540 -35.00 43.19 6.91
N ARG C 541 -35.42 41.98 6.55
CA ARG C 541 -36.84 41.63 6.53
C ARG C 541 -37.22 40.91 7.83
N LEU C 542 -37.82 41.65 8.76
CA LEU C 542 -38.11 41.12 10.08
C LEU C 542 -39.41 40.31 10.10
N ILE C 543 -39.44 39.26 10.93
CA ILE C 543 -40.63 38.44 11.12
C ILE C 543 -40.86 38.19 12.60
N LEU C 544 -41.96 38.71 13.14
CA LEU C 544 -42.18 38.69 14.59
C LEU C 544 -43.38 37.84 15.02
N ILE C 545 -43.49 37.59 16.32
CA ILE C 545 -44.64 36.89 16.89
C ILE C 545 -45.19 37.62 18.11
N GLY C 546 -46.42 38.09 18.00
CA GLY C 546 -47.04 38.85 19.07
C GLY C 546 -48.55 38.80 18.93
N THR C 547 -49.26 39.17 19.99
CA THR C 547 -50.72 39.16 20.00
C THR C 547 -51.26 39.99 18.84
N SER C 548 -52.48 39.67 18.41
CA SER C 548 -53.14 40.46 17.36
C SER C 548 -53.13 41.94 17.72
N GLU C 549 -53.39 42.25 18.99
CA GLU C 549 -53.39 43.64 19.46
C GLU C 549 -51.99 44.27 19.50
N GLN C 550 -50.97 43.43 19.68
CA GLN C 550 -49.58 43.90 19.73
C GLN C 550 -48.96 43.97 18.34
N GLU C 551 -49.35 43.03 17.48
CA GLU C 551 -48.99 43.05 16.07
C GLU C 551 -49.48 44.38 15.48
N LYS C 552 -50.58 44.87 16.04
CA LYS C 552 -51.23 46.09 15.57
C LYS C 552 -50.49 47.37 15.99
N THR C 553 -50.57 47.73 17.28
CA THR C 553 -49.99 48.99 17.78
C THR C 553 -48.47 49.03 17.73
N PHE C 554 -47.90 48.49 16.66
CA PHE C 554 -46.46 48.33 16.53
C PHE C 554 -45.86 49.53 15.82
N ASP C 555 -46.60 50.06 14.85
CA ASP C 555 -46.10 51.07 13.93
C ASP C 555 -45.72 52.40 14.58
N GLN C 556 -46.60 52.96 15.39
CA GLN C 556 -46.34 54.23 16.05
C GLN C 556 -45.28 54.08 17.15
N THR C 557 -45.26 52.92 17.80
CA THR C 557 -44.26 52.62 18.81
C THR C 557 -42.90 52.44 18.17
N ILE C 558 -42.90 51.98 16.92
CA ILE C 558 -41.68 51.89 16.12
C ILE C 558 -41.25 53.31 15.72
N ALA C 559 -42.23 54.17 15.46
CA ALA C 559 -41.96 55.56 15.11
C ALA C 559 -41.42 56.35 16.30
N ALA C 560 -41.94 56.06 17.49
CA ALA C 560 -41.44 56.68 18.72
C ALA C 560 -39.98 56.28 18.99
N ARG C 561 -39.70 54.98 18.94
CA ARG C 561 -38.34 54.47 19.10
C ARG C 561 -38.22 53.02 18.65
N GLN D 15 -20.09 -16.58 31.89
CA GLN D 15 -19.39 -15.45 32.49
C GLN D 15 -19.46 -15.54 34.01
N ASN D 16 -20.49 -16.22 34.50
CA ASN D 16 -20.70 -16.41 35.94
C ASN D 16 -19.56 -17.16 36.65
N LEU D 17 -18.90 -18.05 35.92
CA LEU D 17 -17.77 -18.81 36.46
C LEU D 17 -16.56 -17.90 36.65
N LYS D 18 -16.33 -17.01 35.68
CA LYS D 18 -15.25 -16.05 35.77
C LYS D 18 -15.38 -15.18 37.01
N VAL D 19 -16.57 -14.62 37.22
CA VAL D 19 -16.83 -13.81 38.41
C VAL D 19 -16.52 -14.61 39.68
N LEU D 20 -16.70 -15.93 39.62
CA LEU D 20 -16.41 -16.79 40.78
C LEU D 20 -14.93 -16.87 41.12
N LEU D 21 -14.13 -17.44 40.21
CA LEU D 21 -12.72 -17.66 40.53
C LEU D 21 -11.88 -16.40 40.39
N LEU D 22 -12.49 -15.32 39.89
CA LEU D 22 -11.88 -13.98 40.01
C LEU D 22 -11.91 -13.61 41.48
N TYR D 23 -13.03 -13.93 42.12
CA TYR D 23 -13.22 -13.65 43.52
C TYR D 23 -12.39 -14.60 44.40
N CYS D 24 -12.06 -15.77 43.85
CA CYS D 24 -11.18 -16.70 44.55
C CYS D 24 -9.73 -16.22 44.51
N ALA D 25 -9.35 -15.57 43.41
CA ALA D 25 -8.01 -14.99 43.29
C ALA D 25 -7.82 -13.87 44.30
N PHE D 26 -8.88 -13.08 44.48
CA PHE D 26 -8.88 -12.02 45.49
C PHE D 26 -8.75 -12.58 46.91
N LEU D 27 -9.46 -13.67 47.16
CA LEU D 27 -9.44 -14.32 48.47
C LEU D 27 -8.06 -14.87 48.80
N LEU D 28 -7.42 -15.51 47.83
CA LEU D 28 -6.08 -16.06 48.03
C LEU D 28 -5.06 -14.94 48.22
N VAL D 29 -5.31 -13.81 47.59
CA VAL D 29 -4.47 -12.62 47.78
C VAL D 29 -4.67 -12.11 49.18
N MET D 30 -5.92 -12.05 49.62
CA MET D 30 -6.23 -11.64 50.97
C MET D 30 -5.53 -12.56 51.97
N LEU D 31 -5.54 -13.85 51.67
CA LEU D 31 -4.86 -14.84 52.50
C LEU D 31 -3.37 -14.56 52.61
N LEU D 32 -2.66 -14.63 51.49
CA LEU D 32 -1.20 -14.45 51.48
C LEU D 32 -0.77 -13.10 52.05
N ALA D 33 -1.61 -12.08 51.87
CA ALA D 33 -1.32 -10.76 52.41
C ALA D 33 -1.39 -10.82 53.94
N TYR D 34 -2.55 -11.17 54.46
CA TYR D 34 -2.77 -11.29 55.91
C TYR D 34 -1.74 -12.16 56.62
N ALA D 35 -1.47 -13.33 56.05
CA ALA D 35 -0.51 -14.27 56.62
C ALA D 35 0.88 -13.67 56.75
N SER D 36 1.14 -12.61 55.99
CA SER D 36 2.43 -11.95 56.03
C SER D 36 2.39 -10.72 56.93
N ILE D 37 1.28 -10.00 56.88
CA ILE D 37 1.08 -8.89 57.80
C ILE D 37 1.15 -9.42 59.23
N PHE D 38 0.56 -10.58 59.44
CA PHE D 38 0.57 -11.23 60.74
C PHE D 38 1.99 -11.56 61.19
N ARG D 39 2.74 -12.23 60.33
CA ARG D 39 4.11 -12.62 60.66
C ARG D 39 4.97 -11.39 60.91
N TYR D 40 4.61 -10.30 60.25
CA TYR D 40 5.30 -9.03 60.46
C TYR D 40 5.00 -8.51 61.85
N LEU D 41 3.71 -8.36 62.14
CA LEU D 41 3.29 -7.84 63.43
C LEU D 41 3.84 -8.65 64.61
N MET D 42 3.68 -9.97 64.57
CA MET D 42 4.19 -10.84 65.62
C MET D 42 5.64 -10.53 65.90
N TRP D 43 6.39 -10.24 64.85
CA TRP D 43 7.79 -9.90 65.00
C TRP D 43 8.00 -8.46 65.46
N HIS D 44 7.31 -7.52 64.81
CA HIS D 44 7.53 -6.11 65.11
C HIS D 44 6.67 -5.58 66.25
N LEU D 45 5.72 -6.38 66.72
CA LEU D 45 4.89 -5.95 67.84
C LEU D 45 5.23 -6.67 69.12
N GLU D 46 5.47 -7.98 69.03
CA GLU D 46 5.60 -8.76 70.24
C GLU D 46 6.87 -9.61 70.28
N GLY D 47 7.61 -9.61 69.17
CA GLY D 47 8.88 -10.30 69.13
C GLY D 47 8.72 -11.81 69.03
N ARG D 48 7.91 -12.24 68.07
CA ARG D 48 7.72 -13.66 67.82
C ARG D 48 7.91 -13.96 66.35
N ALA D 49 8.97 -14.70 66.04
CA ALA D 49 9.19 -15.13 64.66
C ALA D 49 8.34 -16.34 64.36
N TYR D 50 7.41 -16.19 63.42
CA TYR D 50 6.55 -17.29 63.01
C TYR D 50 6.89 -17.76 61.60
N SER D 51 6.92 -19.07 61.41
CA SER D 51 7.17 -19.65 60.10
C SER D 51 6.06 -19.21 59.17
N PHE D 52 6.31 -19.27 57.87
CA PHE D 52 5.32 -18.79 56.93
C PHE D 52 4.05 -19.60 57.03
N MET D 53 4.20 -20.91 57.07
CA MET D 53 3.03 -21.78 57.17
C MET D 53 2.21 -21.43 58.41
N ALA D 54 2.87 -21.03 59.48
CA ALA D 54 2.14 -20.61 60.69
C ALA D 54 1.26 -19.40 60.38
N GLY D 55 1.76 -18.51 59.53
CA GLY D 55 1.02 -17.33 59.13
C GLY D 55 -0.22 -17.68 58.34
N ILE D 56 -0.07 -18.57 57.38
CA ILE D 56 -1.19 -19.11 56.62
C ILE D 56 -2.16 -19.79 57.58
N TYR D 57 -1.65 -20.76 58.32
CA TYR D 57 -2.41 -21.53 59.30
C TYR D 57 -3.18 -20.66 60.28
N TRP D 58 -2.54 -19.60 60.76
CA TRP D 58 -3.21 -18.64 61.62
C TRP D 58 -4.34 -17.95 60.85
N THR D 59 -3.96 -17.32 59.73
CA THR D 59 -4.88 -16.52 58.93
C THR D 59 -6.10 -17.33 58.53
N ILE D 60 -5.87 -18.58 58.13
CA ILE D 60 -6.97 -19.46 57.79
C ILE D 60 -7.85 -19.64 59.01
N THR D 61 -7.21 -19.99 60.12
CA THR D 61 -7.88 -20.30 61.38
C THR D 61 -8.74 -19.15 61.89
N VAL D 62 -8.27 -17.92 61.68
CA VAL D 62 -9.04 -16.75 62.08
C VAL D 62 -10.24 -16.50 61.17
N MET D 63 -9.99 -16.37 59.86
CA MET D 63 -11.04 -15.99 58.90
C MET D 63 -12.16 -17.00 58.86
N THR D 64 -11.78 -18.27 58.79
CA THR D 64 -12.71 -19.38 58.79
C THR D 64 -13.47 -19.51 60.13
N THR D 65 -13.21 -18.60 61.06
CA THR D 65 -13.72 -18.62 62.44
C THR D 65 -13.53 -19.92 63.25
N LEU D 66 -12.55 -20.76 62.89
CA LEU D 66 -12.16 -21.85 63.76
C LEU D 66 -11.65 -21.27 65.09
N GLY D 67 -10.59 -20.46 65.08
CA GLY D 67 -10.10 -19.89 66.32
C GLY D 67 -9.56 -20.85 67.39
N PHE D 68 -8.56 -21.67 67.07
CA PHE D 68 -7.94 -22.52 68.09
C PHE D 68 -7.47 -21.77 69.33
N GLY D 69 -7.05 -20.52 69.18
CA GLY D 69 -6.53 -19.76 70.31
C GLY D 69 -5.08 -20.06 70.69
N ASP D 70 -4.47 -21.07 70.03
CA ASP D 70 -3.07 -21.44 70.31
C ASP D 70 -2.08 -20.32 69.96
N ILE D 71 -2.32 -19.66 68.82
CA ILE D 71 -1.55 -18.49 68.39
C ILE D 71 -2.40 -17.24 68.50
N THR D 72 -2.17 -16.45 69.54
CA THR D 72 -2.91 -15.23 69.76
C THR D 72 -1.96 -14.08 70.00
N PHE D 73 -2.46 -12.86 69.85
CA PHE D 73 -1.66 -11.68 70.12
C PHE D 73 -1.78 -11.31 71.60
N GLU D 74 -1.17 -10.20 72.00
CA GLU D 74 -1.28 -9.73 73.39
C GLU D 74 -1.38 -8.20 73.44
N SER D 75 -0.71 -7.54 72.51
CA SER D 75 -0.76 -6.09 72.44
C SER D 75 -2.10 -5.66 71.87
N ASP D 76 -2.54 -4.46 72.24
CA ASP D 76 -3.80 -3.92 71.72
C ASP D 76 -3.75 -3.86 70.19
N ALA D 77 -2.57 -3.56 69.67
CA ALA D 77 -2.35 -3.48 68.24
C ALA D 77 -2.66 -4.81 67.59
N GLY D 78 -2.05 -5.86 68.12
CA GLY D 78 -2.35 -7.21 67.69
C GLY D 78 -3.83 -7.54 67.80
N TYR D 79 -4.49 -6.97 68.82
CA TYR D 79 -5.93 -7.18 68.97
C TYR D 79 -6.69 -6.62 67.77
N LEU D 80 -6.29 -5.41 67.36
CA LEU D 80 -6.92 -4.71 66.26
C LEU D 80 -6.81 -5.50 64.96
N PHE D 81 -5.59 -5.87 64.58
CA PHE D 81 -5.36 -6.65 63.35
C PHE D 81 -6.07 -7.99 63.40
N ALA D 82 -6.19 -8.58 64.58
CA ALA D 82 -6.93 -9.83 64.73
C ALA D 82 -8.43 -9.57 64.53
N SER D 83 -8.95 -8.52 65.15
CA SER D 83 -10.34 -8.12 64.96
C SER D 83 -10.65 -7.89 63.47
N ILE D 84 -9.71 -7.24 62.78
CA ILE D 84 -9.84 -6.95 61.37
C ILE D 84 -9.89 -8.23 60.55
N VAL D 85 -8.89 -9.09 60.75
CA VAL D 85 -8.83 -10.34 60.00
C VAL D 85 -10.07 -11.18 60.28
N THR D 86 -10.57 -11.11 61.50
CA THR D 86 -11.78 -11.83 61.87
C THR D 86 -13.00 -11.41 61.04
N VAL D 87 -13.26 -10.11 60.98
CA VAL D 87 -14.39 -9.58 60.22
C VAL D 87 -14.27 -9.87 58.73
N SER D 88 -13.06 -9.68 58.21
CA SER D 88 -12.73 -9.96 56.82
C SER D 88 -13.03 -11.42 56.45
N GLY D 89 -13.01 -12.29 57.47
CA GLY D 89 -13.41 -13.67 57.27
C GLY D 89 -14.92 -13.75 57.17
N VAL D 90 -15.61 -12.99 58.00
CA VAL D 90 -17.06 -13.05 58.06
C VAL D 90 -17.70 -12.35 56.86
N ILE D 91 -17.02 -11.34 56.32
CA ILE D 91 -17.52 -10.63 55.17
C ILE D 91 -17.26 -11.39 53.87
N PHE D 92 -16.10 -12.04 53.77
CA PHE D 92 -15.66 -12.62 52.50
C PHE D 92 -15.62 -14.15 52.40
N LEU D 93 -15.73 -14.83 53.54
CA LEU D 93 -15.78 -16.28 53.52
C LEU D 93 -17.13 -16.71 54.08
N LEU D 94 -17.82 -15.78 54.72
CA LEU D 94 -19.06 -16.12 55.36
C LEU D 94 -20.26 -15.54 54.61
N ILE D 95 -20.02 -14.50 53.84
CA ILE D 95 -21.12 -13.87 53.12
C ILE D 95 -21.00 -14.09 51.62
N ILE D 96 -19.93 -13.57 51.04
CA ILE D 96 -19.74 -13.58 49.60
C ILE D 96 -19.50 -14.99 49.04
N LEU D 97 -18.53 -15.72 49.59
CA LEU D 97 -18.20 -17.05 49.09
C LEU D 97 -19.32 -18.10 49.18
N PRO D 98 -20.13 -18.07 50.26
CA PRO D 98 -21.30 -18.93 50.19
C PRO D 98 -22.38 -18.37 49.24
N PHE D 99 -22.51 -17.05 49.19
CA PHE D 99 -23.42 -16.42 48.22
C PHE D 99 -23.04 -16.78 46.80
N GLY D 100 -21.78 -16.53 46.45
CA GLY D 100 -21.27 -16.75 45.10
C GLY D 100 -21.34 -18.19 44.66
N PHE D 101 -21.07 -19.13 45.57
CA PHE D 101 -21.21 -20.54 45.27
C PHE D 101 -22.70 -20.83 45.02
N VAL D 102 -23.56 -20.24 45.83
CA VAL D 102 -25.00 -20.43 45.67
C VAL D 102 -25.55 -19.67 44.45
N SER D 103 -25.13 -18.42 44.27
CA SER D 103 -25.67 -17.57 43.21
C SER D 103 -25.35 -18.02 41.79
N MET D 104 -24.18 -18.63 41.61
CA MET D 104 -23.75 -19.05 40.28
C MET D 104 -24.27 -20.43 39.97
N PHE D 105 -24.56 -21.19 41.02
CA PHE D 105 -25.06 -22.55 40.86
C PHE D 105 -26.59 -22.63 40.93
N LEU D 106 -27.17 -21.94 41.91
CA LEU D 106 -28.59 -22.10 42.22
C LEU D 106 -29.50 -21.24 41.35
N ALA D 107 -29.01 -20.06 40.96
CA ALA D 107 -29.78 -19.16 40.11
C ALA D 107 -30.18 -19.74 38.73
N PRO D 108 -29.24 -20.38 38.00
CA PRO D 108 -29.62 -20.92 36.69
C PRO D 108 -30.78 -21.93 36.75
N TRP D 109 -30.77 -22.81 37.75
CA TRP D 109 -31.81 -23.83 37.87
C TRP D 109 -33.16 -23.20 38.15
N ILE D 110 -33.16 -22.12 38.94
CA ILE D 110 -34.42 -21.52 39.37
C ILE D 110 -34.81 -20.28 38.55
N GLU D 111 -34.00 -19.23 38.60
CA GLU D 111 -34.28 -17.97 37.88
C GLU D 111 -34.74 -18.16 36.44
N ARG D 112 -34.17 -19.15 35.76
CA ARG D 112 -34.38 -19.34 34.34
C ARG D 112 -35.55 -20.29 34.01
N ARG D 113 -35.89 -21.17 34.94
CA ARG D 113 -37.08 -22.00 34.79
C ARG D 113 -38.28 -21.23 35.35
N LEU D 114 -38.02 -20.47 36.41
CA LEU D 114 -39.07 -19.75 37.11
C LEU D 114 -39.66 -18.57 36.32
N ARG D 115 -38.81 -17.82 35.62
CA ARG D 115 -39.26 -16.73 34.77
C ARG D 115 -38.28 -16.52 33.61
N TYR D 116 -38.81 -16.26 32.41
CA TYR D 116 -37.95 -16.12 31.23
C TYR D 116 -37.08 -14.86 31.25
N HIS D 117 -35.84 -15.01 30.81
CA HIS D 117 -34.90 -13.89 30.67
C HIS D 117 -34.54 -13.74 29.19
N PRO D 118 -35.55 -13.50 28.34
CA PRO D 118 -35.48 -13.70 26.87
C PRO D 118 -34.18 -13.22 26.22
N THR D 119 -33.50 -14.15 25.55
CA THR D 119 -32.25 -13.81 24.84
C THR D 119 -32.54 -12.88 23.68
N ILE D 120 -31.99 -11.67 23.74
CA ILE D 120 -32.38 -10.59 22.85
C ILE D 120 -31.33 -10.31 21.78
N GLU D 121 -30.16 -10.93 21.91
CA GLU D 121 -28.99 -10.57 21.10
C GLU D 121 -28.03 -11.76 21.01
N LEU D 122 -27.22 -11.79 19.97
CA LEU D 122 -26.18 -12.80 19.84
C LEU D 122 -24.80 -12.23 20.19
N PRO D 123 -23.88 -13.09 20.68
CA PRO D 123 -22.51 -12.69 21.01
C PRO D 123 -21.81 -11.95 19.87
N ASP D 124 -20.77 -11.19 20.18
CA ASP D 124 -20.03 -10.48 19.15
C ASP D 124 -19.45 -11.43 18.12
N ASP D 125 -18.84 -12.51 18.58
CA ASP D 125 -18.01 -13.36 17.75
C ASP D 125 -18.77 -14.39 16.92
N THR D 126 -20.08 -14.50 17.14
CA THR D 126 -20.86 -15.59 16.53
C THR D 126 -20.88 -15.56 15.01
N ARG D 127 -20.28 -16.58 14.39
CA ARG D 127 -20.28 -16.71 12.93
C ARG D 127 -20.63 -18.13 12.52
N GLY D 128 -21.09 -18.30 11.28
CA GLY D 128 -21.35 -19.62 10.72
C GLY D 128 -22.72 -20.21 11.05
N HIS D 129 -23.57 -19.39 11.67
CA HIS D 129 -24.90 -19.83 12.08
C HIS D 129 -25.93 -19.80 10.97
N ILE D 130 -27.03 -20.51 11.18
CA ILE D 130 -28.13 -20.56 10.21
C ILE D 130 -29.43 -19.99 10.79
N LEU D 131 -29.73 -18.75 10.43
CA LEU D 131 -30.88 -18.04 10.96
C LEU D 131 -32.20 -18.60 10.46
N ILE D 132 -33.02 -19.08 11.38
CA ILE D 132 -34.37 -19.54 11.05
C ILE D 132 -35.39 -18.48 11.42
N PHE D 133 -36.18 -18.06 10.44
CA PHE D 133 -37.22 -17.08 10.69
C PHE D 133 -38.59 -17.63 10.38
N GLY D 134 -39.31 -18.05 11.41
CA GLY D 134 -40.66 -18.56 11.24
C GLY D 134 -40.74 -20.05 11.46
N ILE D 135 -40.85 -20.44 12.72
CA ILE D 135 -40.80 -21.85 13.09
C ILE D 135 -42.14 -22.53 12.82
N ASP D 136 -42.07 -23.77 12.36
CA ASP D 136 -43.25 -24.57 12.03
C ASP D 136 -42.76 -26.00 11.78
N PRO D 137 -43.69 -26.96 11.57
CA PRO D 137 -43.30 -28.36 11.33
C PRO D 137 -42.16 -28.58 10.34
N ILE D 138 -42.10 -27.79 9.27
CA ILE D 138 -41.03 -27.95 8.27
C ILE D 138 -39.66 -27.63 8.84
N THR D 139 -39.52 -26.38 9.25
CA THR D 139 -38.29 -25.87 9.84
C THR D 139 -37.89 -26.68 11.07
N ARG D 140 -38.85 -27.01 11.93
CA ARG D 140 -38.52 -27.80 13.12
C ARG D 140 -37.95 -29.15 12.73
N THR D 141 -38.34 -29.64 11.56
CA THR D 141 -37.86 -30.91 11.04
C THR D 141 -36.55 -30.73 10.28
N LEU D 142 -36.37 -29.54 9.70
CA LEU D 142 -35.12 -29.19 9.05
C LEU D 142 -34.01 -29.05 10.07
N ILE D 143 -34.40 -28.73 11.30
CA ILE D 143 -33.46 -28.51 12.38
C ILE D 143 -33.02 -29.83 13.01
N ARG D 144 -34.00 -30.68 13.34
CA ARG D 144 -33.69 -31.98 13.92
C ARG D 144 -32.86 -32.82 12.96
N LYS D 145 -32.98 -32.52 11.67
CA LYS D 145 -32.30 -33.29 10.62
C LYS D 145 -30.87 -32.81 10.35
N LEU D 146 -30.68 -31.49 10.33
CA LEU D 146 -29.36 -30.91 10.05
C LEU D 146 -28.59 -30.45 11.28
N GLU D 147 -28.99 -30.91 12.46
CA GLU D 147 -28.16 -30.72 13.65
C GLU D 147 -27.38 -32.01 13.86
N SER D 148 -27.50 -32.90 12.86
CA SER D 148 -26.71 -34.11 12.77
C SER D 148 -25.37 -33.80 12.11
N ARG D 149 -25.13 -32.52 11.86
CA ARG D 149 -23.84 -32.02 11.42
C ARG D 149 -23.46 -30.90 12.37
N ASN D 150 -24.29 -30.76 13.41
CA ASN D 150 -24.13 -29.77 14.48
C ASN D 150 -23.94 -28.33 14.02
N HIS D 151 -24.70 -27.93 13.01
CA HIS D 151 -24.75 -26.52 12.61
C HIS D 151 -25.43 -25.73 13.72
N LEU D 152 -25.04 -24.47 13.85
CA LEU D 152 -25.63 -23.62 14.87
C LEU D 152 -26.96 -23.05 14.36
N PHE D 153 -28.05 -23.71 14.71
CA PHE D 153 -29.35 -23.23 14.31
C PHE D 153 -29.91 -22.24 15.34
N VAL D 154 -30.26 -21.05 14.86
CA VAL D 154 -30.83 -20.01 15.70
C VAL D 154 -32.19 -19.62 15.14
N VAL D 155 -33.25 -19.85 15.91
CA VAL D 155 -34.58 -19.39 15.49
C VAL D 155 -34.96 -18.08 16.16
N VAL D 156 -35.80 -17.32 15.48
CA VAL D 156 -36.17 -15.98 15.91
C VAL D 156 -37.68 -15.85 15.96
N THR D 157 -38.20 -15.16 16.97
CA THR D 157 -39.63 -14.90 17.06
C THR D 157 -39.96 -13.59 17.77
N ASP D 158 -41.03 -12.93 17.34
CA ASP D 158 -41.52 -11.73 18.00
C ASP D 158 -42.56 -12.09 19.03
N ASN D 159 -42.83 -13.39 19.13
CA ASN D 159 -43.84 -13.92 20.04
C ASN D 159 -43.21 -14.37 21.35
N TYR D 160 -43.50 -13.64 22.42
CA TYR D 160 -42.88 -13.93 23.71
C TYR D 160 -43.19 -15.34 24.19
N ASP D 161 -44.47 -15.69 24.19
CA ASP D 161 -44.91 -17.00 24.68
C ASP D 161 -44.39 -18.17 23.84
N GLN D 162 -43.98 -17.89 22.61
CA GLN D 162 -43.47 -18.94 21.74
C GLN D 162 -41.99 -19.11 21.97
N ALA D 163 -41.31 -18.02 22.34
CA ALA D 163 -39.90 -18.08 22.68
C ALA D 163 -39.71 -18.92 23.93
N LEU D 164 -40.69 -18.88 24.82
CA LEU D 164 -40.69 -19.71 26.03
C LEU D 164 -40.62 -21.20 25.69
N HIS D 165 -41.57 -21.65 24.89
CA HIS D 165 -41.65 -23.05 24.48
C HIS D 165 -40.37 -23.54 23.82
N LEU D 166 -39.85 -22.74 22.88
CA LEU D 166 -38.72 -23.19 22.09
C LEU D 166 -37.41 -23.11 22.86
N GLU D 167 -37.42 -22.41 23.99
CA GLU D 167 -36.22 -22.27 24.82
C GLU D 167 -36.07 -23.44 25.76
N GLU D 168 -37.19 -23.91 26.32
CA GLU D 168 -37.17 -25.05 27.22
C GLU D 168 -36.89 -26.36 26.48
N GLN D 169 -37.39 -26.47 25.25
CA GLN D 169 -37.11 -27.64 24.40
C GLN D 169 -36.20 -27.29 23.21
N GLU D 170 -34.90 -27.51 23.38
CA GLU D 170 -33.98 -27.12 22.32
C GLU D 170 -32.73 -28.00 22.16
N GLY D 171 -31.79 -27.48 21.38
CA GLY D 171 -31.20 -28.19 20.27
C GLY D 171 -30.98 -27.10 19.23
N PHE D 172 -31.46 -25.91 19.60
CA PHE D 172 -31.30 -24.69 18.83
C PHE D 172 -31.56 -23.49 19.76
N LYS D 173 -30.68 -22.50 19.73
CA LYS D 173 -30.85 -21.31 20.57
C LYS D 173 -31.97 -20.42 20.01
N VAL D 174 -32.72 -19.78 20.90
CA VAL D 174 -33.86 -18.96 20.49
C VAL D 174 -33.67 -17.49 20.84
N VAL D 175 -33.98 -16.62 19.88
CA VAL D 175 -33.91 -15.18 20.11
C VAL D 175 -35.30 -14.55 19.99
N TYR D 176 -35.56 -13.58 20.84
CA TYR D 176 -36.86 -12.91 20.88
C TYR D 176 -36.76 -11.48 20.37
N GLY D 177 -37.41 -11.21 19.24
CA GLY D 177 -37.42 -9.87 18.66
C GLY D 177 -38.04 -9.78 17.27
N SER D 178 -38.33 -8.54 16.87
CA SER D 178 -38.87 -8.26 15.54
C SER D 178 -37.83 -8.61 14.47
N PRO D 179 -38.18 -9.55 13.58
CA PRO D 179 -37.26 -9.99 12.53
C PRO D 179 -37.08 -8.92 11.47
N THR D 180 -37.93 -7.90 11.49
CA THR D 180 -37.83 -6.81 10.54
C THR D 180 -37.00 -5.63 11.08
N ASP D 181 -37.04 -5.40 12.39
CA ASP D 181 -36.26 -4.36 13.04
C ASP D 181 -34.76 -4.58 12.75
N ALA D 182 -34.15 -3.63 12.04
CA ALA D 182 -32.76 -3.75 11.63
C ALA D 182 -31.81 -3.91 12.82
N HIS D 183 -32.07 -3.19 13.90
CA HIS D 183 -31.24 -3.29 15.11
C HIS D 183 -31.22 -4.70 15.65
N VAL D 184 -32.36 -5.38 15.54
CA VAL D 184 -32.48 -6.76 15.97
C VAL D 184 -31.57 -7.64 15.12
N LEU D 185 -31.69 -7.47 13.80
CA LEU D 185 -30.88 -8.24 12.86
C LEU D 185 -29.39 -7.95 13.03
N ALA D 186 -29.06 -6.77 13.55
CA ALA D 186 -27.66 -6.38 13.77
C ALA D 186 -27.08 -7.17 14.94
N GLY D 187 -27.91 -7.41 15.95
CA GLY D 187 -27.49 -8.16 17.10
C GLY D 187 -27.37 -9.64 16.79
N LEU D 188 -28.07 -10.07 15.74
CA LEU D 188 -28.03 -11.46 15.30
C LEU D 188 -26.82 -11.75 14.41
N ARG D 189 -25.96 -10.73 14.24
CA ARG D 189 -24.74 -10.87 13.45
C ARG D 189 -25.03 -11.47 12.07
N VAL D 190 -26.08 -10.98 11.43
CA VAL D 190 -26.53 -11.51 10.14
C VAL D 190 -25.44 -11.46 9.08
N ALA D 191 -24.48 -10.54 9.22
CA ALA D 191 -23.41 -10.39 8.25
C ALA D 191 -22.53 -11.63 8.25
N ALA D 192 -22.23 -12.12 9.46
CA ALA D 192 -21.36 -13.28 9.64
C ALA D 192 -22.11 -14.60 9.50
N ALA D 193 -23.39 -14.51 9.17
CA ALA D 193 -24.24 -15.69 9.04
C ALA D 193 -23.87 -16.55 7.83
N ARG D 194 -24.22 -17.82 7.90
CA ARG D 194 -23.94 -18.76 6.82
C ARG D 194 -25.12 -18.80 5.85
N SER D 195 -26.32 -18.64 6.38
CA SER D 195 -27.54 -18.69 5.58
C SER D 195 -28.77 -18.31 6.39
N ILE D 196 -29.75 -17.71 5.73
CA ILE D 196 -30.97 -17.25 6.40
C ILE D 196 -32.21 -17.86 5.76
N ILE D 197 -33.05 -18.48 6.59
CA ILE D 197 -34.30 -19.07 6.11
C ILE D 197 -35.53 -18.21 6.46
N ALA D 198 -36.07 -17.54 5.44
CA ALA D 198 -37.20 -16.65 5.60
C ALA D 198 -38.49 -17.40 5.38
N ASN D 199 -39.04 -17.94 6.46
CA ASN D 199 -40.27 -18.70 6.41
C ASN D 199 -41.39 -17.99 7.17
N LEU D 200 -41.66 -16.75 6.76
CA LEU D 200 -42.73 -15.94 7.31
C LEU D 200 -43.80 -15.73 6.25
N SER D 201 -44.71 -14.78 6.49
CA SER D 201 -45.68 -14.41 5.49
C SER D 201 -44.94 -13.73 4.34
N ASP D 202 -45.59 -13.64 3.20
CA ASP D 202 -44.94 -13.00 2.05
C ASP D 202 -44.54 -11.52 2.29
N PRO D 203 -45.44 -10.69 2.86
CA PRO D 203 -45.06 -9.32 3.23
C PRO D 203 -43.99 -9.21 4.31
N ASP D 204 -43.96 -10.17 5.22
CA ASP D 204 -42.92 -10.19 6.24
C ASP D 204 -41.61 -10.67 5.63
N ASN D 205 -41.70 -11.69 4.77
CA ASN D 205 -40.53 -12.17 4.04
C ASN D 205 -39.90 -11.05 3.21
N ALA D 206 -40.75 -10.26 2.57
CA ALA D 206 -40.30 -9.11 1.78
C ALA D 206 -39.59 -8.09 2.68
N ASN D 207 -40.23 -7.74 3.78
CA ASN D 207 -39.66 -6.86 4.78
C ASN D 207 -38.35 -7.43 5.27
N LEU D 208 -38.36 -8.73 5.57
CA LEU D 208 -37.15 -9.39 6.09
C LEU D 208 -35.92 -9.28 5.17
N CYS D 209 -36.14 -9.58 3.89
CA CYS D 209 -35.07 -9.52 2.89
C CYS D 209 -34.56 -8.12 2.67
N LEU D 210 -35.46 -7.18 2.42
CA LEU D 210 -35.07 -5.79 2.19
C LEU D 210 -34.23 -5.26 3.34
N THR D 211 -34.50 -5.77 4.52
CA THR D 211 -33.80 -5.33 5.71
C THR D 211 -32.43 -5.99 5.82
N VAL D 212 -32.33 -7.27 5.48
CA VAL D 212 -31.06 -7.98 5.51
C VAL D 212 -30.11 -7.49 4.40
N ARG D 213 -30.68 -7.23 3.23
CA ARG D 213 -29.92 -6.66 2.11
C ARG D 213 -29.41 -5.27 2.44
N SER D 214 -29.93 -4.69 3.53
CA SER D 214 -29.51 -3.37 3.97
C SER D 214 -28.32 -3.48 4.93
N LEU D 215 -28.13 -4.66 5.50
CA LEU D 215 -27.04 -4.87 6.46
C LEU D 215 -25.90 -5.70 5.88
N CYS D 216 -26.24 -6.66 5.02
CA CYS D 216 -25.23 -7.53 4.45
C CYS D 216 -25.75 -8.12 3.13
N GLN D 217 -25.12 -9.18 2.67
CA GLN D 217 -25.54 -9.85 1.44
C GLN D 217 -25.72 -11.35 1.65
N THR D 218 -25.69 -11.74 2.92
CA THR D 218 -25.91 -13.13 3.34
C THR D 218 -27.06 -13.83 2.61
N PRO D 219 -26.81 -15.05 2.10
CA PRO D 219 -27.79 -15.84 1.35
C PRO D 219 -29.08 -16.07 2.11
N ILE D 220 -30.20 -15.83 1.44
CA ILE D 220 -31.53 -15.94 2.03
C ILE D 220 -32.42 -16.86 1.23
N ILE D 221 -32.83 -17.98 1.84
CA ILE D 221 -33.76 -18.91 1.22
C ILE D 221 -35.17 -18.64 1.73
N ALA D 222 -35.98 -17.97 0.93
CA ALA D 222 -37.34 -17.63 1.34
C ALA D 222 -38.34 -18.71 0.93
N VAL D 223 -39.16 -19.18 1.87
CA VAL D 223 -40.25 -20.08 1.54
C VAL D 223 -41.51 -19.25 1.27
N VAL D 224 -41.89 -19.21 0.00
CA VAL D 224 -43.00 -18.38 -0.45
C VAL D 224 -44.31 -19.15 -0.45
N LYS D 225 -45.36 -18.51 0.06
CA LYS D 225 -46.65 -19.16 0.15
C LYS D 225 -47.30 -19.15 -1.22
N GLU D 226 -47.68 -17.97 -1.69
CA GLU D 226 -48.31 -17.85 -3.01
C GLU D 226 -47.26 -17.69 -4.10
N PRO D 227 -47.13 -18.70 -4.97
CA PRO D 227 -46.11 -18.83 -6.02
C PRO D 227 -45.95 -17.63 -6.94
N VAL D 228 -46.98 -16.79 -7.01
CA VAL D 228 -46.93 -15.60 -7.85
C VAL D 228 -45.97 -14.57 -7.24
N HIS D 229 -45.83 -14.64 -5.91
CA HIS D 229 -44.97 -13.71 -5.18
C HIS D 229 -43.51 -14.16 -5.25
N GLY D 230 -43.24 -15.13 -6.11
CA GLY D 230 -41.91 -15.72 -6.20
C GLY D 230 -40.86 -14.73 -6.69
N GLU D 231 -41.18 -14.03 -7.77
CA GLU D 231 -40.23 -13.09 -8.37
C GLU D 231 -40.14 -11.83 -7.53
N LEU D 232 -41.19 -11.58 -6.76
CA LEU D 232 -41.23 -10.43 -5.87
C LEU D 232 -40.29 -10.57 -4.68
N LEU D 233 -39.96 -11.81 -4.30
CA LEU D 233 -39.07 -12.06 -3.17
C LEU D 233 -37.60 -12.13 -3.58
N ARG D 234 -37.33 -12.65 -4.77
CA ARG D 234 -36.00 -12.56 -5.36
C ARG D 234 -35.73 -11.08 -5.47
N LEU D 235 -36.78 -10.32 -5.75
CA LEU D 235 -36.69 -8.87 -5.90
C LEU D 235 -36.37 -8.23 -4.55
N ALA D 236 -36.88 -8.82 -3.48
CA ALA D 236 -36.63 -8.29 -2.15
C ALA D 236 -35.21 -8.63 -1.69
N GLY D 237 -34.54 -9.50 -2.44
CA GLY D 237 -33.15 -9.83 -2.20
C GLY D 237 -32.86 -11.33 -2.17
N ALA D 238 -33.88 -12.11 -1.82
CA ALA D 238 -33.75 -13.55 -1.60
C ALA D 238 -33.00 -14.28 -2.72
N ASN D 239 -32.02 -15.09 -2.33
CA ASN D 239 -31.16 -15.73 -3.31
C ASN D 239 -31.85 -16.89 -3.99
N GLN D 240 -32.75 -17.51 -3.26
CA GLN D 240 -33.50 -18.63 -3.78
C GLN D 240 -34.89 -18.62 -3.17
N VAL D 241 -35.87 -19.03 -3.95
CA VAL D 241 -37.26 -19.00 -3.52
C VAL D 241 -37.88 -20.39 -3.65
N VAL D 242 -38.53 -20.87 -2.59
CA VAL D 242 -39.15 -22.19 -2.59
C VAL D 242 -40.67 -22.10 -2.36
N PRO D 243 -41.47 -22.36 -3.42
CA PRO D 243 -42.94 -22.31 -3.32
C PRO D 243 -43.53 -23.59 -2.75
N LEU D 244 -43.25 -23.88 -1.48
CA LEU D 244 -43.54 -25.17 -0.86
C LEU D 244 -45.00 -25.67 -0.99
N THR D 245 -45.96 -24.77 -0.84
CA THR D 245 -47.36 -25.14 -0.89
C THR D 245 -47.72 -25.68 -2.28
N ARG D 246 -47.23 -25.00 -3.32
CA ARG D 246 -47.48 -25.42 -4.70
C ARG D 246 -46.85 -26.77 -5.01
N ILE D 247 -45.66 -27.00 -4.49
CA ILE D 247 -44.92 -28.25 -4.69
C ILE D 247 -45.64 -29.45 -4.05
N LEU D 248 -46.10 -29.28 -2.82
CA LEU D 248 -46.79 -30.35 -2.13
C LEU D 248 -48.10 -30.70 -2.83
N GLY D 249 -48.74 -29.70 -3.43
CA GLY D 249 -49.92 -29.94 -4.23
C GLY D 249 -49.62 -30.80 -5.44
N ARG D 250 -48.49 -30.51 -6.07
CA ARG D 250 -48.01 -31.28 -7.20
C ARG D 250 -47.85 -32.73 -6.77
N TYR D 251 -47.07 -32.95 -5.72
CA TYR D 251 -46.78 -34.30 -5.25
C TYR D 251 -48.05 -35.11 -4.95
N LEU D 252 -49.12 -34.40 -4.60
CA LEU D 252 -50.43 -35.01 -4.35
C LEU D 252 -51.15 -35.38 -5.64
N GLY D 253 -51.14 -34.46 -6.60
CA GLY D 253 -51.79 -34.69 -7.88
C GLY D 253 -51.13 -35.80 -8.68
N ILE D 254 -49.82 -35.93 -8.55
CA ILE D 254 -49.08 -36.96 -9.27
C ILE D 254 -49.37 -38.32 -8.65
N ARG D 255 -49.53 -38.35 -7.34
CA ARG D 255 -49.75 -39.59 -6.60
C ARG D 255 -51.18 -40.12 -6.78
N ALA D 256 -52.09 -39.26 -7.19
CA ALA D 256 -53.50 -39.61 -7.29
C ALA D 256 -53.92 -40.18 -8.66
N THR D 257 -53.25 -39.74 -9.72
CA THR D 257 -53.45 -40.33 -11.04
C THR D 257 -52.61 -41.59 -11.12
N THR D 258 -51.29 -41.43 -11.03
CA THR D 258 -50.43 -42.60 -11.19
C THR D 258 -50.57 -43.54 -9.99
N ASP D 348 -63.21 -42.91 -17.44
CA ASP D 348 -63.97 -42.46 -16.30
C ASP D 348 -63.06 -42.16 -15.12
N GLU D 349 -62.20 -41.15 -15.27
CA GLU D 349 -61.35 -40.70 -14.16
C GLU D 349 -62.06 -39.56 -13.44
N LEU D 350 -61.99 -39.57 -12.11
CA LEU D 350 -62.65 -38.57 -11.29
C LEU D 350 -62.04 -38.54 -9.88
N ILE D 351 -61.31 -37.47 -9.58
CA ILE D 351 -60.57 -37.39 -8.31
C ILE D 351 -61.17 -36.42 -7.30
N PHE D 352 -61.59 -36.93 -6.14
CA PHE D 352 -62.02 -36.05 -5.07
C PHE D 352 -60.83 -35.44 -4.36
N ILE D 353 -60.82 -34.12 -4.25
CA ILE D 353 -59.81 -33.44 -3.45
C ILE D 353 -60.50 -32.82 -2.25
N ILE D 354 -60.36 -33.49 -1.11
CA ILE D 354 -60.98 -33.05 0.13
C ILE D 354 -60.06 -32.09 0.87
N GLY D 355 -60.34 -30.79 0.77
CA GLY D 355 -59.49 -29.79 1.38
C GLY D 355 -59.01 -28.78 0.37
N HIS D 356 -59.41 -27.52 0.56
CA HIS D 356 -59.12 -26.47 -0.40
C HIS D 356 -58.15 -25.45 0.19
N GLY D 357 -57.09 -25.95 0.82
CA GLY D 357 -56.03 -25.09 1.33
C GLY D 357 -55.25 -24.53 0.16
N ARG D 358 -54.03 -24.07 0.41
CA ARG D 358 -53.19 -23.64 -0.68
C ARG D 358 -52.70 -24.87 -1.43
N ILE D 359 -52.64 -26.00 -0.71
CA ILE D 359 -52.12 -27.24 -1.27
C ILE D 359 -53.16 -27.97 -2.11
N GLY D 360 -54.33 -28.21 -1.53
CA GLY D 360 -55.42 -28.84 -2.27
C GLY D 360 -55.80 -28.06 -3.50
N CYS D 361 -55.64 -26.74 -3.41
CA CYS D 361 -55.85 -25.82 -4.52
C CYS D 361 -54.71 -25.95 -5.52
N ALA D 362 -53.49 -26.12 -5.00
CA ALA D 362 -52.33 -26.33 -5.86
C ALA D 362 -52.45 -27.64 -6.59
N ALA D 363 -52.91 -28.66 -5.87
CA ALA D 363 -53.08 -29.99 -6.44
C ALA D 363 -54.15 -29.97 -7.51
N ALA D 364 -55.21 -29.19 -7.27
CA ALA D 364 -56.28 -29.05 -8.24
C ALA D 364 -55.83 -28.25 -9.46
N ALA D 365 -54.94 -27.29 -9.21
CA ALA D 365 -54.36 -26.54 -10.30
C ALA D 365 -53.45 -27.47 -11.13
N PHE D 366 -52.84 -28.45 -10.45
CA PHE D 366 -51.99 -29.43 -11.12
C PHE D 366 -52.78 -30.40 -11.99
N LEU D 367 -53.87 -30.94 -11.42
CA LEU D 367 -54.74 -31.88 -12.14
C LEU D 367 -55.48 -31.18 -13.25
N ASP D 368 -55.39 -29.86 -13.26
CA ASP D 368 -55.91 -29.06 -14.34
C ASP D 368 -54.92 -29.03 -15.50
N ARG D 369 -53.64 -28.87 -15.16
CA ARG D 369 -52.57 -28.73 -16.13
C ARG D 369 -52.51 -29.93 -17.07
N LYS D 370 -52.69 -31.12 -16.53
CA LYS D 370 -52.89 -32.31 -17.34
C LYS D 370 -54.30 -32.86 -17.12
N PRO D 371 -55.29 -32.27 -17.82
CA PRO D 371 -56.75 -32.43 -17.68
C PRO D 371 -57.27 -33.75 -17.08
N VAL D 372 -57.49 -33.76 -15.77
CA VAL D 372 -58.21 -34.83 -15.11
C VAL D 372 -59.29 -34.19 -14.24
N PRO D 373 -60.56 -34.55 -14.48
CA PRO D 373 -61.67 -33.92 -13.76
C PRO D 373 -61.73 -34.31 -12.28
N PHE D 374 -61.98 -33.32 -11.43
CA PHE D 374 -61.94 -33.51 -10.00
C PHE D 374 -63.05 -32.73 -9.31
N ILE D 375 -63.24 -33.02 -8.03
CA ILE D 375 -64.18 -32.27 -7.21
C ILE D 375 -63.48 -31.70 -5.97
N LEU D 376 -63.49 -30.39 -5.85
CA LEU D 376 -62.95 -29.74 -4.67
C LEU D 376 -64.02 -29.63 -3.59
N ILE D 377 -63.80 -30.30 -2.47
CA ILE D 377 -64.75 -30.24 -1.34
C ILE D 377 -64.14 -29.49 -0.16
N ASP D 378 -64.90 -28.56 0.42
CA ASP D 378 -64.43 -27.86 1.62
C ASP D 378 -65.59 -27.37 2.47
N ARG D 379 -65.31 -26.60 3.52
CA ARG D 379 -66.37 -26.08 4.38
C ARG D 379 -66.71 -24.62 4.08
N GLN D 380 -65.67 -23.78 4.08
CA GLN D 380 -65.85 -22.37 3.74
C GLN D 380 -65.14 -22.09 2.41
N GLU D 381 -65.38 -20.91 1.85
CA GLU D 381 -64.74 -20.56 0.59
C GLU D 381 -63.32 -20.09 0.83
N SER D 382 -62.44 -20.42 -0.10
CA SER D 382 -61.03 -20.06 0.01
C SER D 382 -60.85 -18.56 -0.06
N PRO D 383 -60.20 -17.98 0.95
CA PRO D 383 -59.92 -16.54 0.95
C PRO D 383 -58.95 -16.13 -0.15
N VAL D 384 -58.29 -17.11 -0.78
CA VAL D 384 -57.27 -16.80 -1.78
C VAL D 384 -57.67 -17.10 -3.23
N CYS D 385 -58.53 -18.11 -3.44
CA CYS D 385 -58.83 -18.55 -4.79
C CYS D 385 -60.21 -18.20 -5.30
N ASN D 386 -60.26 -17.54 -6.45
CA ASN D 386 -61.51 -17.22 -7.10
C ASN D 386 -61.66 -17.96 -8.44
N ASP D 387 -60.74 -18.88 -8.70
CA ASP D 387 -60.72 -19.58 -9.98
C ASP D 387 -61.04 -21.07 -9.85
N HIS D 388 -61.29 -21.54 -8.64
CA HIS D 388 -61.68 -22.93 -8.44
C HIS D 388 -63.10 -23.04 -7.89
N VAL D 389 -63.97 -23.76 -8.60
CA VAL D 389 -65.32 -24.01 -8.09
C VAL D 389 -65.26 -25.09 -7.01
N VAL D 390 -65.89 -24.83 -5.86
CA VAL D 390 -65.80 -25.72 -4.71
C VAL D 390 -67.17 -26.21 -4.31
N VAL D 391 -67.25 -27.50 -3.96
CA VAL D 391 -68.47 -28.05 -3.36
C VAL D 391 -68.38 -27.81 -1.87
N TYR D 392 -69.32 -27.02 -1.35
CA TYR D 392 -69.27 -26.61 0.05
C TYR D 392 -70.10 -27.54 0.94
N GLY D 393 -69.52 -27.95 2.06
CA GLY D 393 -70.19 -28.85 2.98
C GLY D 393 -69.20 -29.65 3.83
N ASP D 394 -69.55 -29.89 5.09
CA ASP D 394 -68.69 -30.61 6.01
C ASP D 394 -68.57 -32.08 5.61
N ALA D 395 -67.35 -32.53 5.34
CA ALA D 395 -67.12 -33.90 4.88
C ALA D 395 -67.22 -34.94 6.02
N THR D 396 -66.97 -34.48 7.25
CA THR D 396 -67.09 -35.33 8.44
C THR D 396 -68.54 -35.74 8.72
N VAL D 397 -69.47 -34.82 8.45
CA VAL D 397 -70.88 -35.03 8.76
C VAL D 397 -71.66 -35.77 7.67
N GLY D 398 -71.81 -37.08 7.84
CA GLY D 398 -72.72 -37.88 7.05
C GLY D 398 -72.54 -37.97 5.55
N GLN D 399 -73.67 -37.97 4.84
CA GLN D 399 -73.74 -38.27 3.41
C GLN D 399 -73.15 -37.19 2.50
N THR D 400 -72.25 -36.36 3.02
CA THR D 400 -71.72 -35.23 2.26
C THR D 400 -70.90 -35.68 1.06
N LEU D 401 -70.03 -36.67 1.28
CA LEU D 401 -69.19 -37.17 0.19
C LEU D 401 -70.00 -37.99 -0.81
N ARG D 402 -70.98 -38.74 -0.31
CA ARG D 402 -71.82 -39.56 -1.19
C ARG D 402 -72.81 -38.75 -2.00
N GLN D 403 -73.22 -37.58 -1.49
CA GLN D 403 -74.15 -36.72 -2.21
C GLN D 403 -73.44 -36.06 -3.38
N ALA D 404 -72.12 -35.93 -3.23
CA ALA D 404 -71.24 -35.46 -4.29
C ALA D 404 -70.91 -36.62 -5.23
N GLY D 405 -71.11 -37.83 -4.74
CA GLY D 405 -70.91 -39.03 -5.54
C GLY D 405 -69.50 -39.59 -5.46
N ILE D 406 -69.08 -39.94 -4.23
CA ILE D 406 -67.75 -40.49 -3.99
C ILE D 406 -67.65 -41.91 -4.57
N ASP D 407 -68.76 -42.35 -5.15
CA ASP D 407 -68.88 -43.70 -5.66
C ASP D 407 -68.24 -43.87 -7.05
N ARG D 408 -68.43 -42.88 -7.92
CA ARG D 408 -67.86 -42.94 -9.26
C ARG D 408 -66.48 -42.27 -9.32
N ALA D 409 -65.86 -42.14 -8.16
CA ALA D 409 -64.55 -41.51 -8.06
C ALA D 409 -63.43 -42.52 -8.24
N SER D 410 -62.35 -42.09 -8.89
CA SER D 410 -61.21 -42.97 -9.13
C SER D 410 -60.06 -42.63 -8.20
N GLY D 411 -60.26 -41.62 -7.37
CA GLY D 411 -59.22 -41.19 -6.46
C GLY D 411 -59.68 -40.16 -5.45
N ILE D 412 -59.25 -40.33 -4.21
CA ILE D 412 -59.49 -39.35 -3.18
C ILE D 412 -58.17 -38.78 -2.71
N ILE D 413 -58.03 -37.45 -2.76
CA ILE D 413 -56.88 -36.80 -2.18
C ILE D 413 -57.33 -36.13 -0.89
N VAL D 414 -56.90 -36.65 0.26
CA VAL D 414 -57.34 -36.02 1.50
C VAL D 414 -56.32 -35.00 2.01
N THR D 415 -56.69 -33.72 1.92
CA THR D 415 -55.80 -32.59 2.20
C THR D 415 -56.33 -31.59 3.25
N THR D 416 -56.47 -32.03 4.49
CA THR D 416 -56.87 -31.13 5.57
C THR D 416 -55.59 -30.70 6.26
N ASN D 417 -55.61 -29.57 6.95
CA ASN D 417 -54.45 -29.13 7.71
C ASN D 417 -54.41 -29.73 9.11
N ASP D 418 -55.35 -30.63 9.37
CA ASP D 418 -55.32 -31.44 10.59
C ASP D 418 -55.11 -32.91 10.26
N ASP D 419 -54.03 -33.49 10.78
CA ASP D 419 -53.70 -34.89 10.54
C ASP D 419 -54.75 -35.86 11.12
N SER D 420 -55.23 -35.58 12.32
CA SER D 420 -56.21 -36.42 12.97
C SER D 420 -57.47 -36.53 12.13
N THR D 421 -57.76 -35.46 11.38
CA THR D 421 -58.95 -35.45 10.55
C THR D 421 -58.67 -36.22 9.28
N ASN D 422 -57.51 -35.95 8.69
CA ASN D 422 -57.02 -36.69 7.55
C ASN D 422 -57.07 -38.20 7.76
N ILE D 423 -56.51 -38.62 8.89
CA ILE D 423 -56.58 -40.01 9.32
C ILE D 423 -58.02 -40.51 9.33
N PHE D 424 -58.91 -39.73 9.92
CA PHE D 424 -60.28 -40.14 10.12
C PHE D 424 -61.06 -40.19 8.81
N LEU D 425 -60.56 -39.49 7.80
CA LEU D 425 -61.19 -39.52 6.48
C LEU D 425 -60.67 -40.72 5.71
N THR D 426 -59.35 -40.78 5.61
CA THR D 426 -58.67 -41.93 5.03
C THR D 426 -59.23 -43.21 5.62
N LEU D 427 -59.46 -43.21 6.93
CA LEU D 427 -60.03 -44.36 7.60
C LEU D 427 -61.46 -44.55 7.12
N ALA D 428 -62.16 -43.46 6.87
CA ALA D 428 -63.58 -43.52 6.50
C ALA D 428 -63.75 -43.92 5.04
N CYS D 429 -62.88 -43.40 4.20
CA CYS D 429 -62.95 -43.70 2.78
C CYS D 429 -62.58 -45.14 2.51
N ARG D 430 -61.40 -45.55 2.99
CA ARG D 430 -60.90 -46.90 2.78
C ARG D 430 -61.88 -47.97 3.26
N HIS D 431 -62.59 -47.68 4.34
CA HIS D 431 -63.70 -48.52 4.80
C HIS D 431 -64.74 -48.56 3.69
N LEU D 432 -65.07 -47.40 3.14
CA LEU D 432 -66.16 -47.27 2.16
C LEU D 432 -65.79 -47.76 0.76
N HIS D 433 -64.49 -47.91 0.50
CA HIS D 433 -64.05 -48.28 -0.83
C HIS D 433 -62.62 -48.77 -0.79
N SER D 434 -62.46 -50.09 -0.82
CA SER D 434 -61.17 -50.70 -0.57
C SER D 434 -60.18 -50.54 -1.71
N HIS D 435 -60.67 -50.42 -2.94
CA HIS D 435 -59.78 -50.51 -4.09
C HIS D 435 -59.34 -49.16 -4.66
N ILE D 436 -59.93 -48.06 -4.20
CA ILE D 436 -59.63 -46.76 -4.82
C ILE D 436 -58.39 -46.07 -4.24
N ARG D 437 -57.67 -45.38 -5.11
CA ARG D 437 -56.42 -44.72 -4.77
C ARG D 437 -56.63 -43.55 -3.81
N ILE D 438 -56.17 -43.71 -2.57
CA ILE D 438 -56.28 -42.64 -1.57
C ILE D 438 -54.91 -42.04 -1.22
N VAL D 439 -54.73 -40.77 -1.58
CA VAL D 439 -53.52 -40.05 -1.24
C VAL D 439 -53.79 -39.05 -0.12
N ALA D 440 -53.07 -39.18 1.00
CA ALA D 440 -53.25 -38.26 2.11
C ALA D 440 -52.05 -37.35 2.30
N ARG D 441 -52.22 -36.36 3.16
CA ARG D 441 -51.18 -35.39 3.45
C ARG D 441 -50.91 -35.34 4.95
N ALA D 442 -49.64 -35.39 5.32
CA ALA D 442 -49.25 -35.42 6.72
C ALA D 442 -48.44 -34.19 7.10
N ASN D 443 -49.09 -33.24 7.76
CA ASN D 443 -48.44 -32.02 8.24
C ASN D 443 -47.27 -32.39 9.14
N GLY D 444 -47.58 -32.88 10.32
CA GLY D 444 -46.57 -33.41 11.21
C GLY D 444 -46.23 -34.82 10.78
N GLU D 445 -44.94 -35.13 10.73
CA GLU D 445 -44.48 -36.43 10.26
C GLU D 445 -44.66 -37.52 11.32
N GLU D 446 -45.20 -37.16 12.47
CA GLU D 446 -45.50 -38.14 13.50
C GLU D 446 -46.74 -38.94 13.12
N ASN D 447 -47.58 -38.37 12.25
CA ASN D 447 -48.83 -38.98 11.81
C ASN D 447 -48.77 -39.73 10.47
N VAL D 448 -47.61 -39.72 9.82
CA VAL D 448 -47.43 -40.40 8.53
C VAL D 448 -47.78 -41.88 8.58
N ASP D 449 -47.28 -42.57 9.61
CA ASP D 449 -47.47 -44.01 9.76
C ASP D 449 -48.94 -44.36 9.92
N GLN D 450 -49.69 -43.44 10.50
CA GLN D 450 -51.08 -43.67 10.82
C GLN D 450 -52.01 -43.47 9.62
N LEU D 451 -51.60 -42.62 8.68
CA LEU D 451 -52.37 -42.42 7.45
C LEU D 451 -52.26 -43.65 6.57
N TYR D 452 -51.06 -44.23 6.56
CA TYR D 452 -50.86 -45.51 5.90
C TYR D 452 -51.75 -46.54 6.57
N ALA D 453 -51.62 -46.66 7.89
CA ALA D 453 -52.38 -47.64 8.66
C ALA D 453 -53.88 -47.43 8.55
N ALA D 454 -54.31 -46.23 8.17
CA ALA D 454 -55.73 -45.97 7.95
C ALA D 454 -56.14 -46.49 6.58
N GLY D 455 -55.22 -46.38 5.61
CA GLY D 455 -55.43 -46.97 4.30
C GLY D 455 -54.86 -46.16 3.16
N ALA D 456 -54.08 -45.12 3.46
CA ALA D 456 -53.53 -44.27 2.42
C ALA D 456 -52.57 -45.06 1.53
N ASP D 457 -52.79 -45.00 0.22
CA ASP D 457 -51.91 -45.68 -0.71
C ASP D 457 -50.56 -44.99 -0.80
N PHE D 458 -50.56 -43.68 -0.59
CA PHE D 458 -49.31 -42.94 -0.43
C PHE D 458 -49.54 -41.75 0.49
N VAL D 459 -48.53 -41.41 1.28
CA VAL D 459 -48.65 -40.27 2.20
C VAL D 459 -47.59 -39.23 1.90
N VAL D 460 -47.99 -37.98 1.72
CA VAL D 460 -47.04 -36.89 1.50
C VAL D 460 -46.81 -36.09 2.78
N SER D 461 -45.70 -36.35 3.47
CA SER D 461 -45.35 -35.66 4.70
C SER D 461 -44.85 -34.25 4.40
N ASN D 462 -45.57 -33.25 4.89
CA ASN D 462 -45.16 -31.85 4.73
C ASN D 462 -43.76 -31.62 5.29
N ALA D 463 -43.61 -31.82 6.60
CA ALA D 463 -42.36 -31.59 7.31
C ALA D 463 -41.17 -32.24 6.61
N SER D 464 -41.36 -33.48 6.15
CA SER D 464 -40.31 -34.27 5.54
C SER D 464 -39.87 -33.73 4.19
N VAL D 465 -40.85 -33.45 3.32
CA VAL D 465 -40.59 -32.92 2.00
C VAL D 465 -40.01 -31.51 2.07
N GLY D 466 -40.47 -30.74 3.04
CA GLY D 466 -39.95 -29.41 3.26
C GLY D 466 -38.49 -29.41 3.67
N ALA D 467 -38.18 -30.11 4.75
CA ALA D 467 -36.82 -30.21 5.28
C ALA D 467 -35.83 -30.68 4.21
N ASN D 468 -36.24 -31.68 3.43
CA ASN D 468 -35.38 -32.26 2.40
C ASN D 468 -35.00 -31.26 1.32
N ILE D 469 -35.91 -30.34 1.01
CA ILE D 469 -35.65 -29.30 0.01
C ILE D 469 -34.71 -28.22 0.54
N LEU D 470 -35.07 -27.66 1.68
CA LEU D 470 -34.26 -26.65 2.36
C LEU D 470 -32.89 -27.22 2.71
N GLY D 471 -32.88 -28.41 3.30
CA GLY D 471 -31.65 -29.10 3.66
C GLY D 471 -30.70 -29.22 2.48
N ASN D 472 -31.22 -29.70 1.36
CA ASN D 472 -30.41 -29.82 0.16
C ASN D 472 -29.93 -28.46 -0.33
N LEU D 473 -30.83 -27.49 -0.33
CA LEU D 473 -30.48 -26.13 -0.73
C LEU D 473 -29.49 -25.45 0.23
N LEU D 474 -29.36 -26.02 1.43
CA LEU D 474 -28.49 -25.45 2.45
C LEU D 474 -27.05 -25.96 2.35
N GLU D 475 -26.88 -27.24 2.06
CA GLU D 475 -25.53 -27.80 1.95
C GLU D 475 -25.02 -27.84 0.51
N HIS D 476 -25.92 -27.60 -0.44
CA HIS D 476 -25.54 -27.40 -1.83
C HIS D 476 -25.25 -25.91 -2.06
N LYS D 477 -25.49 -25.09 -1.03
CA LYS D 477 -25.30 -23.64 -1.08
C LYS D 477 -23.83 -23.32 -1.08
N GLU D 478 -23.15 -24.26 -0.43
CA GLU D 478 -21.90 -24.10 0.29
C GLU D 478 -20.87 -24.90 -0.47
N SER D 479 -21.39 -25.87 -1.22
CA SER D 479 -20.57 -26.75 -2.03
C SER D 479 -21.37 -27.41 -3.15
#